data_7OLN
# 
_entry.id   7OLN 
# 
_audit_conform.dict_name       mmcif_pdbx.dic 
_audit_conform.dict_version    5.384 
_audit_conform.dict_location   http://mmcif.pdb.org/dictionaries/ascii/mmcif_pdbx.dic 
# 
loop_
_database_2.database_id 
_database_2.database_code 
_database_2.pdbx_database_accession 
_database_2.pdbx_DOI 
PDB   7OLN         pdb_00007oln 10.2210/pdb7oln/pdb 
WWPDB D_1292115974 ?            ?                   
# 
loop_
_pdbx_audit_revision_history.ordinal 
_pdbx_audit_revision_history.data_content_type 
_pdbx_audit_revision_history.major_revision 
_pdbx_audit_revision_history.minor_revision 
_pdbx_audit_revision_history.revision_date 
1 'Structure model' 1 0 2022-06-01 
2 'Structure model' 1 1 2024-01-31 
# 
_pdbx_audit_revision_details.ordinal             1 
_pdbx_audit_revision_details.revision_ordinal    1 
_pdbx_audit_revision_details.data_content_type   'Structure model' 
_pdbx_audit_revision_details.provider            repository 
_pdbx_audit_revision_details.type                'Initial release' 
_pdbx_audit_revision_details.description         ? 
_pdbx_audit_revision_details.details             ? 
# 
loop_
_pdbx_audit_revision_group.ordinal 
_pdbx_audit_revision_group.revision_ordinal 
_pdbx_audit_revision_group.data_content_type 
_pdbx_audit_revision_group.group 
1 2 'Structure model' 'Data collection'        
2 2 'Structure model' 'Derived calculations'   
3 2 'Structure model' 'Refinement description' 
# 
loop_
_pdbx_audit_revision_category.ordinal 
_pdbx_audit_revision_category.revision_ordinal 
_pdbx_audit_revision_category.data_content_type 
_pdbx_audit_revision_category.category 
1 2 'Structure model' atom_type                     
2 2 'Structure model' chem_comp_atom                
3 2 'Structure model' chem_comp_bond                
4 2 'Structure model' pdbx_initial_refinement_model 
# 
loop_
_pdbx_audit_revision_item.ordinal 
_pdbx_audit_revision_item.revision_ordinal 
_pdbx_audit_revision_item.data_content_type 
_pdbx_audit_revision_item.item 
1 2 'Structure model' '_atom_type.pdbx_N_electrons' 
2 2 'Structure model' '_atom_type.pdbx_scat_Z'      
# 
_pdbx_database_status.status_code                     REL 
_pdbx_database_status.status_code_sf                  REL 
_pdbx_database_status.status_code_mr                  ? 
_pdbx_database_status.entry_id                        7OLN 
_pdbx_database_status.recvd_initial_deposition_date   2021-05-20 
_pdbx_database_status.SG_entry                        N 
_pdbx_database_status.deposit_site                    PDBE 
_pdbx_database_status.process_site                    PDBE 
_pdbx_database_status.status_code_cs                  ? 
_pdbx_database_status.status_code_nmr_data            ? 
_pdbx_database_status.methods_development_category    ? 
_pdbx_database_status.pdb_format_compatible           N 
# 
loop_
_pdbx_database_related.db_name 
_pdbx_database_related.details 
_pdbx_database_related.db_id 
_pdbx_database_related.content_type 
PDB 'apo protein'                           7BFY unspecified 
PDB 'different ligand'                      6TID unspecified 
PDB 'different ligand'                      6TIG unspecified 
PDB 'different construct, different ligand' 2WQ4 unspecified 
# 
loop_
_audit_author.name 
_audit_author.pdbx_ordinal 
_audit_author.identifier_ORCID 
'Bermeo, R.' 1 0000-0002-4451-878X 
'Varrot, A.' 2 0000-0001-6667-8162 
# 
_citation.abstract                  ? 
_citation.abstract_id_CAS           ? 
_citation.book_id_ISBN              ? 
_citation.book_publisher            ? 
_citation.book_publisher_city       ? 
_citation.book_title                ? 
_citation.coordinate_linkage        ? 
_citation.country                   ? 
_citation.database_id_Medline       ? 
_citation.details                   ? 
_citation.id                        primary 
_citation.journal_abbrev            'To Be Published' 
_citation.journal_id_ASTM           ? 
_citation.journal_id_CSD            0353 
_citation.journal_id_ISSN           ? 
_citation.journal_full              ? 
_citation.journal_issue             ? 
_citation.journal_volume            ? 
_citation.language                  ? 
_citation.page_first                ? 
_citation.page_last                 ? 
_citation.title                     'Structure of the N-terminal domain of BC2L-C lectin (1-131) in complex with Lewis y antigen' 
_citation.year                      ? 
_citation.database_id_CSD           ? 
_citation.pdbx_database_id_DOI      ? 
_citation.pdbx_database_id_PubMed   ? 
_citation.pdbx_database_id_patent   ? 
_citation.unpublished_flag          ? 
# 
loop_
_citation_author.citation_id 
_citation_author.name 
_citation_author.ordinal 
_citation_author.identifier_ORCID 
primary 'Bermeo, R.' 1 0000-0002-4451-878X 
primary 'Varrot, A.' 2 0000-0001-6667-8162 
# 
loop_
_entity.id 
_entity.type 
_entity.src_method 
_entity.pdbx_description 
_entity.formula_weight 
_entity.pdbx_number_of_molecules 
_entity.pdbx_ec 
_entity.pdbx_mutation 
_entity.pdbx_fragment 
_entity.details 
1 polymer  man Lectin 14010.936 1  ? ? ? ? 
2 branched man 
;alpha-L-fucopyranose-(1-2)-beta-D-galactopyranose-(1-4)-[alpha-L-fucopyranose-(1-3)]2-acetamido-2-deoxy-beta-D-glucopyranose-(1-3)-beta-D-galactopyranose
;
837.771   1  ? ? ? ? 
3 water    nat water 18.015    97 ? ? ? ? 
# 
_entity_poly.entity_id                      1 
_entity_poly.type                           'polypeptide(L)' 
_entity_poly.nstd_linkage                   no 
_entity_poly.nstd_monomer                   no 
_entity_poly.pdbx_seq_one_letter_code       
;GHMPLLSASIVSAPVVTSETYVDIPGLYLDVAKAGIRDGKLQVILNVPTPYATGNNFPGIYFAIATNQGVVADGCFTYSS
KVPESTGRMPFTLVATIDVGSGVTFVKGQWKSVRGSAMHIDSYASLSAIWGTAA
;
_entity_poly.pdbx_seq_one_letter_code_can   
;GHMPLLSASIVSAPVVTSETYVDIPGLYLDVAKAGIRDGKLQVILNVPTPYATGNNFPGIYFAIATNQGVVADGCFTYSS
KVPESTGRMPFTLVATIDVGSGVTFVKGQWKSVRGSAMHIDSYASLSAIWGTAA
;
_entity_poly.pdbx_strand_id                 AAA 
_entity_poly.pdbx_target_identifier         ? 
# 
_pdbx_entity_nonpoly.entity_id   3 
_pdbx_entity_nonpoly.name        water 
_pdbx_entity_nonpoly.comp_id     HOH 
# 
loop_
_entity_poly_seq.entity_id 
_entity_poly_seq.num 
_entity_poly_seq.mon_id 
_entity_poly_seq.hetero 
1 1   GLY n 
1 2   HIS n 
1 3   MET n 
1 4   PRO n 
1 5   LEU n 
1 6   LEU n 
1 7   SER n 
1 8   ALA n 
1 9   SER n 
1 10  ILE n 
1 11  VAL n 
1 12  SER n 
1 13  ALA n 
1 14  PRO n 
1 15  VAL n 
1 16  VAL n 
1 17  THR n 
1 18  SER n 
1 19  GLU n 
1 20  THR n 
1 21  TYR n 
1 22  VAL n 
1 23  ASP n 
1 24  ILE n 
1 25  PRO n 
1 26  GLY n 
1 27  LEU n 
1 28  TYR n 
1 29  LEU n 
1 30  ASP n 
1 31  VAL n 
1 32  ALA n 
1 33  LYS n 
1 34  ALA n 
1 35  GLY n 
1 36  ILE n 
1 37  ARG n 
1 38  ASP n 
1 39  GLY n 
1 40  LYS n 
1 41  LEU n 
1 42  GLN n 
1 43  VAL n 
1 44  ILE n 
1 45  LEU n 
1 46  ASN n 
1 47  VAL n 
1 48  PRO n 
1 49  THR n 
1 50  PRO n 
1 51  TYR n 
1 52  ALA n 
1 53  THR n 
1 54  GLY n 
1 55  ASN n 
1 56  ASN n 
1 57  PHE n 
1 58  PRO n 
1 59  GLY n 
1 60  ILE n 
1 61  TYR n 
1 62  PHE n 
1 63  ALA n 
1 64  ILE n 
1 65  ALA n 
1 66  THR n 
1 67  ASN n 
1 68  GLN n 
1 69  GLY n 
1 70  VAL n 
1 71  VAL n 
1 72  ALA n 
1 73  ASP n 
1 74  GLY n 
1 75  CYS n 
1 76  PHE n 
1 77  THR n 
1 78  TYR n 
1 79  SER n 
1 80  SER n 
1 81  LYS n 
1 82  VAL n 
1 83  PRO n 
1 84  GLU n 
1 85  SER n 
1 86  THR n 
1 87  GLY n 
1 88  ARG n 
1 89  MET n 
1 90  PRO n 
1 91  PHE n 
1 92  THR n 
1 93  LEU n 
1 94  VAL n 
1 95  ALA n 
1 96  THR n 
1 97  ILE n 
1 98  ASP n 
1 99  VAL n 
1 100 GLY n 
1 101 SER n 
1 102 GLY n 
1 103 VAL n 
1 104 THR n 
1 105 PHE n 
1 106 VAL n 
1 107 LYS n 
1 108 GLY n 
1 109 GLN n 
1 110 TRP n 
1 111 LYS n 
1 112 SER n 
1 113 VAL n 
1 114 ARG n 
1 115 GLY n 
1 116 SER n 
1 117 ALA n 
1 118 MET n 
1 119 HIS n 
1 120 ILE n 
1 121 ASP n 
1 122 SER n 
1 123 TYR n 
1 124 ALA n 
1 125 SER n 
1 126 LEU n 
1 127 SER n 
1 128 ALA n 
1 129 ILE n 
1 130 TRP n 
1 131 GLY n 
1 132 THR n 
1 133 ALA n 
1 134 ALA n 
# 
_entity_src_gen.entity_id                          1 
_entity_src_gen.pdbx_src_id                        1 
_entity_src_gen.pdbx_alt_source_flag               sample 
_entity_src_gen.pdbx_seq_type                      'Biological sequence' 
_entity_src_gen.pdbx_beg_seq_num                   1 
_entity_src_gen.pdbx_end_seq_num                   134 
_entity_src_gen.gene_src_common_name               ? 
_entity_src_gen.gene_src_genus                     ? 
_entity_src_gen.pdbx_gene_src_gene                 BCAM0185 
_entity_src_gen.gene_src_species                   ? 
_entity_src_gen.gene_src_strain                    'ATCC BAA-245 / DSM 16553 / LMG 16656 / NCTC 13227 / J2315 / CF5610' 
_entity_src_gen.gene_src_tissue                    ? 
_entity_src_gen.gene_src_tissue_fraction           ? 
_entity_src_gen.gene_src_details                   ? 
_entity_src_gen.pdbx_gene_src_fragment             ? 
_entity_src_gen.pdbx_gene_src_scientific_name      
'Burkholderia cenocepacia (strain ATCC BAA-245 / DSM 16553 / LMG 16656 / NCTC 13227 / J2315 / CF5610)' 
_entity_src_gen.pdbx_gene_src_ncbi_taxonomy_id     216591 
_entity_src_gen.pdbx_gene_src_variant              ? 
_entity_src_gen.pdbx_gene_src_cell_line            ? 
_entity_src_gen.pdbx_gene_src_atcc                 ? 
_entity_src_gen.pdbx_gene_src_organ                ? 
_entity_src_gen.pdbx_gene_src_organelle            ? 
_entity_src_gen.pdbx_gene_src_cell                 ? 
_entity_src_gen.pdbx_gene_src_cellular_location    ? 
_entity_src_gen.host_org_common_name               ? 
_entity_src_gen.pdbx_host_org_scientific_name      'Escherichia coli BL21(DE3)' 
_entity_src_gen.pdbx_host_org_ncbi_taxonomy_id     469008 
_entity_src_gen.host_org_genus                     ? 
_entity_src_gen.pdbx_host_org_gene                 ? 
_entity_src_gen.pdbx_host_org_organ                ? 
_entity_src_gen.host_org_species                   ? 
_entity_src_gen.pdbx_host_org_tissue               ? 
_entity_src_gen.pdbx_host_org_tissue_fraction      ? 
_entity_src_gen.pdbx_host_org_strain               ? 
_entity_src_gen.pdbx_host_org_variant              ? 
_entity_src_gen.pdbx_host_org_cell_line            ? 
_entity_src_gen.pdbx_host_org_atcc                 ? 
_entity_src_gen.pdbx_host_org_culture_collection   ? 
_entity_src_gen.pdbx_host_org_cell                 ? 
_entity_src_gen.pdbx_host_org_organelle            ? 
_entity_src_gen.pdbx_host_org_cellular_location    ? 
_entity_src_gen.pdbx_host_org_vector_type          ? 
_entity_src_gen.pdbx_host_org_vector               ? 
_entity_src_gen.host_org_details                   ? 
_entity_src_gen.expression_system_id               ? 
_entity_src_gen.plasmid_name                       ? 
_entity_src_gen.plasmid_details                    ? 
_entity_src_gen.pdbx_description                   ? 
# 
_pdbx_entity_branch.entity_id   2 
_pdbx_entity_branch.type        oligosaccharide 
# 
loop_
_pdbx_entity_branch_descriptor.ordinal 
_pdbx_entity_branch_descriptor.entity_id 
_pdbx_entity_branch_descriptor.descriptor 
_pdbx_entity_branch_descriptor.type 
_pdbx_entity_branch_descriptor.program 
_pdbx_entity_branch_descriptor.program_version 
1 2 'LFucpa1-2DGalpb1-4[LFucpa1-3]DGlcpNAcb1-3DGalpb1-ROH'                                                      
'Glycam Condensed Sequence' GMML       1.0   
2 2 'WURCS=2.0/3,5,4/[a2112h-1b_1-5][a2122h-1b_1-5_2*NCC/3=O][a1221m-1a_1-5]/1-2-3-1-3/a3-b1_b3-c1_b4-d1_d2-e1' WURCS PDB2Glycan 
1.1.0 
3 2 '[][b-D-Galp]{[(3+1)][b-D-GlcpNAc]{[(3+1)][a-L-Fucp]{}[(4+1)][b-D-Galp]{[(2+1)][a-L-Fucp]{}}}}'             LINUCS PDB-CARE   
?     
# 
loop_
_pdbx_entity_branch_link.link_id 
_pdbx_entity_branch_link.entity_id 
_pdbx_entity_branch_link.entity_branch_list_num_1 
_pdbx_entity_branch_link.comp_id_1 
_pdbx_entity_branch_link.atom_id_1 
_pdbx_entity_branch_link.leaving_atom_id_1 
_pdbx_entity_branch_link.entity_branch_list_num_2 
_pdbx_entity_branch_link.comp_id_2 
_pdbx_entity_branch_link.atom_id_2 
_pdbx_entity_branch_link.leaving_atom_id_2 
_pdbx_entity_branch_link.value_order 
_pdbx_entity_branch_link.details 
1 2 2 NAG C1 O1 1 GAL O3 HO3 sing ? 
2 2 3 GAL C1 O1 2 NAG O4 HO4 sing ? 
3 2 4 FUC C1 O1 3 GAL O2 HO2 sing ? 
4 2 5 FUC C1 O1 2 NAG O3 HO3 sing ? 
# 
loop_
_chem_comp.id 
_chem_comp.type 
_chem_comp.mon_nstd_flag 
_chem_comp.name 
_chem_comp.pdbx_synonyms 
_chem_comp.formula 
_chem_comp.formula_weight 
ALA 'L-peptide linking'           y ALANINE                                  ? 'C3 H7 N O2'     89.093  
ARG 'L-peptide linking'           y ARGININE                                 ? 'C6 H15 N4 O2 1' 175.209 
ASN 'L-peptide linking'           y ASPARAGINE                               ? 'C4 H8 N2 O3'    132.118 
ASP 'L-peptide linking'           y 'ASPARTIC ACID'                          ? 'C4 H7 N O4'     133.103 
CYS 'L-peptide linking'           y CYSTEINE                                 ? 'C3 H7 N O2 S'   121.158 
FUC 'L-saccharide, alpha linking' . alpha-L-fucopyranose                     
'alpha-L-fucose; 6-deoxy-alpha-L-galactopyranose; L-fucose; fucose' 'C6 H12 O5'      164.156 
GAL 'D-saccharide, beta linking'  . beta-D-galactopyranose                   'beta-D-galactose; D-galactose; galactose' 
'C6 H12 O6'      180.156 
GLN 'L-peptide linking'           y GLUTAMINE                                ? 'C5 H10 N2 O3'   146.144 
GLU 'L-peptide linking'           y 'GLUTAMIC ACID'                          ? 'C5 H9 N O4'     147.129 
GLY 'peptide linking'             y GLYCINE                                  ? 'C2 H5 N O2'     75.067  
HIS 'L-peptide linking'           y HISTIDINE                                ? 'C6 H10 N3 O2 1' 156.162 
HOH non-polymer                   . WATER                                    ? 'H2 O'           18.015  
ILE 'L-peptide linking'           y ISOLEUCINE                               ? 'C6 H13 N O2'    131.173 
LEU 'L-peptide linking'           y LEUCINE                                  ? 'C6 H13 N O2'    131.173 
LYS 'L-peptide linking'           y LYSINE                                   ? 'C6 H15 N2 O2 1' 147.195 
MET 'L-peptide linking'           y METHIONINE                               ? 'C5 H11 N O2 S'  149.211 
NAG 'D-saccharide, beta linking'  . 2-acetamido-2-deoxy-beta-D-glucopyranose 
;N-acetyl-beta-D-glucosamine; 2-acetamido-2-deoxy-beta-D-glucose; 2-acetamido-2-deoxy-D-glucose; 2-acetamido-2-deoxy-glucose; N-ACETYL-D-GLUCOSAMINE
;
'C8 H15 N O6'    221.208 
PHE 'L-peptide linking'           y PHENYLALANINE                            ? 'C9 H11 N O2'    165.189 
PRO 'L-peptide linking'           y PROLINE                                  ? 'C5 H9 N O2'     115.130 
SER 'L-peptide linking'           y SERINE                                   ? 'C3 H7 N O3'     105.093 
THR 'L-peptide linking'           y THREONINE                                ? 'C4 H9 N O3'     119.119 
TRP 'L-peptide linking'           y TRYPTOPHAN                               ? 'C11 H12 N2 O2'  204.225 
TYR 'L-peptide linking'           y TYROSINE                                 ? 'C9 H11 N O3'    181.189 
VAL 'L-peptide linking'           y VALINE                                   ? 'C5 H11 N O2'    117.146 
# 
loop_
_pdbx_chem_comp_identifier.comp_id 
_pdbx_chem_comp_identifier.type 
_pdbx_chem_comp_identifier.program 
_pdbx_chem_comp_identifier.program_version 
_pdbx_chem_comp_identifier.identifier 
FUC 'CONDENSED IUPAC CARBOHYDRATE SYMBOL' GMML     1.0 LFucpa                         
FUC 'COMMON NAME'                         GMML     1.0 a-L-fucopyranose               
FUC 'IUPAC CARBOHYDRATE SYMBOL'           PDB-CARE 1.0 a-L-Fucp                       
FUC 'SNFG CARBOHYDRATE SYMBOL'            GMML     1.0 Fuc                            
GAL 'CONDENSED IUPAC CARBOHYDRATE SYMBOL' GMML     1.0 DGalpb                         
GAL 'COMMON NAME'                         GMML     1.0 b-D-galactopyranose            
GAL 'IUPAC CARBOHYDRATE SYMBOL'           PDB-CARE 1.0 b-D-Galp                       
GAL 'SNFG CARBOHYDRATE SYMBOL'            GMML     1.0 Gal                            
NAG 'CONDENSED IUPAC CARBOHYDRATE SYMBOL' GMML     1.0 DGlcpNAcb                      
NAG 'COMMON NAME'                         GMML     1.0 N-acetyl-b-D-glucopyranosamine 
NAG 'IUPAC CARBOHYDRATE SYMBOL'           PDB-CARE 1.0 b-D-GlcpNAc                    
NAG 'SNFG CARBOHYDRATE SYMBOL'            GMML     1.0 GlcNAc                         
# 
loop_
_pdbx_poly_seq_scheme.asym_id 
_pdbx_poly_seq_scheme.entity_id 
_pdbx_poly_seq_scheme.seq_id 
_pdbx_poly_seq_scheme.mon_id 
_pdbx_poly_seq_scheme.ndb_seq_num 
_pdbx_poly_seq_scheme.pdb_seq_num 
_pdbx_poly_seq_scheme.auth_seq_num 
_pdbx_poly_seq_scheme.pdb_mon_id 
_pdbx_poly_seq_scheme.auth_mon_id 
_pdbx_poly_seq_scheme.pdb_strand_id 
_pdbx_poly_seq_scheme.pdb_ins_code 
_pdbx_poly_seq_scheme.hetero 
A 1 1   GLY 1   -2  -2  GLY GLY AAA . n 
A 1 2   HIS 2   -1  -1  HIS HIS AAA . n 
A 1 3   MET 3   0   0   MET MET AAA . n 
A 1 4   PRO 4   1   1   PRO PRO AAA . n 
A 1 5   LEU 5   2   2   LEU LEU AAA . n 
A 1 6   LEU 6   3   3   LEU LEU AAA . n 
A 1 7   SER 7   4   4   SER SER AAA . n 
A 1 8   ALA 8   5   5   ALA ALA AAA . n 
A 1 9   SER 9   6   6   SER SER AAA . n 
A 1 10  ILE 10  7   7   ILE ILE AAA . n 
A 1 11  VAL 11  8   8   VAL VAL AAA . n 
A 1 12  SER 12  9   9   SER SER AAA . n 
A 1 13  ALA 13  10  10  ALA ALA AAA . n 
A 1 14  PRO 14  11  11  PRO PRO AAA . n 
A 1 15  VAL 15  12  12  VAL VAL AAA . n 
A 1 16  VAL 16  13  13  VAL VAL AAA . n 
A 1 17  THR 17  14  14  THR THR AAA . n 
A 1 18  SER 18  15  15  SER SER AAA . n 
A 1 19  GLU 19  16  16  GLU GLU AAA . n 
A 1 20  THR 20  17  17  THR THR AAA . n 
A 1 21  TYR 21  18  18  TYR TYR AAA . n 
A 1 22  VAL 22  19  19  VAL VAL AAA . n 
A 1 23  ASP 23  20  20  ASP ASP AAA . n 
A 1 24  ILE 24  21  21  ILE ILE AAA . n 
A 1 25  PRO 25  22  22  PRO PRO AAA . n 
A 1 26  GLY 26  23  23  GLY GLY AAA . n 
A 1 27  LEU 27  24  24  LEU LEU AAA . n 
A 1 28  TYR 28  25  25  TYR TYR AAA . n 
A 1 29  LEU 29  26  26  LEU LEU AAA . n 
A 1 30  ASP 30  27  27  ASP ASP AAA . n 
A 1 31  VAL 31  28  28  VAL VAL AAA . n 
A 1 32  ALA 32  29  29  ALA ALA AAA . n 
A 1 33  LYS 33  30  30  LYS LYS AAA . n 
A 1 34  ALA 34  31  31  ALA ALA AAA . n 
A 1 35  GLY 35  32  32  GLY GLY AAA . n 
A 1 36  ILE 36  33  33  ILE ILE AAA . n 
A 1 37  ARG 37  34  34  ARG ARG AAA . n 
A 1 38  ASP 38  35  35  ASP ASP AAA . n 
A 1 39  GLY 39  36  36  GLY GLY AAA . n 
A 1 40  LYS 40  37  37  LYS LYS AAA . n 
A 1 41  LEU 41  38  38  LEU LEU AAA . n 
A 1 42  GLN 42  39  39  GLN GLN AAA . n 
A 1 43  VAL 43  40  40  VAL VAL AAA . n 
A 1 44  ILE 44  41  41  ILE ILE AAA . n 
A 1 45  LEU 45  42  42  LEU LEU AAA . n 
A 1 46  ASN 46  43  43  ASN ASN AAA . n 
A 1 47  VAL 47  44  44  VAL VAL AAA . n 
A 1 48  PRO 48  45  45  PRO PRO AAA . n 
A 1 49  THR 49  46  46  THR THR AAA . n 
A 1 50  PRO 50  47  47  PRO PRO AAA . n 
A 1 51  TYR 51  48  48  TYR TYR AAA . n 
A 1 52  ALA 52  49  49  ALA ALA AAA . n 
A 1 53  THR 53  50  50  THR THR AAA . n 
A 1 54  GLY 54  51  51  GLY GLY AAA . n 
A 1 55  ASN 55  52  52  ASN ASN AAA . n 
A 1 56  ASN 56  53  53  ASN ASN AAA . n 
A 1 57  PHE 57  54  54  PHE PHE AAA . n 
A 1 58  PRO 58  55  55  PRO PRO AAA . n 
A 1 59  GLY 59  56  56  GLY GLY AAA . n 
A 1 60  ILE 60  57  57  ILE ILE AAA . n 
A 1 61  TYR 61  58  58  TYR TYR AAA . n 
A 1 62  PHE 62  59  59  PHE PHE AAA . n 
A 1 63  ALA 63  60  60  ALA ALA AAA . n 
A 1 64  ILE 64  61  61  ILE ILE AAA . n 
A 1 65  ALA 65  62  62  ALA ALA AAA . n 
A 1 66  THR 66  63  63  THR THR AAA . n 
A 1 67  ASN 67  64  64  ASN ASN AAA . n 
A 1 68  GLN 68  65  65  GLN GLN AAA . n 
A 1 69  GLY 69  66  66  GLY GLY AAA . n 
A 1 70  VAL 70  67  67  VAL VAL AAA . n 
A 1 71  VAL 71  68  68  VAL VAL AAA . n 
A 1 72  ALA 72  69  69  ALA ALA AAA . n 
A 1 73  ASP 73  70  70  ASP ASP AAA . n 
A 1 74  GLY 74  71  71  GLY GLY AAA . n 
A 1 75  CYS 75  72  72  CYS CYS AAA . n 
A 1 76  PHE 76  73  73  PHE PHE AAA . n 
A 1 77  THR 77  74  74  THR THR AAA . n 
A 1 78  TYR 78  75  75  TYR TYR AAA . n 
A 1 79  SER 79  76  76  SER SER AAA . n 
A 1 80  SER 80  77  77  SER SER AAA . n 
A 1 81  LYS 81  78  78  LYS LYS AAA . n 
A 1 82  VAL 82  79  79  VAL VAL AAA . n 
A 1 83  PRO 83  80  80  PRO PRO AAA . n 
A 1 84  GLU 84  81  81  GLU GLU AAA . n 
A 1 85  SER 85  82  82  SER SER AAA . n 
A 1 86  THR 86  83  83  THR THR AAA . n 
A 1 87  GLY 87  84  84  GLY GLY AAA . n 
A 1 88  ARG 88  85  85  ARG ARG AAA . n 
A 1 89  MET 89  86  86  MET MET AAA . n 
A 1 90  PRO 90  87  87  PRO PRO AAA . n 
A 1 91  PHE 91  88  88  PHE PHE AAA . n 
A 1 92  THR 92  89  89  THR THR AAA . n 
A 1 93  LEU 93  90  90  LEU LEU AAA . n 
A 1 94  VAL 94  91  91  VAL VAL AAA . n 
A 1 95  ALA 95  92  92  ALA ALA AAA . n 
A 1 96  THR 96  93  93  THR THR AAA . n 
A 1 97  ILE 97  94  94  ILE ILE AAA . n 
A 1 98  ASP 98  95  95  ASP ASP AAA . n 
A 1 99  VAL 99  96  96  VAL VAL AAA . n 
A 1 100 GLY 100 97  97  GLY GLY AAA . n 
A 1 101 SER 101 98  98  SER SER AAA . n 
A 1 102 GLY 102 99  99  GLY GLY AAA . n 
A 1 103 VAL 103 100 100 VAL VAL AAA . n 
A 1 104 THR 104 101 101 THR THR AAA . n 
A 1 105 PHE 105 102 102 PHE PHE AAA . n 
A 1 106 VAL 106 103 103 VAL VAL AAA . n 
A 1 107 LYS 107 104 104 LYS LYS AAA . n 
A 1 108 GLY 108 105 105 GLY GLY AAA . n 
A 1 109 GLN 109 106 106 GLN GLN AAA . n 
A 1 110 TRP 110 107 107 TRP TRP AAA . n 
A 1 111 LYS 111 108 108 LYS LYS AAA . n 
A 1 112 SER 112 109 109 SER SER AAA . n 
A 1 113 VAL 113 110 110 VAL VAL AAA . n 
A 1 114 ARG 114 111 111 ARG ARG AAA . n 
A 1 115 GLY 115 112 112 GLY GLY AAA . n 
A 1 116 SER 116 113 113 SER SER AAA . n 
A 1 117 ALA 117 114 114 ALA ALA AAA . n 
A 1 118 MET 118 115 115 MET MET AAA . n 
A 1 119 HIS 119 116 116 HIS HIS AAA . n 
A 1 120 ILE 120 117 117 ILE ILE AAA . n 
A 1 121 ASP 121 118 118 ASP ASP AAA . n 
A 1 122 SER 122 119 119 SER SER AAA . n 
A 1 123 TYR 123 120 120 TYR TYR AAA . n 
A 1 124 ALA 124 121 121 ALA ALA AAA . n 
A 1 125 SER 125 122 122 SER SER AAA . n 
A 1 126 LEU 126 123 123 LEU LEU AAA . n 
A 1 127 SER 127 124 124 SER SER AAA . n 
A 1 128 ALA 128 125 125 ALA ALA AAA . n 
A 1 129 ILE 129 126 126 ILE ILE AAA . n 
A 1 130 TRP 130 127 127 TRP TRP AAA . n 
A 1 131 GLY 131 128 128 GLY GLY AAA . n 
A 1 132 THR 132 129 129 THR THR AAA . n 
A 1 133 ALA 133 130 130 ALA ALA AAA . n 
A 1 134 ALA 134 131 131 ALA ALA AAA . n 
# 
loop_
_pdbx_branch_scheme.asym_id 
_pdbx_branch_scheme.entity_id 
_pdbx_branch_scheme.mon_id 
_pdbx_branch_scheme.num 
_pdbx_branch_scheme.pdb_asym_id 
_pdbx_branch_scheme.pdb_mon_id 
_pdbx_branch_scheme.pdb_seq_num 
_pdbx_branch_scheme.auth_asym_id 
_pdbx_branch_scheme.auth_mon_id 
_pdbx_branch_scheme.auth_seq_num 
_pdbx_branch_scheme.hetero 
B 2 GAL 1 AaA GAL 1 AeA GAL 205 n 
B 2 NAG 2 AaA NAG 2 AcA NAG 203 n 
B 2 GAL 3 AaA GAL 3 AbA GAL 202 n 
B 2 FUC 4 AaA FUC 4 AaA FUC 201 n 
B 2 FUC 5 AaA FUC 5 AdA FUC 204 n 
# 
loop_
_pdbx_nonpoly_scheme.asym_id 
_pdbx_nonpoly_scheme.entity_id 
_pdbx_nonpoly_scheme.mon_id 
_pdbx_nonpoly_scheme.ndb_seq_num 
_pdbx_nonpoly_scheme.pdb_seq_num 
_pdbx_nonpoly_scheme.auth_seq_num 
_pdbx_nonpoly_scheme.pdb_mon_id 
_pdbx_nonpoly_scheme.auth_mon_id 
_pdbx_nonpoly_scheme.pdb_strand_id 
_pdbx_nonpoly_scheme.pdb_ins_code 
C 3 HOH 1  201 113 HOH HOH AAA . 
C 3 HOH 2  202 51  HOH HOH AAA . 
C 3 HOH 3  203 88  HOH HOH AAA . 
C 3 HOH 4  204 60  HOH HOH AAA . 
C 3 HOH 5  205 107 HOH HOH AAA . 
C 3 HOH 6  206 22  HOH HOH AAA . 
C 3 HOH 7  207 43  HOH HOH AAA . 
C 3 HOH 8  208 2   HOH HOH AAA . 
C 3 HOH 9  209 118 HOH HOH AAA . 
C 3 HOH 10 210 100 HOH HOH AAA . 
C 3 HOH 11 211 114 HOH HOH AAA . 
C 3 HOH 12 212 99  HOH HOH AAA . 
C 3 HOH 13 213 109 HOH HOH AAA . 
C 3 HOH 14 214 96  HOH HOH AAA . 
C 3 HOH 15 215 39  HOH HOH AAA . 
C 3 HOH 16 216 73  HOH HOH AAA . 
C 3 HOH 17 217 83  HOH HOH AAA . 
C 3 HOH 18 218 69  HOH HOH AAA . 
C 3 HOH 19 219 26  HOH HOH AAA . 
C 3 HOH 20 220 55  HOH HOH AAA . 
C 3 HOH 21 221 80  HOH HOH AAA . 
C 3 HOH 22 222 61  HOH HOH AAA . 
C 3 HOH 23 223 13  HOH HOH AAA . 
C 3 HOH 24 224 92  HOH HOH AAA . 
C 3 HOH 25 225 70  HOH HOH AAA . 
C 3 HOH 26 226 24  HOH HOH AAA . 
C 3 HOH 27 227 14  HOH HOH AAA . 
C 3 HOH 28 228 37  HOH HOH AAA . 
C 3 HOH 29 229 49  HOH HOH AAA . 
C 3 HOH 30 230 108 HOH HOH AAA . 
C 3 HOH 31 231 29  HOH HOH AAA . 
C 3 HOH 32 232 115 HOH HOH AAA . 
C 3 HOH 33 233 19  HOH HOH AAA . 
C 3 HOH 34 234 35  HOH HOH AAA . 
C 3 HOH 35 235 33  HOH HOH AAA . 
C 3 HOH 36 236 78  HOH HOH AAA . 
C 3 HOH 37 237 86  HOH HOH AAA . 
C 3 HOH 38 238 119 HOH HOH AAA . 
C 3 HOH 39 239 76  HOH HOH AAA . 
C 3 HOH 40 240 129 HOH HOH AAA . 
C 3 HOH 41 241 1   HOH HOH AAA . 
C 3 HOH 42 242 62  HOH HOH AAA . 
C 3 HOH 43 243 23  HOH HOH AAA . 
C 3 HOH 44 244 3   HOH HOH AAA . 
C 3 HOH 45 245 5   HOH HOH AAA . 
C 3 HOH 46 246 31  HOH HOH AAA . 
C 3 HOH 47 247 63  HOH HOH AAA . 
C 3 HOH 48 248 116 HOH HOH AAA . 
C 3 HOH 49 249 4   HOH HOH AAA . 
C 3 HOH 50 250 28  HOH HOH AAA . 
C 3 HOH 51 251 56  HOH HOH AAA . 
C 3 HOH 52 252 84  HOH HOH AAA . 
C 3 HOH 53 253 45  HOH HOH AAA . 
C 3 HOH 54 254 21  HOH HOH AAA . 
C 3 HOH 55 255 91  HOH HOH AAA . 
C 3 HOH 56 256 130 HOH HOH AAA . 
C 3 HOH 57 257 121 HOH HOH AAA . 
C 3 HOH 58 258 122 HOH HOH AAA . 
C 3 HOH 59 259 64  HOH HOH AAA . 
C 3 HOH 60 260 52  HOH HOH AAA . 
C 3 HOH 61 261 46  HOH HOH AAA . 
C 3 HOH 62 262 30  HOH HOH AAA . 
C 3 HOH 63 263 94  HOH HOH AAA . 
C 3 HOH 64 264 67  HOH HOH AAA . 
C 3 HOH 65 265 71  HOH HOH AAA . 
C 3 HOH 66 266 8   HOH HOH AAA . 
C 3 HOH 67 267 15  HOH HOH AAA . 
C 3 HOH 68 268 9   HOH HOH AAA . 
C 3 HOH 69 269 104 HOH HOH AAA . 
C 3 HOH 70 270 66  HOH HOH AAA . 
C 3 HOH 71 271 10  HOH HOH AAA . 
C 3 HOH 72 272 74  HOH HOH AAA . 
C 3 HOH 73 273 72  HOH HOH AAA . 
C 3 HOH 74 274 36  HOH HOH AAA . 
C 3 HOH 75 275 98  HOH HOH AAA . 
C 3 HOH 76 276 79  HOH HOH AAA . 
C 3 HOH 77 277 89  HOH HOH AAA . 
C 3 HOH 78 278 112 HOH HOH AAA . 
C 3 HOH 79 279 97  HOH HOH AAA . 
C 3 HOH 80 280 117 HOH HOH AAA . 
C 3 HOH 81 281 40  HOH HOH AAA . 
C 3 HOH 82 282 105 HOH HOH AAA . 
C 3 HOH 83 283 68  HOH HOH AAA . 
C 3 HOH 84 284 7   HOH HOH AAA . 
C 3 HOH 85 285 90  HOH HOH AAA . 
C 3 HOH 86 286 128 HOH HOH AAA . 
C 3 HOH 87 287 44  HOH HOH AAA . 
C 3 HOH 88 288 110 HOH HOH AAA . 
C 3 HOH 89 289 102 HOH HOH AAA . 
C 3 HOH 90 290 126 HOH HOH AAA . 
C 3 HOH 91 291 81  HOH HOH AAA . 
C 3 HOH 92 292 127 HOH HOH AAA . 
C 3 HOH 93 293 123 HOH HOH AAA . 
C 3 HOH 94 294 125 HOH HOH AAA . 
C 3 HOH 95 295 93  HOH HOH AAA . 
C 3 HOH 96 296 111 HOH HOH AAA . 
C 3 HOH 97 297 106 HOH HOH AAA . 
# 
loop_
_pdbx_unobs_or_zero_occ_atoms.id 
_pdbx_unobs_or_zero_occ_atoms.PDB_model_num 
_pdbx_unobs_or_zero_occ_atoms.polymer_flag 
_pdbx_unobs_or_zero_occ_atoms.occupancy_flag 
_pdbx_unobs_or_zero_occ_atoms.auth_asym_id 
_pdbx_unobs_or_zero_occ_atoms.auth_comp_id 
_pdbx_unobs_or_zero_occ_atoms.auth_seq_id 
_pdbx_unobs_or_zero_occ_atoms.PDB_ins_code 
_pdbx_unobs_or_zero_occ_atoms.auth_atom_id 
_pdbx_unobs_or_zero_occ_atoms.label_alt_id 
_pdbx_unobs_or_zero_occ_atoms.label_asym_id 
_pdbx_unobs_or_zero_occ_atoms.label_comp_id 
_pdbx_unobs_or_zero_occ_atoms.label_seq_id 
_pdbx_unobs_or_zero_occ_atoms.label_atom_id 
1 1 Y 1 AAA HIS -1 ? CG  ? A HIS 2 CG  
2 1 Y 1 AAA HIS -1 ? ND1 ? A HIS 2 ND1 
3 1 Y 1 AAA HIS -1 ? CD2 ? A HIS 2 CD2 
4 1 Y 1 AAA HIS -1 ? CE1 ? A HIS 2 CE1 
5 1 Y 1 AAA HIS -1 ? NE2 ? A HIS 2 NE2 
# 
loop_
_software.citation_id 
_software.classification 
_software.compiler_name 
_software.compiler_version 
_software.contact_author 
_software.contact_author_email 
_software.date 
_software.description 
_software.dependencies 
_software.hardware 
_software.language 
_software.location 
_software.mods 
_software.name 
_software.os 
_software.os_version 
_software.type 
_software.version 
_software.pdbx_ordinal 
? refinement       ? ? ? ? ? ? ? ? ? ? ? REFMAC  ? ? ? 5.8.0267 1 
? 'data reduction' ? ? ? ? ? ? ? ? ? ? ? XDS     ? ? ? .        2 
? 'data scaling'   ? ? ? ? ? ? ? ? ? ? ? Aimless ? ? ? .        3 
? phasing          ? ? ? ? ? ? ? ? ? ? ? PHASER  ? ? ? .        4 
# 
_cell.angle_alpha                  90.000 
_cell.angle_alpha_esd              ? 
_cell.angle_beta                   90.000 
_cell.angle_beta_esd               ? 
_cell.angle_gamma                  120.000 
_cell.angle_gamma_esd              ? 
_cell.entry_id                     7OLN 
_cell.details                      ? 
_cell.formula_units_Z              ? 
_cell.length_a                     42.887 
_cell.length_a_esd                 ? 
_cell.length_b                     42.887 
_cell.length_b_esd                 ? 
_cell.length_c                     310.001 
_cell.length_c_esd                 ? 
_cell.volume                       ? 
_cell.volume_esd                   ? 
_cell.Z_PDB                        18 
_cell.reciprocal_angle_alpha       ? 
_cell.reciprocal_angle_beta        ? 
_cell.reciprocal_angle_gamma       ? 
_cell.reciprocal_angle_alpha_esd   ? 
_cell.reciprocal_angle_beta_esd    ? 
_cell.reciprocal_angle_gamma_esd   ? 
_cell.reciprocal_length_a          ? 
_cell.reciprocal_length_b          ? 
_cell.reciprocal_length_c          ? 
_cell.reciprocal_length_a_esd      ? 
_cell.reciprocal_length_b_esd      ? 
_cell.reciprocal_length_c_esd      ? 
_cell.pdbx_unique_axis             ? 
# 
_symmetry.entry_id                         7OLN 
_symmetry.cell_setting                     ? 
_symmetry.Int_Tables_number                155 
_symmetry.space_group_name_Hall            ? 
_symmetry.space_group_name_H-M             'H 3 2' 
_symmetry.pdbx_full_space_group_name_H-M   ? 
# 
_exptl.absorpt_coefficient_mu     ? 
_exptl.absorpt_correction_T_max   ? 
_exptl.absorpt_correction_T_min   ? 
_exptl.absorpt_correction_type    ? 
_exptl.absorpt_process_details    ? 
_exptl.entry_id                   7OLN 
_exptl.crystals_number            1 
_exptl.details                    ? 
_exptl.method                     'X-RAY DIFFRACTION' 
_exptl.method_details             ? 
# 
_exptl_crystal.colour                      ? 
_exptl_crystal.density_diffrn              ? 
_exptl_crystal.density_Matthews            1.96 
_exptl_crystal.density_method              ? 
_exptl_crystal.density_percent_sol         37.18 
_exptl_crystal.description                 ? 
_exptl_crystal.F_000                       ? 
_exptl_crystal.id                          1 
_exptl_crystal.preparation                 ? 
_exptl_crystal.size_max                    ? 
_exptl_crystal.size_mid                    ? 
_exptl_crystal.size_min                    ? 
_exptl_crystal.size_rad                    ? 
_exptl_crystal.colour_lustre               ? 
_exptl_crystal.colour_modifier             ? 
_exptl_crystal.colour_primary              ? 
_exptl_crystal.density_meas                ? 
_exptl_crystal.density_meas_esd            ? 
_exptl_crystal.density_meas_gt             ? 
_exptl_crystal.density_meas_lt             ? 
_exptl_crystal.density_meas_temp           ? 
_exptl_crystal.density_meas_temp_esd       ? 
_exptl_crystal.density_meas_temp_gt        ? 
_exptl_crystal.density_meas_temp_lt        ? 
_exptl_crystal.pdbx_crystal_image_url      ? 
_exptl_crystal.pdbx_crystal_image_format   ? 
_exptl_crystal.pdbx_mosaicity              ? 
_exptl_crystal.pdbx_mosaicity_esd          ? 
# 
_exptl_crystal_grow.apparatus       ? 
_exptl_crystal_grow.atmosphere      ? 
_exptl_crystal_grow.crystal_id      1 
_exptl_crystal_grow.details         ? 
_exptl_crystal_grow.method          'VAPOR DIFFUSION, HANGING DROP' 
_exptl_crystal_grow.method_ref      ? 
_exptl_crystal_grow.pH              7.0 
_exptl_crystal_grow.pressure        ? 
_exptl_crystal_grow.pressure_esd    ? 
_exptl_crystal_grow.seeding         ? 
_exptl_crystal_grow.seeding_ref     ? 
_exptl_crystal_grow.temp            292 
_exptl_crystal_grow.temp_details    ? 
_exptl_crystal_grow.temp_esd        ? 
_exptl_crystal_grow.time            ? 
_exptl_crystal_grow.pdbx_details    'sodium citrate 1.2M' 
_exptl_crystal_grow.pdbx_pH_range   ? 
# 
_diffrn.ambient_environment              ? 
_diffrn.ambient_temp                     100 
_diffrn.ambient_temp_details             ? 
_diffrn.ambient_temp_esd                 ? 
_diffrn.crystal_id                       1 
_diffrn.crystal_support                  ? 
_diffrn.crystal_treatment                ? 
_diffrn.details                          ? 
_diffrn.id                               1 
_diffrn.ambient_pressure                 ? 
_diffrn.ambient_pressure_esd             ? 
_diffrn.ambient_pressure_gt              ? 
_diffrn.ambient_pressure_lt              ? 
_diffrn.ambient_temp_gt                  ? 
_diffrn.ambient_temp_lt                  ? 
_diffrn.pdbx_serial_crystal_experiment   N 
# 
_diffrn_detector.details                      ? 
_diffrn_detector.detector                     PIXEL 
_diffrn_detector.diffrn_id                    1 
_diffrn_detector.type                         'DECTRIS EIGER X 9M' 
_diffrn_detector.area_resol_mean              ? 
_diffrn_detector.dtime                        ? 
_diffrn_detector.pdbx_frames_total            ? 
_diffrn_detector.pdbx_collection_time_total   ? 
_diffrn_detector.pdbx_collection_date         2020-09-05 
_diffrn_detector.pdbx_frequency               ? 
# 
_diffrn_radiation.collimation                      ? 
_diffrn_radiation.diffrn_id                        1 
_diffrn_radiation.filter_edge                      ? 
_diffrn_radiation.inhomogeneity                    ? 
_diffrn_radiation.monochromator                    ? 
_diffrn_radiation.polarisn_norm                    ? 
_diffrn_radiation.polarisn_ratio                   ? 
_diffrn_radiation.probe                            ? 
_diffrn_radiation.type                             ? 
_diffrn_radiation.xray_symbol                      ? 
_diffrn_radiation.wavelength_id                    1 
_diffrn_radiation.pdbx_monochromatic_or_laue_m_l   M 
_diffrn_radiation.pdbx_wavelength_list             ? 
_diffrn_radiation.pdbx_wavelength                  ? 
_diffrn_radiation.pdbx_diffrn_protocol             'SINGLE WAVELENGTH' 
_diffrn_radiation.pdbx_analyzer                    ? 
_diffrn_radiation.pdbx_scattering_type             x-ray 
# 
_diffrn_radiation_wavelength.id           1 
_diffrn_radiation_wavelength.wavelength   0.980 
_diffrn_radiation_wavelength.wt           1.0 
# 
_diffrn_source.current                     ? 
_diffrn_source.details                     ? 
_diffrn_source.diffrn_id                   1 
_diffrn_source.power                       ? 
_diffrn_source.size                        ? 
_diffrn_source.source                      SYNCHROTRON 
_diffrn_source.target                      ? 
_diffrn_source.type                        'SOLEIL BEAMLINE PROXIMA 2' 
_diffrn_source.voltage                     ? 
_diffrn_source.take-off_angle              ? 
_diffrn_source.pdbx_wavelength_list        0.980 
_diffrn_source.pdbx_wavelength             ? 
_diffrn_source.pdbx_synchrotron_beamline   'PROXIMA 2' 
_diffrn_source.pdbx_synchrotron_site       SOLEIL 
# 
_reflns.B_iso_Wilson_estimate                          16.9 
_reflns.entry_id                                       7OLN 
_reflns.data_reduction_details                         ? 
_reflns.data_reduction_method                          ? 
_reflns.d_resolution_high                              1.92 
_reflns.d_resolution_low                               36.88 
_reflns.details                                        ? 
_reflns.limit_h_max                                    ? 
_reflns.limit_h_min                                    ? 
_reflns.limit_k_max                                    ? 
_reflns.limit_k_min                                    ? 
_reflns.limit_l_max                                    ? 
_reflns.limit_l_min                                    ? 
_reflns.number_all                                     ? 
_reflns.number_obs                                     8958 
_reflns.observed_criterion                             ? 
_reflns.observed_criterion_F_max                       ? 
_reflns.observed_criterion_F_min                       ? 
_reflns.observed_criterion_I_max                       ? 
_reflns.observed_criterion_I_min                       ? 
_reflns.observed_criterion_sigma_F                     ? 
_reflns.observed_criterion_sigma_I                     ? 
_reflns.percent_possible_obs                           100 
_reflns.R_free_details                                 ? 
_reflns.Rmerge_F_all                                   ? 
_reflns.Rmerge_F_obs                                   ? 
_reflns.Friedel_coverage                               ? 
_reflns.number_gt                                      ? 
_reflns.threshold_expression                           ? 
_reflns.pdbx_redundancy                                15.6 
_reflns.pdbx_Rmerge_I_obs                              0.073 
_reflns.pdbx_Rmerge_I_all                              ? 
_reflns.pdbx_Rsym_value                                ? 
_reflns.pdbx_netI_over_av_sigmaI                       ? 
_reflns.pdbx_netI_over_sigmaI                          23.8 
_reflns.pdbx_res_netI_over_av_sigmaI_2                 ? 
_reflns.pdbx_res_netI_over_sigmaI_2                    ? 
_reflns.pdbx_chi_squared                               ? 
_reflns.pdbx_scaling_rejects                           ? 
_reflns.pdbx_d_res_high_opt                            ? 
_reflns.pdbx_d_res_low_opt                             ? 
_reflns.pdbx_d_res_opt_method                          ? 
_reflns.phase_calculation_details                      ? 
_reflns.pdbx_Rrim_I_all                                0.077 
_reflns.pdbx_Rpim_I_all                                0.026 
_reflns.pdbx_d_opt                                     ? 
_reflns.pdbx_number_measured_all                       ? 
_reflns.pdbx_diffrn_id                                 1 
_reflns.pdbx_ordinal                                   1 
_reflns.pdbx_CC_half                                   0.999 
_reflns.pdbx_CC_star                                   ? 
_reflns.pdbx_R_split                                   ? 
_reflns.pdbx_aniso_diffraction_limit_axis_1_ortho[1]   ? 
_reflns.pdbx_aniso_diffraction_limit_axis_1_ortho[2]   ? 
_reflns.pdbx_aniso_diffraction_limit_axis_1_ortho[3]   ? 
_reflns.pdbx_aniso_diffraction_limit_axis_2_ortho[1]   ? 
_reflns.pdbx_aniso_diffraction_limit_axis_2_ortho[2]   ? 
_reflns.pdbx_aniso_diffraction_limit_axis_2_ortho[3]   ? 
_reflns.pdbx_aniso_diffraction_limit_axis_3_ortho[1]   ? 
_reflns.pdbx_aniso_diffraction_limit_axis_3_ortho[2]   ? 
_reflns.pdbx_aniso_diffraction_limit_axis_3_ortho[3]   ? 
_reflns.pdbx_aniso_diffraction_limit_1                 ? 
_reflns.pdbx_aniso_diffraction_limit_2                 ? 
_reflns.pdbx_aniso_diffraction_limit_3                 ? 
_reflns.pdbx_aniso_B_tensor_eigenvector_1_ortho[1]     ? 
_reflns.pdbx_aniso_B_tensor_eigenvector_1_ortho[2]     ? 
_reflns.pdbx_aniso_B_tensor_eigenvector_1_ortho[3]     ? 
_reflns.pdbx_aniso_B_tensor_eigenvector_2_ortho[1]     ? 
_reflns.pdbx_aniso_B_tensor_eigenvector_2_ortho[2]     ? 
_reflns.pdbx_aniso_B_tensor_eigenvector_2_ortho[3]     ? 
_reflns.pdbx_aniso_B_tensor_eigenvector_3_ortho[1]     ? 
_reflns.pdbx_aniso_B_tensor_eigenvector_3_ortho[2]     ? 
_reflns.pdbx_aniso_B_tensor_eigenvector_3_ortho[3]     ? 
_reflns.pdbx_aniso_B_tensor_eigenvalue_1               ? 
_reflns.pdbx_aniso_B_tensor_eigenvalue_2               ? 
_reflns.pdbx_aniso_B_tensor_eigenvalue_3               ? 
_reflns.pdbx_orthogonalization_convention              ? 
_reflns.pdbx_percent_possible_ellipsoidal              ? 
_reflns.pdbx_percent_possible_spherical                ? 
_reflns.pdbx_percent_possible_ellipsoidal_anomalous    ? 
_reflns.pdbx_percent_possible_spherical_anomalous      ? 
_reflns.pdbx_redundancy_anomalous                      ? 
_reflns.pdbx_CC_half_anomalous                         ? 
_reflns.pdbx_absDiff_over_sigma_anomalous              ? 
_reflns.pdbx_percent_possible_anomalous                ? 
_reflns.pdbx_observed_signal_threshold                 ? 
_reflns.pdbx_signal_type                               ? 
_reflns.pdbx_signal_details                            ? 
_reflns.pdbx_signal_software_id                        ? 
# 
_reflns_shell.d_res_high                                    1.92 
_reflns_shell.d_res_low                                     1.97 
_reflns_shell.meanI_over_sigI_all                           ? 
_reflns_shell.meanI_over_sigI_obs                           7.3 
_reflns_shell.number_measured_all                           ? 
_reflns_shell.number_measured_obs                           ? 
_reflns_shell.number_possible                               ? 
_reflns_shell.number_unique_all                             ? 
_reflns_shell.number_unique_obs                             601 
_reflns_shell.percent_possible_all                          100 
_reflns_shell.percent_possible_obs                          ? 
_reflns_shell.Rmerge_F_all                                  ? 
_reflns_shell.Rmerge_F_obs                                  ? 
_reflns_shell.Rmerge_I_all                                  ? 
_reflns_shell.Rmerge_I_obs                                  0.399 
_reflns_shell.meanI_over_sigI_gt                            ? 
_reflns_shell.meanI_over_uI_all                             ? 
_reflns_shell.meanI_over_uI_gt                              ? 
_reflns_shell.number_measured_gt                            ? 
_reflns_shell.number_unique_gt                              ? 
_reflns_shell.percent_possible_gt                           ? 
_reflns_shell.Rmerge_F_gt                                   ? 
_reflns_shell.Rmerge_I_gt                                   ? 
_reflns_shell.pdbx_redundancy                               ? 
_reflns_shell.pdbx_Rsym_value                               ? 
_reflns_shell.pdbx_chi_squared                              ? 
_reflns_shell.pdbx_netI_over_sigmaI_all                     ? 
_reflns_shell.pdbx_netI_over_sigmaI_obs                     ? 
_reflns_shell.pdbx_Rrim_I_all                               0.424 
_reflns_shell.pdbx_Rpim_I_all                               0.143 
_reflns_shell.pdbx_rejects                                  ? 
_reflns_shell.pdbx_ordinal                                  1 
_reflns_shell.pdbx_diffrn_id                                1 
_reflns_shell.pdbx_CC_half                                  0.982 
_reflns_shell.pdbx_CC_star                                  ? 
_reflns_shell.pdbx_R_split                                  ? 
_reflns_shell.pdbx_percent_possible_ellipsoidal             ? 
_reflns_shell.pdbx_percent_possible_spherical               ? 
_reflns_shell.pdbx_percent_possible_ellipsoidal_anomalous   ? 
_reflns_shell.pdbx_percent_possible_spherical_anomalous     ? 
_reflns_shell.pdbx_redundancy_anomalous                     ? 
_reflns_shell.pdbx_CC_half_anomalous                        ? 
_reflns_shell.pdbx_absDiff_over_sigma_anomalous             ? 
_reflns_shell.pdbx_percent_possible_anomalous               ? 
# 
_refine.aniso_B[1][1]                            0.066 
_refine.aniso_B[1][2]                            0.033 
_refine.aniso_B[1][3]                            -0.000 
_refine.aniso_B[2][2]                            0.066 
_refine.aniso_B[2][3]                            -0.000 
_refine.aniso_B[3][3]                            -0.214 
_refine.B_iso_max                                ? 
_refine.B_iso_mean                               27.301 
_refine.B_iso_min                                ? 
_refine.correlation_coeff_Fo_to_Fc               0.971 
_refine.correlation_coeff_Fo_to_Fc_free          0.961 
_refine.details                                  'Hydrogens have been added in their riding positions' 
_refine.diff_density_max                         ? 
_refine.diff_density_max_esd                     ? 
_refine.diff_density_min                         ? 
_refine.diff_density_min_esd                     ? 
_refine.diff_density_rms                         ? 
_refine.diff_density_rms_esd                     ? 
_refine.entry_id                                 7OLN 
_refine.pdbx_refine_id                           'X-RAY DIFFRACTION' 
_refine.ls_abs_structure_details                 ? 
_refine.ls_abs_structure_Flack                   ? 
_refine.ls_abs_structure_Flack_esd               ? 
_refine.ls_abs_structure_Rogers                  ? 
_refine.ls_abs_structure_Rogers_esd              ? 
_refine.ls_d_res_high                            1.920 
_refine.ls_d_res_low                             36.88 
_refine.ls_extinction_coef                       ? 
_refine.ls_extinction_coef_esd                   ? 
_refine.ls_extinction_expression                 ? 
_refine.ls_extinction_method                     ? 
_refine.ls_goodness_of_fit_all                   ? 
_refine.ls_goodness_of_fit_all_esd               ? 
_refine.ls_goodness_of_fit_obs                   ? 
_refine.ls_goodness_of_fit_obs_esd               ? 
_refine.ls_hydrogen_treatment                    ? 
_refine.ls_matrix_type                           ? 
_refine.ls_number_constraints                    ? 
_refine.ls_number_parameters                     ? 
_refine.ls_number_reflns_all                     ? 
_refine.ls_number_reflns_obs                     8957 
_refine.ls_number_reflns_R_free                  429 
_refine.ls_number_reflns_R_work                  8528 
_refine.ls_number_restraints                     ? 
_refine.ls_percent_reflns_obs                    99.922 
_refine.ls_percent_reflns_R_free                 4.790 
_refine.ls_R_factor_all                          0.154 
_refine.ls_R_factor_obs                          ? 
_refine.ls_R_factor_R_free                       0.1934 
_refine.ls_R_factor_R_free_error                 ? 
_refine.ls_R_factor_R_free_error_details         ? 
_refine.ls_R_factor_R_work                       0.1520 
_refine.ls_R_Fsqd_factor_obs                     ? 
_refine.ls_R_I_factor_obs                        ? 
_refine.ls_redundancy_reflns_all                 ? 
_refine.ls_redundancy_reflns_obs                 ? 
_refine.ls_restrained_S_all                      ? 
_refine.ls_restrained_S_obs                      ? 
_refine.ls_shift_over_esd_max                    ? 
_refine.ls_shift_over_esd_mean                   ? 
_refine.ls_structure_factor_coef                 ? 
_refine.ls_weighting_details                     ? 
_refine.ls_weighting_scheme                      ? 
_refine.ls_wR_factor_all                         ? 
_refine.ls_wR_factor_obs                         ? 
_refine.ls_wR_factor_R_free                      ? 
_refine.ls_wR_factor_R_work                      ? 
_refine.occupancy_max                            ? 
_refine.occupancy_min                            ? 
_refine.solvent_model_details                    'MASK BULK SOLVENT' 
_refine.solvent_model_param_bsol                 ? 
_refine.solvent_model_param_ksol                 ? 
_refine.pdbx_R_complete                          ? 
_refine.ls_R_factor_gt                           ? 
_refine.ls_goodness_of_fit_gt                    ? 
_refine.ls_goodness_of_fit_ref                   ? 
_refine.ls_shift_over_su_max                     ? 
_refine.ls_shift_over_su_max_lt                  ? 
_refine.ls_shift_over_su_mean                    ? 
_refine.ls_shift_over_su_mean_lt                 ? 
_refine.pdbx_ls_sigma_I                          ? 
_refine.pdbx_ls_sigma_F                          ? 
_refine.pdbx_ls_sigma_Fsqd                       ? 
_refine.pdbx_data_cutoff_high_absF               ? 
_refine.pdbx_data_cutoff_high_rms_absF           ? 
_refine.pdbx_data_cutoff_low_absF                ? 
_refine.pdbx_isotropic_thermal_model             ? 
_refine.pdbx_ls_cross_valid_method               'FREE R-VALUE' 
_refine.pdbx_method_to_determine_struct          'MOLECULAR REPLACEMENT' 
_refine.pdbx_starting_model                      2wq4 
_refine.pdbx_stereochemistry_target_values       ? 
_refine.pdbx_R_Free_selection_details            ? 
_refine.pdbx_stereochem_target_val_spec_case     ? 
_refine.pdbx_overall_ESU_R                       0.159 
_refine.pdbx_overall_ESU_R_Free                  0.138 
_refine.pdbx_solvent_vdw_probe_radii             1.200 
_refine.pdbx_solvent_ion_probe_radii             0.800 
_refine.pdbx_solvent_shrinkage_radii             0.800 
_refine.pdbx_real_space_R                        ? 
_refine.pdbx_density_correlation                 ? 
_refine.pdbx_pd_number_of_powder_patterns        ? 
_refine.pdbx_pd_number_of_points                 ? 
_refine.pdbx_pd_meas_number_of_points            ? 
_refine.pdbx_pd_proc_ls_prof_R_factor            ? 
_refine.pdbx_pd_proc_ls_prof_wR_factor           ? 
_refine.pdbx_pd_Marquardt_correlation_coeff      ? 
_refine.pdbx_pd_Fsqrd_R_factor                   ? 
_refine.pdbx_pd_ls_matrix_band_width             ? 
_refine.pdbx_overall_phase_error                 ? 
_refine.pdbx_overall_SU_R_free_Cruickshank_DPI   ? 
_refine.pdbx_overall_SU_R_free_Blow_DPI          ? 
_refine.pdbx_overall_SU_R_Blow_DPI               ? 
_refine.pdbx_TLS_residual_ADP_flag               ? 
_refine.pdbx_diffrn_id                           1 
_refine.overall_SU_B                             2.876 
_refine.overall_SU_ML                            0.085 
_refine.overall_SU_R_Cruickshank_DPI             ? 
_refine.overall_SU_R_free                        ? 
_refine.overall_FOM_free_R_set                   ? 
_refine.overall_FOM_work_R_set                   ? 
_refine.pdbx_average_fsc_overall                 ? 
_refine.pdbx_average_fsc_work                    ? 
_refine.pdbx_average_fsc_free                    ? 
# 
_refine_hist.pdbx_refine_id                   'X-RAY DIFFRACTION' 
_refine_hist.cycle_id                         LAST 
_refine_hist.pdbx_number_atoms_protein        982 
_refine_hist.pdbx_number_atoms_nucleic_acid   0 
_refine_hist.pdbx_number_atoms_ligand         57 
_refine_hist.number_atoms_solvent             97 
_refine_hist.number_atoms_total               1136 
_refine_hist.d_res_high                       1.920 
_refine_hist.d_res_low                        36.88 
# 
loop_
_refine_ls_restr.pdbx_refine_id 
_refine_ls_restr.criterion 
_refine_ls_restr.dev_ideal 
_refine_ls_restr.dev_ideal_target 
_refine_ls_restr.number 
_refine_ls_restr.rejects 
_refine_ls_restr.type 
_refine_ls_restr.weight 
_refine_ls_restr.pdbx_restraint_function 
'X-RAY DIFFRACTION' ? 0.015  0.013  1066 ? r_bond_refined_d               ? ? 
'X-RAY DIFFRACTION' ? 0.001  0.017  992  ? r_bond_other_d                 ? ? 
'X-RAY DIFFRACTION' ? 1.973  1.721  1466 ? r_angle_refined_deg            ? ? 
'X-RAY DIFFRACTION' ? 1.549  1.637  2299 ? r_angle_other_deg              ? ? 
'X-RAY DIFFRACTION' ? 7.305  5.000  133  ? r_dihedral_angle_1_deg         ? ? 
'X-RAY DIFFRACTION' ? 36.155 22.571 35   ? r_dihedral_angle_2_deg         ? ? 
'X-RAY DIFFRACTION' ? 12.893 15.000 146  ? r_dihedral_angle_3_deg         ? ? 
'X-RAY DIFFRACTION' ? 12.001 15.000 3    ? r_dihedral_angle_4_deg         ? ? 
'X-RAY DIFFRACTION' ? 0.431  0.200  165  ? r_chiral_restr                 ? ? 
'X-RAY DIFFRACTION' ? 0.010  0.020  1152 ? r_gen_planes_refined           ? ? 
'X-RAY DIFFRACTION' ? 0.002  0.020  219  ? r_gen_planes_other             ? ? 
'X-RAY DIFFRACTION' ? 0.199  0.200  140  ? r_nbd_refined                  ? ? 
'X-RAY DIFFRACTION' ? 0.193  0.200  854  ? r_symmetry_nbd_other           ? ? 
'X-RAY DIFFRACTION' ? 0.177  0.200  533  ? r_nbtor_refined                ? ? 
'X-RAY DIFFRACTION' ? 0.093  0.200  490  ? r_symmetry_nbtor_other         ? ? 
'X-RAY DIFFRACTION' ? 0.213  0.200  68   ? r_xyhbond_nbd_refined          ? ? 
'X-RAY DIFFRACTION' ? 0.076  0.200  1    ? r_symmetry_xyhbond_nbd_other   ? ? 
'X-RAY DIFFRACTION' ? 0.147  0.200  14   ? r_symmetry_nbd_refined         ? ? 
'X-RAY DIFFRACTION' ? 0.204  0.200  88   ? r_nbd_other                    ? ? 
'X-RAY DIFFRACTION' ? 0.230  0.200  32   ? r_symmetry_xyhbond_nbd_refined ? ? 
'X-RAY DIFFRACTION' ? 0.007  0.200  1    ? r_xyhbond_nbd_other            ? ? 
'X-RAY DIFFRACTION' ? 3.323  2.641  535  ? r_mcbond_it                    ? ? 
'X-RAY DIFFRACTION' ? 3.321  2.635  534  ? r_mcbond_other                 ? ? 
'X-RAY DIFFRACTION' ? 4.528  3.938  667  ? r_mcangle_it                   ? ? 
'X-RAY DIFFRACTION' ? 4.525  3.945  668  ? r_mcangle_other                ? ? 
'X-RAY DIFFRACTION' ? 4.389  3.104  530  ? r_scbond_it                    ? ? 
'X-RAY DIFFRACTION' ? 4.388  3.104  530  ? r_scbond_other                 ? ? 
'X-RAY DIFFRACTION' ? 6.398  4.526  799  ? r_scangle_it                   ? ? 
'X-RAY DIFFRACTION' ? 6.394  4.532  800  ? r_scangle_other                ? ? 
'X-RAY DIFFRACTION' ? 8.702  33.471 1098 ? r_lrange_it                    ? ? 
'X-RAY DIFFRACTION' ? 8.574  33.178 1081 ? r_lrange_other                 ? ? 
# 
loop_
_refine_ls_shell.pdbx_refine_id 
_refine_ls_shell.d_res_high 
_refine_ls_shell.d_res_low 
_refine_ls_shell.number_reflns_all 
_refine_ls_shell.number_reflns_obs 
_refine_ls_shell.number_reflns_R_free 
_refine_ls_shell.number_reflns_R_work 
_refine_ls_shell.percent_reflns_obs 
_refine_ls_shell.percent_reflns_R_free 
_refine_ls_shell.R_factor_all 
_refine_ls_shell.R_factor_obs 
_refine_ls_shell.R_factor_R_free 
_refine_ls_shell.R_factor_R_free_error 
_refine_ls_shell.R_factor_R_work 
_refine_ls_shell.redundancy_reflns_all 
_refine_ls_shell.redundancy_reflns_obs 
_refine_ls_shell.wR_factor_all 
_refine_ls_shell.wR_factor_obs 
_refine_ls_shell.wR_factor_R_free 
_refine_ls_shell.wR_factor_R_work 
_refine_ls_shell.pdbx_R_complete 
_refine_ls_shell.pdbx_total_number_of_bins_used 
_refine_ls_shell.pdbx_phase_error 
_refine_ls_shell.pdbx_fsc_work 
_refine_ls_shell.pdbx_fsc_free 
'X-RAY DIFFRACTION' 1.920 1.970 . . 35 611 99.8454  . . . 0.230 . 0.153 . . . . . . . . . . . 
'X-RAY DIFFRACTION' 1.970 2.024 . . 25 598 100.0000 . . . 0.285 . 0.177 . . . . . . . . . . . 
'X-RAY DIFFRACTION' 2.024 2.083 . . 29 586 100.0000 . . . 0.219 . 0.177 . . . . . . . . . . . 
'X-RAY DIFFRACTION' 2.083 2.147 . . 26 581 100.0000 . . . 0.138 . 0.152 . . . . . . . . . . . 
'X-RAY DIFFRACTION' 2.147 2.217 . . 41 519 100.0000 . . . 0.252 . 0.168 . . . . . . . . . . . 
'X-RAY DIFFRACTION' 2.217 2.295 . . 26 527 100.0000 . . . 0.189 . 0.161 . . . . . . . . . . . 
'X-RAY DIFFRACTION' 2.295 2.381 . . 26 542 100.0000 . . . 0.201 . 0.163 . . . . . . . . . . . 
'X-RAY DIFFRACTION' 2.381 2.478 . . 36 479 100.0000 . . . 0.238 . 0.168 . . . . . . . . . . . 
'X-RAY DIFFRACTION' 2.478 2.589 . . 20 467 100.0000 . . . 0.202 . 0.162 . . . . . . . . . . . 
'X-RAY DIFFRACTION' 2.589 2.715 . . 23 467 100.0000 . . . 0.254 . 0.174 . . . . . . . . . . . 
'X-RAY DIFFRACTION' 2.715 2.862 . . 20 456 100.0000 . . . 0.209 . 0.151 . . . . . . . . . . . 
'X-RAY DIFFRACTION' 2.862 3.035 . . 13 416 100.0000 . . . 0.180 . 0.144 . . . . . . . . . . . 
'X-RAY DIFFRACTION' 3.035 3.244 . . 16 399 100.0000 . . . 0.220 . 0.149 . . . . . . . . . . . 
'X-RAY DIFFRACTION' 3.244 3.504 . . 24 358 99.7389  . . . 0.194 . 0.145 . . . . . . . . . . . 
'X-RAY DIFFRACTION' 3.504 3.838 . . 15 348 100.0000 . . . 0.209 . 0.133 . . . . . . . . . . . 
'X-RAY DIFFRACTION' 3.838 4.290 . . 15 320 99.7024  . . . 0.129 . 0.116 . . . . . . . . . . . 
'X-RAY DIFFRACTION' 4.290 4.953 . . 11 281 100.0000 . . . 0.176 . 0.103 . . . . . . . . . . . 
'X-RAY DIFFRACTION' 4.953 6.062 . . 13 243 99.6109  . . . 0.093 . 0.150 . . . . . . . . . . . 
'X-RAY DIFFRACTION' 6.062 8.559 . . 10 200 100.0000 . . . 0.155 . 0.188 . . . . . . . . . . . 
'X-RAY DIFFRACTION' 8.559 36.88 . . 5  130 97.8261  . . . 0.362 . 0.258 . . . . . . . . . . . 
# 
_struct.entry_id                     7OLN 
_struct.title                        'Structure of the N-terminal domain of BC2L-C lectin (1-131) in complex with Lewis y antigen' 
_struct.pdbx_model_details           ? 
_struct.pdbx_formula_weight          ? 
_struct.pdbx_formula_weight_method   ? 
_struct.pdbx_model_type_details      ? 
_struct.pdbx_CASP_flag               N 
# 
_struct_keywords.entry_id        7OLN 
_struct_keywords.text            'Bacterial lectin, Fucosides, Blood group antigen, Human oligosaccharide, SUGAR BINDING PROTEIN' 
_struct_keywords.pdbx_keywords   'SUGAR BINDING PROTEIN' 
# 
loop_
_struct_asym.id 
_struct_asym.pdbx_blank_PDB_chainid_flag 
_struct_asym.pdbx_modified 
_struct_asym.entity_id 
_struct_asym.details 
A N N 1 ? 
B N N 2 ? 
C N N 3 ? 
# 
_struct_ref.id                         1 
_struct_ref.db_name                    UNP 
_struct_ref.db_code                    B4EH86_BURCJ 
_struct_ref.pdbx_db_accession          B4EH86 
_struct_ref.pdbx_db_isoform            ? 
_struct_ref.entity_id                  1 
_struct_ref.pdbx_seq_one_letter_code   
;MPLLSASIVSAPVVTSETYVDIPGLYLDVAKAGIRDGKLQVILNVPTPYATGNNFPGIYFAIATNQGVVADGCFTYSSKV
PESTGRMPFTLVATIDVGSGVTFVKGQWKSVRGSAMHIDSYASLSAIWGTAA
;
_struct_ref.pdbx_align_begin           1 
# 
_struct_ref_seq.align_id                      1 
_struct_ref_seq.ref_id                        1 
_struct_ref_seq.pdbx_PDB_id_code              7OLN 
_struct_ref_seq.pdbx_strand_id                AAA 
_struct_ref_seq.seq_align_beg                 3 
_struct_ref_seq.pdbx_seq_align_beg_ins_code   ? 
_struct_ref_seq.seq_align_end                 134 
_struct_ref_seq.pdbx_seq_align_end_ins_code   ? 
_struct_ref_seq.pdbx_db_accession             B4EH86 
_struct_ref_seq.db_align_beg                  1 
_struct_ref_seq.pdbx_db_align_beg_ins_code    ? 
_struct_ref_seq.db_align_end                  132 
_struct_ref_seq.pdbx_db_align_end_ins_code    ? 
_struct_ref_seq.pdbx_auth_seq_align_beg       0 
_struct_ref_seq.pdbx_auth_seq_align_end       131 
# 
loop_
_struct_ref_seq_dif.align_id 
_struct_ref_seq_dif.pdbx_pdb_id_code 
_struct_ref_seq_dif.mon_id 
_struct_ref_seq_dif.pdbx_pdb_strand_id 
_struct_ref_seq_dif.seq_num 
_struct_ref_seq_dif.pdbx_pdb_ins_code 
_struct_ref_seq_dif.pdbx_seq_db_name 
_struct_ref_seq_dif.pdbx_seq_db_accession_code 
_struct_ref_seq_dif.db_mon_id 
_struct_ref_seq_dif.pdbx_seq_db_seq_num 
_struct_ref_seq_dif.details 
_struct_ref_seq_dif.pdbx_auth_seq_num 
_struct_ref_seq_dif.pdbx_ordinal 
1 7OLN GLY AAA 1 ? UNP B4EH86 ? ? 'expression tag' -2 1 
1 7OLN HIS AAA 2 ? UNP B4EH86 ? ? 'expression tag' -1 2 
# 
_pdbx_struct_assembly.id                   1 
_pdbx_struct_assembly.details              author_and_software_defined_assembly 
_pdbx_struct_assembly.method_details       PISA 
_pdbx_struct_assembly.oligomeric_details   trimeric 
_pdbx_struct_assembly.oligomeric_count     3 
# 
loop_
_pdbx_struct_assembly_prop.biol_id 
_pdbx_struct_assembly_prop.type 
_pdbx_struct_assembly_prop.value 
_pdbx_struct_assembly_prop.details 
1 'ABSA (A^2)' 6220  ? 
1 MORE         -48   ? 
1 'SSA (A^2)'  14040 ? 
# 
_pdbx_struct_assembly_gen.assembly_id       1 
_pdbx_struct_assembly_gen.oper_expression   1,2,3 
_pdbx_struct_assembly_gen.asym_id_list      A,B,C 
# 
_pdbx_struct_assembly_auth_evidence.id                     1 
_pdbx_struct_assembly_auth_evidence.assembly_id            1 
_pdbx_struct_assembly_auth_evidence.experimental_support   'gel filtration' 
_pdbx_struct_assembly_auth_evidence.details                ? 
# 
loop_
_pdbx_struct_oper_list.id 
_pdbx_struct_oper_list.type 
_pdbx_struct_oper_list.name 
_pdbx_struct_oper_list.symmetry_operation 
_pdbx_struct_oper_list.matrix[1][1] 
_pdbx_struct_oper_list.matrix[1][2] 
_pdbx_struct_oper_list.matrix[1][3] 
_pdbx_struct_oper_list.vector[1] 
_pdbx_struct_oper_list.matrix[2][1] 
_pdbx_struct_oper_list.matrix[2][2] 
_pdbx_struct_oper_list.matrix[2][3] 
_pdbx_struct_oper_list.vector[2] 
_pdbx_struct_oper_list.matrix[3][1] 
_pdbx_struct_oper_list.matrix[3][2] 
_pdbx_struct_oper_list.matrix[3][3] 
_pdbx_struct_oper_list.vector[3] 
1 'identity operation'         1_555 x,y,z        1.0000000000  0.0000000000  0.0000000000  0.0000000000   0.0000000000  1.0000000000  0.0000000000  0.0000000000  0.0000000000  0.0000000000  1.0000000000 0.0000000000  
2 'crystal symmetry operation' 2_665 -y+1,x-y+1,z -0.4454784587 -0.5316283600 -0.7203611801 2.3864870328   0.8560610429  -0.0173624808 -0.5165830379 16.2617654273 0.2621229361  -0.8467997586 0.4628409395 12.0812222963 
3 'crystal symmetry operation' 3_565 -x+y,-x+1,z  -0.4454784587 0.8560610429  0.2621229361  -16.0247007660 -0.5316283600 -0.0173624808 -0.8467997586 11.7814449006 -0.7203611801 -0.5165830379 0.4628409395 4.5280005238 
# 
loop_
_struct_conn.id 
_struct_conn.conn_type_id 
_struct_conn.pdbx_leaving_atom_flag 
_struct_conn.pdbx_PDB_id 
_struct_conn.ptnr1_label_asym_id 
_struct_conn.ptnr1_label_comp_id 
_struct_conn.ptnr1_label_seq_id 
_struct_conn.ptnr1_label_atom_id 
_struct_conn.pdbx_ptnr1_label_alt_id 
_struct_conn.pdbx_ptnr1_PDB_ins_code 
_struct_conn.pdbx_ptnr1_standard_comp_id 
_struct_conn.ptnr1_symmetry 
_struct_conn.ptnr2_label_asym_id 
_struct_conn.ptnr2_label_comp_id 
_struct_conn.ptnr2_label_seq_id 
_struct_conn.ptnr2_label_atom_id 
_struct_conn.pdbx_ptnr2_label_alt_id 
_struct_conn.pdbx_ptnr2_PDB_ins_code 
_struct_conn.ptnr1_auth_asym_id 
_struct_conn.ptnr1_auth_comp_id 
_struct_conn.ptnr1_auth_seq_id 
_struct_conn.ptnr2_auth_asym_id 
_struct_conn.ptnr2_auth_comp_id 
_struct_conn.ptnr2_auth_seq_id 
_struct_conn.ptnr2_symmetry 
_struct_conn.pdbx_ptnr3_label_atom_id 
_struct_conn.pdbx_ptnr3_label_seq_id 
_struct_conn.pdbx_ptnr3_label_comp_id 
_struct_conn.pdbx_ptnr3_label_asym_id 
_struct_conn.pdbx_ptnr3_label_alt_id 
_struct_conn.pdbx_ptnr3_PDB_ins_code 
_struct_conn.details 
_struct_conn.pdbx_dist_value 
_struct_conn.pdbx_value_order 
_struct_conn.pdbx_role 
covale1 covale both ? B GAL . O3 ? ? ? 1_555 B NAG . C1 ? ? AaA GAL 1 AaA NAG 2 1_555 ? ? ? ? ? ? ? 1.453 ? ? 
covale2 covale both ? B NAG . O4 ? ? ? 1_555 B GAL . C1 ? ? AaA NAG 2 AaA GAL 3 1_555 ? ? ? ? ? ? ? 1.402 ? ? 
covale3 covale both ? B NAG . O3 ? ? ? 1_555 B FUC . C1 ? ? AaA NAG 2 AaA FUC 5 1_555 ? ? ? ? ? ? ? 1.401 ? ? 
covale4 covale both ? B GAL . O2 ? ? ? 1_555 B FUC . C1 ? ? AaA GAL 3 AaA FUC 4 1_555 ? ? ? ? ? ? ? 1.440 ? ? 
# 
_struct_conn_type.id          covale 
_struct_conn_type.criteria    ? 
_struct_conn_type.reference   ? 
# 
loop_
_struct_sheet.id 
_struct_sheet.type 
_struct_sheet.number_strands 
_struct_sheet.details 
AA1 ? 4 ? 
AA2 ? 4 ? 
AA3 ? 2 ? 
# 
loop_
_struct_sheet_order.sheet_id 
_struct_sheet_order.range_id_1 
_struct_sheet_order.range_id_2 
_struct_sheet_order.offset 
_struct_sheet_order.sense 
AA1 1 2 ? anti-parallel 
AA1 2 3 ? anti-parallel 
AA1 3 4 ? anti-parallel 
AA2 1 2 ? anti-parallel 
AA2 2 3 ? anti-parallel 
AA2 3 4 ? anti-parallel 
AA3 1 2 ? anti-parallel 
# 
loop_
_struct_sheet_range.sheet_id 
_struct_sheet_range.id 
_struct_sheet_range.beg_label_comp_id 
_struct_sheet_range.beg_label_asym_id 
_struct_sheet_range.beg_label_seq_id 
_struct_sheet_range.pdbx_beg_PDB_ins_code 
_struct_sheet_range.end_label_comp_id 
_struct_sheet_range.end_label_asym_id 
_struct_sheet_range.end_label_seq_id 
_struct_sheet_range.pdbx_end_PDB_ins_code 
_struct_sheet_range.beg_auth_comp_id 
_struct_sheet_range.beg_auth_asym_id 
_struct_sheet_range.beg_auth_seq_id 
_struct_sheet_range.end_auth_comp_id 
_struct_sheet_range.end_auth_asym_id 
_struct_sheet_range.end_auth_seq_id 
AA1 1 LEU A 5   ? ILE A 10  ? LEU AAA 2   ILE AAA 7   
AA1 2 ALA A 124 ? GLY A 131 ? ALA AAA 121 GLY AAA 128 
AA1 3 LYS A 40  ? VAL A 47  ? LYS AAA 37  VAL AAA 44  
AA1 4 PHE A 91  ? ASP A 98  ? PHE AAA 88  ASP AAA 95  
AA2 1 VAL A 22  ? ASP A 30  ? VAL AAA 19  ASP AAA 27  
AA2 2 PHE A 105 ? VAL A 113 ? PHE AAA 102 VAL AAA 110 
AA2 3 GLY A 59  ? THR A 66  ? GLY AAA 56  THR AAA 63  
AA2 4 GLY A 69  ? THR A 77  ? GLY AAA 66  THR AAA 74  
AA3 1 TYR A 51  ? THR A 53  ? TYR AAA 48  THR AAA 50  
AA3 2 ALA A 117 ? HIS A 119 ? ALA AAA 114 HIS AAA 116 
# 
loop_
_pdbx_struct_sheet_hbond.sheet_id 
_pdbx_struct_sheet_hbond.range_id_1 
_pdbx_struct_sheet_hbond.range_id_2 
_pdbx_struct_sheet_hbond.range_1_label_atom_id 
_pdbx_struct_sheet_hbond.range_1_label_comp_id 
_pdbx_struct_sheet_hbond.range_1_label_asym_id 
_pdbx_struct_sheet_hbond.range_1_label_seq_id 
_pdbx_struct_sheet_hbond.range_1_PDB_ins_code 
_pdbx_struct_sheet_hbond.range_1_auth_atom_id 
_pdbx_struct_sheet_hbond.range_1_auth_comp_id 
_pdbx_struct_sheet_hbond.range_1_auth_asym_id 
_pdbx_struct_sheet_hbond.range_1_auth_seq_id 
_pdbx_struct_sheet_hbond.range_2_label_atom_id 
_pdbx_struct_sheet_hbond.range_2_label_comp_id 
_pdbx_struct_sheet_hbond.range_2_label_asym_id 
_pdbx_struct_sheet_hbond.range_2_label_seq_id 
_pdbx_struct_sheet_hbond.range_2_PDB_ins_code 
_pdbx_struct_sheet_hbond.range_2_auth_atom_id 
_pdbx_struct_sheet_hbond.range_2_auth_comp_id 
_pdbx_struct_sheet_hbond.range_2_auth_asym_id 
_pdbx_struct_sheet_hbond.range_2_auth_seq_id 
AA1 1 2 N ALA A 8   ? N ALA AAA 5   O LEU A 126 ? O LEU AAA 123 
AA1 2 3 O SER A 125 ? O SER AAA 122 N ASN A 46  ? N ASN AAA 43  
AA1 3 4 N VAL A 43  ? N VAL AAA 40  O ALA A 95  ? O ALA AAA 92  
AA2 1 2 N LEU A 29  ? N LEU AAA 26  O VAL A 106 ? O VAL AAA 103 
AA2 2 3 O LYS A 107 ? O LYS AAA 104 N ALA A 65  ? N ALA AAA 62  
AA2 3 4 N PHE A 62  ? N PHE AAA 59  O GLY A 74  ? O GLY AAA 71  
AA3 1 2 N THR A 53  ? N THR AAA 50  O ALA A 117 ? O ALA AAA 114 
# 
_pdbx_validate_symm_contact.id                1 
_pdbx_validate_symm_contact.PDB_model_num     1 
_pdbx_validate_symm_contact.auth_atom_id_1    O 
_pdbx_validate_symm_contact.auth_asym_id_1    AAA 
_pdbx_validate_symm_contact.auth_comp_id_1    ALA 
_pdbx_validate_symm_contact.auth_seq_id_1     31 
_pdbx_validate_symm_contact.PDB_ins_code_1    ? 
_pdbx_validate_symm_contact.label_alt_id_1    ? 
_pdbx_validate_symm_contact.site_symmetry_1   1_555 
_pdbx_validate_symm_contact.auth_atom_id_2    NH2 
_pdbx_validate_symm_contact.auth_asym_id_2    AAA 
_pdbx_validate_symm_contact.auth_comp_id_2    ARG 
_pdbx_validate_symm_contact.auth_seq_id_2     34 
_pdbx_validate_symm_contact.PDB_ins_code_2    ? 
_pdbx_validate_symm_contact.label_alt_id_2    ? 
_pdbx_validate_symm_contact.site_symmetry_2   4_555 
_pdbx_validate_symm_contact.dist              2.13 
# 
_pdbx_validate_rmsd_angle.id                         1 
_pdbx_validate_rmsd_angle.PDB_model_num              1 
_pdbx_validate_rmsd_angle.auth_atom_id_1             CB 
_pdbx_validate_rmsd_angle.auth_asym_id_1             AAA 
_pdbx_validate_rmsd_angle.auth_comp_id_1             ASN 
_pdbx_validate_rmsd_angle.auth_seq_id_1              64 
_pdbx_validate_rmsd_angle.PDB_ins_code_1             ? 
_pdbx_validate_rmsd_angle.label_alt_id_1             ? 
_pdbx_validate_rmsd_angle.auth_atom_id_2             CA 
_pdbx_validate_rmsd_angle.auth_asym_id_2             AAA 
_pdbx_validate_rmsd_angle.auth_comp_id_2             ASN 
_pdbx_validate_rmsd_angle.auth_seq_id_2              64 
_pdbx_validate_rmsd_angle.PDB_ins_code_2             ? 
_pdbx_validate_rmsd_angle.label_alt_id_2             ? 
_pdbx_validate_rmsd_angle.auth_atom_id_3             C 
_pdbx_validate_rmsd_angle.auth_asym_id_3             AAA 
_pdbx_validate_rmsd_angle.auth_comp_id_3             ASN 
_pdbx_validate_rmsd_angle.auth_seq_id_3              64 
_pdbx_validate_rmsd_angle.PDB_ins_code_3             ? 
_pdbx_validate_rmsd_angle.label_alt_id_3             ? 
_pdbx_validate_rmsd_angle.angle_value                96.98 
_pdbx_validate_rmsd_angle.angle_target_value         110.40 
_pdbx_validate_rmsd_angle.angle_deviation            -13.42 
_pdbx_validate_rmsd_angle.angle_standard_deviation   2.00 
_pdbx_validate_rmsd_angle.linker_flag                N 
# 
_pdbx_validate_torsion.id              1 
_pdbx_validate_torsion.PDB_model_num   1 
_pdbx_validate_torsion.auth_comp_id    TYR 
_pdbx_validate_torsion.auth_asym_id    AAA 
_pdbx_validate_torsion.auth_seq_id     120 
_pdbx_validate_torsion.PDB_ins_code    ? 
_pdbx_validate_torsion.label_alt_id    ? 
_pdbx_validate_torsion.phi             -39.95 
_pdbx_validate_torsion.psi             133.25 
# 
loop_
_pdbx_struct_special_symmetry.id 
_pdbx_struct_special_symmetry.PDB_model_num 
_pdbx_struct_special_symmetry.auth_asym_id 
_pdbx_struct_special_symmetry.auth_comp_id 
_pdbx_struct_special_symmetry.auth_seq_id 
_pdbx_struct_special_symmetry.PDB_ins_code 
_pdbx_struct_special_symmetry.label_asym_id 
_pdbx_struct_special_symmetry.label_comp_id 
_pdbx_struct_special_symmetry.label_seq_id 
1 1 AAA HOH 202 ? C HOH . 
2 1 AAA HOH 203 ? C HOH . 
3 1 AAA HOH 219 ? C HOH . 
4 1 AAA HOH 260 ? C HOH . 
5 1 AAA HOH 285 ? C HOH . 
6 1 AAA HOH 294 ? C HOH . 
7 1 AAA HOH 295 ? C HOH . 
8 1 AAA HOH 296 ? C HOH . 
9 1 AAA HOH 297 ? C HOH . 
# 
_pdbx_entry_details.entry_id                 7OLN 
_pdbx_entry_details.has_ligand_of_interest   Y 
_pdbx_entry_details.compound_details         ? 
_pdbx_entry_details.source_details           ? 
_pdbx_entry_details.nonpolymer_details       ? 
_pdbx_entry_details.sequence_details         ? 
# 
loop_
_chem_comp_atom.comp_id 
_chem_comp_atom.atom_id 
_chem_comp_atom.type_symbol 
_chem_comp_atom.pdbx_aromatic_flag 
_chem_comp_atom.pdbx_stereo_config 
_chem_comp_atom.pdbx_ordinal 
ALA N    N N N 1   
ALA CA   C N S 2   
ALA C    C N N 3   
ALA O    O N N 4   
ALA CB   C N N 5   
ALA OXT  O N N 6   
ALA H    H N N 7   
ALA H2   H N N 8   
ALA HA   H N N 9   
ALA HB1  H N N 10  
ALA HB2  H N N 11  
ALA HB3  H N N 12  
ALA HXT  H N N 13  
ARG N    N N N 14  
ARG CA   C N S 15  
ARG C    C N N 16  
ARG O    O N N 17  
ARG CB   C N N 18  
ARG CG   C N N 19  
ARG CD   C N N 20  
ARG NE   N N N 21  
ARG CZ   C N N 22  
ARG NH1  N N N 23  
ARG NH2  N N N 24  
ARG OXT  O N N 25  
ARG H    H N N 26  
ARG H2   H N N 27  
ARG HA   H N N 28  
ARG HB2  H N N 29  
ARG HB3  H N N 30  
ARG HG2  H N N 31  
ARG HG3  H N N 32  
ARG HD2  H N N 33  
ARG HD3  H N N 34  
ARG HE   H N N 35  
ARG HH11 H N N 36  
ARG HH12 H N N 37  
ARG HH21 H N N 38  
ARG HH22 H N N 39  
ARG HXT  H N N 40  
ASN N    N N N 41  
ASN CA   C N S 42  
ASN C    C N N 43  
ASN O    O N N 44  
ASN CB   C N N 45  
ASN CG   C N N 46  
ASN OD1  O N N 47  
ASN ND2  N N N 48  
ASN OXT  O N N 49  
ASN H    H N N 50  
ASN H2   H N N 51  
ASN HA   H N N 52  
ASN HB2  H N N 53  
ASN HB3  H N N 54  
ASN HD21 H N N 55  
ASN HD22 H N N 56  
ASN HXT  H N N 57  
ASP N    N N N 58  
ASP CA   C N S 59  
ASP C    C N N 60  
ASP O    O N N 61  
ASP CB   C N N 62  
ASP CG   C N N 63  
ASP OD1  O N N 64  
ASP OD2  O N N 65  
ASP OXT  O N N 66  
ASP H    H N N 67  
ASP H2   H N N 68  
ASP HA   H N N 69  
ASP HB2  H N N 70  
ASP HB3  H N N 71  
ASP HD2  H N N 72  
ASP HXT  H N N 73  
CYS N    N N N 74  
CYS CA   C N R 75  
CYS C    C N N 76  
CYS O    O N N 77  
CYS CB   C N N 78  
CYS SG   S N N 79  
CYS OXT  O N N 80  
CYS H    H N N 81  
CYS H2   H N N 82  
CYS HA   H N N 83  
CYS HB2  H N N 84  
CYS HB3  H N N 85  
CYS HG   H N N 86  
CYS HXT  H N N 87  
FUC C1   C N R 88  
FUC C2   C N S 89  
FUC C3   C N R 90  
FUC C4   C N S 91  
FUC C5   C N S 92  
FUC C6   C N N 93  
FUC O1   O N N 94  
FUC O2   O N N 95  
FUC O3   O N N 96  
FUC O4   O N N 97  
FUC O5   O N N 98  
FUC H1   H N N 99  
FUC H2   H N N 100 
FUC H3   H N N 101 
FUC H4   H N N 102 
FUC H5   H N N 103 
FUC H61  H N N 104 
FUC H62  H N N 105 
FUC H63  H N N 106 
FUC HO1  H N N 107 
FUC HO2  H N N 108 
FUC HO3  H N N 109 
FUC HO4  H N N 110 
GAL C1   C N R 111 
GAL C2   C N R 112 
GAL C3   C N S 113 
GAL C4   C N R 114 
GAL C5   C N R 115 
GAL C6   C N N 116 
GAL O1   O N N 117 
GAL O2   O N N 118 
GAL O3   O N N 119 
GAL O4   O N N 120 
GAL O5   O N N 121 
GAL O6   O N N 122 
GAL H1   H N N 123 
GAL H2   H N N 124 
GAL H3   H N N 125 
GAL H4   H N N 126 
GAL H5   H N N 127 
GAL H61  H N N 128 
GAL H62  H N N 129 
GAL HO1  H N N 130 
GAL HO2  H N N 131 
GAL HO3  H N N 132 
GAL HO4  H N N 133 
GAL HO6  H N N 134 
GLN N    N N N 135 
GLN CA   C N S 136 
GLN C    C N N 137 
GLN O    O N N 138 
GLN CB   C N N 139 
GLN CG   C N N 140 
GLN CD   C N N 141 
GLN OE1  O N N 142 
GLN NE2  N N N 143 
GLN OXT  O N N 144 
GLN H    H N N 145 
GLN H2   H N N 146 
GLN HA   H N N 147 
GLN HB2  H N N 148 
GLN HB3  H N N 149 
GLN HG2  H N N 150 
GLN HG3  H N N 151 
GLN HE21 H N N 152 
GLN HE22 H N N 153 
GLN HXT  H N N 154 
GLU N    N N N 155 
GLU CA   C N S 156 
GLU C    C N N 157 
GLU O    O N N 158 
GLU CB   C N N 159 
GLU CG   C N N 160 
GLU CD   C N N 161 
GLU OE1  O N N 162 
GLU OE2  O N N 163 
GLU OXT  O N N 164 
GLU H    H N N 165 
GLU H2   H N N 166 
GLU HA   H N N 167 
GLU HB2  H N N 168 
GLU HB3  H N N 169 
GLU HG2  H N N 170 
GLU HG3  H N N 171 
GLU HE2  H N N 172 
GLU HXT  H N N 173 
GLY N    N N N 174 
GLY CA   C N N 175 
GLY C    C N N 176 
GLY O    O N N 177 
GLY OXT  O N N 178 
GLY H    H N N 179 
GLY H2   H N N 180 
GLY HA2  H N N 181 
GLY HA3  H N N 182 
GLY HXT  H N N 183 
HIS N    N N N 184 
HIS CA   C N S 185 
HIS C    C N N 186 
HIS O    O N N 187 
HIS CB   C N N 188 
HIS CG   C Y N 189 
HIS ND1  N Y N 190 
HIS CD2  C Y N 191 
HIS CE1  C Y N 192 
HIS NE2  N Y N 193 
HIS OXT  O N N 194 
HIS H    H N N 195 
HIS H2   H N N 196 
HIS HA   H N N 197 
HIS HB2  H N N 198 
HIS HB3  H N N 199 
HIS HD1  H N N 200 
HIS HD2  H N N 201 
HIS HE1  H N N 202 
HIS HE2  H N N 203 
HIS HXT  H N N 204 
HOH O    O N N 205 
HOH H1   H N N 206 
HOH H2   H N N 207 
ILE N    N N N 208 
ILE CA   C N S 209 
ILE C    C N N 210 
ILE O    O N N 211 
ILE CB   C N S 212 
ILE CG1  C N N 213 
ILE CG2  C N N 214 
ILE CD1  C N N 215 
ILE OXT  O N N 216 
ILE H    H N N 217 
ILE H2   H N N 218 
ILE HA   H N N 219 
ILE HB   H N N 220 
ILE HG12 H N N 221 
ILE HG13 H N N 222 
ILE HG21 H N N 223 
ILE HG22 H N N 224 
ILE HG23 H N N 225 
ILE HD11 H N N 226 
ILE HD12 H N N 227 
ILE HD13 H N N 228 
ILE HXT  H N N 229 
LEU N    N N N 230 
LEU CA   C N S 231 
LEU C    C N N 232 
LEU O    O N N 233 
LEU CB   C N N 234 
LEU CG   C N N 235 
LEU CD1  C N N 236 
LEU CD2  C N N 237 
LEU OXT  O N N 238 
LEU H    H N N 239 
LEU H2   H N N 240 
LEU HA   H N N 241 
LEU HB2  H N N 242 
LEU HB3  H N N 243 
LEU HG   H N N 244 
LEU HD11 H N N 245 
LEU HD12 H N N 246 
LEU HD13 H N N 247 
LEU HD21 H N N 248 
LEU HD22 H N N 249 
LEU HD23 H N N 250 
LEU HXT  H N N 251 
LYS N    N N N 252 
LYS CA   C N S 253 
LYS C    C N N 254 
LYS O    O N N 255 
LYS CB   C N N 256 
LYS CG   C N N 257 
LYS CD   C N N 258 
LYS CE   C N N 259 
LYS NZ   N N N 260 
LYS OXT  O N N 261 
LYS H    H N N 262 
LYS H2   H N N 263 
LYS HA   H N N 264 
LYS HB2  H N N 265 
LYS HB3  H N N 266 
LYS HG2  H N N 267 
LYS HG3  H N N 268 
LYS HD2  H N N 269 
LYS HD3  H N N 270 
LYS HE2  H N N 271 
LYS HE3  H N N 272 
LYS HZ1  H N N 273 
LYS HZ2  H N N 274 
LYS HZ3  H N N 275 
LYS HXT  H N N 276 
MET N    N N N 277 
MET CA   C N S 278 
MET C    C N N 279 
MET O    O N N 280 
MET CB   C N N 281 
MET CG   C N N 282 
MET SD   S N N 283 
MET CE   C N N 284 
MET OXT  O N N 285 
MET H    H N N 286 
MET H2   H N N 287 
MET HA   H N N 288 
MET HB2  H N N 289 
MET HB3  H N N 290 
MET HG2  H N N 291 
MET HG3  H N N 292 
MET HE1  H N N 293 
MET HE2  H N N 294 
MET HE3  H N N 295 
MET HXT  H N N 296 
NAG C1   C N R 297 
NAG C2   C N R 298 
NAG C3   C N R 299 
NAG C4   C N S 300 
NAG C5   C N R 301 
NAG C6   C N N 302 
NAG C7   C N N 303 
NAG C8   C N N 304 
NAG N2   N N N 305 
NAG O1   O N N 306 
NAG O3   O N N 307 
NAG O4   O N N 308 
NAG O5   O N N 309 
NAG O6   O N N 310 
NAG O7   O N N 311 
NAG H1   H N N 312 
NAG H2   H N N 313 
NAG H3   H N N 314 
NAG H4   H N N 315 
NAG H5   H N N 316 
NAG H61  H N N 317 
NAG H62  H N N 318 
NAG H81  H N N 319 
NAG H82  H N N 320 
NAG H83  H N N 321 
NAG HN2  H N N 322 
NAG HO1  H N N 323 
NAG HO3  H N N 324 
NAG HO4  H N N 325 
NAG HO6  H N N 326 
PHE N    N N N 327 
PHE CA   C N S 328 
PHE C    C N N 329 
PHE O    O N N 330 
PHE CB   C N N 331 
PHE CG   C Y N 332 
PHE CD1  C Y N 333 
PHE CD2  C Y N 334 
PHE CE1  C Y N 335 
PHE CE2  C Y N 336 
PHE CZ   C Y N 337 
PHE OXT  O N N 338 
PHE H    H N N 339 
PHE H2   H N N 340 
PHE HA   H N N 341 
PHE HB2  H N N 342 
PHE HB3  H N N 343 
PHE HD1  H N N 344 
PHE HD2  H N N 345 
PHE HE1  H N N 346 
PHE HE2  H N N 347 
PHE HZ   H N N 348 
PHE HXT  H N N 349 
PRO N    N N N 350 
PRO CA   C N S 351 
PRO C    C N N 352 
PRO O    O N N 353 
PRO CB   C N N 354 
PRO CG   C N N 355 
PRO CD   C N N 356 
PRO OXT  O N N 357 
PRO H    H N N 358 
PRO HA   H N N 359 
PRO HB2  H N N 360 
PRO HB3  H N N 361 
PRO HG2  H N N 362 
PRO HG3  H N N 363 
PRO HD2  H N N 364 
PRO HD3  H N N 365 
PRO HXT  H N N 366 
SER N    N N N 367 
SER CA   C N S 368 
SER C    C N N 369 
SER O    O N N 370 
SER CB   C N N 371 
SER OG   O N N 372 
SER OXT  O N N 373 
SER H    H N N 374 
SER H2   H N N 375 
SER HA   H N N 376 
SER HB2  H N N 377 
SER HB3  H N N 378 
SER HG   H N N 379 
SER HXT  H N N 380 
THR N    N N N 381 
THR CA   C N S 382 
THR C    C N N 383 
THR O    O N N 384 
THR CB   C N R 385 
THR OG1  O N N 386 
THR CG2  C N N 387 
THR OXT  O N N 388 
THR H    H N N 389 
THR H2   H N N 390 
THR HA   H N N 391 
THR HB   H N N 392 
THR HG1  H N N 393 
THR HG21 H N N 394 
THR HG22 H N N 395 
THR HG23 H N N 396 
THR HXT  H N N 397 
TRP N    N N N 398 
TRP CA   C N S 399 
TRP C    C N N 400 
TRP O    O N N 401 
TRP CB   C N N 402 
TRP CG   C Y N 403 
TRP CD1  C Y N 404 
TRP CD2  C Y N 405 
TRP NE1  N Y N 406 
TRP CE2  C Y N 407 
TRP CE3  C Y N 408 
TRP CZ2  C Y N 409 
TRP CZ3  C Y N 410 
TRP CH2  C Y N 411 
TRP OXT  O N N 412 
TRP H    H N N 413 
TRP H2   H N N 414 
TRP HA   H N N 415 
TRP HB2  H N N 416 
TRP HB3  H N N 417 
TRP HD1  H N N 418 
TRP HE1  H N N 419 
TRP HE3  H N N 420 
TRP HZ2  H N N 421 
TRP HZ3  H N N 422 
TRP HH2  H N N 423 
TRP HXT  H N N 424 
TYR N    N N N 425 
TYR CA   C N S 426 
TYR C    C N N 427 
TYR O    O N N 428 
TYR CB   C N N 429 
TYR CG   C Y N 430 
TYR CD1  C Y N 431 
TYR CD2  C Y N 432 
TYR CE1  C Y N 433 
TYR CE2  C Y N 434 
TYR CZ   C Y N 435 
TYR OH   O N N 436 
TYR OXT  O N N 437 
TYR H    H N N 438 
TYR H2   H N N 439 
TYR HA   H N N 440 
TYR HB2  H N N 441 
TYR HB3  H N N 442 
TYR HD1  H N N 443 
TYR HD2  H N N 444 
TYR HE1  H N N 445 
TYR HE2  H N N 446 
TYR HH   H N N 447 
TYR HXT  H N N 448 
VAL N    N N N 449 
VAL CA   C N S 450 
VAL C    C N N 451 
VAL O    O N N 452 
VAL CB   C N N 453 
VAL CG1  C N N 454 
VAL CG2  C N N 455 
VAL OXT  O N N 456 
VAL H    H N N 457 
VAL H2   H N N 458 
VAL HA   H N N 459 
VAL HB   H N N 460 
VAL HG11 H N N 461 
VAL HG12 H N N 462 
VAL HG13 H N N 463 
VAL HG21 H N N 464 
VAL HG22 H N N 465 
VAL HG23 H N N 466 
VAL HXT  H N N 467 
# 
loop_
_chem_comp_bond.comp_id 
_chem_comp_bond.atom_id_1 
_chem_comp_bond.atom_id_2 
_chem_comp_bond.value_order 
_chem_comp_bond.pdbx_aromatic_flag 
_chem_comp_bond.pdbx_stereo_config 
_chem_comp_bond.pdbx_ordinal 
ALA N   CA   sing N N 1   
ALA N   H    sing N N 2   
ALA N   H2   sing N N 3   
ALA CA  C    sing N N 4   
ALA CA  CB   sing N N 5   
ALA CA  HA   sing N N 6   
ALA C   O    doub N N 7   
ALA C   OXT  sing N N 8   
ALA CB  HB1  sing N N 9   
ALA CB  HB2  sing N N 10  
ALA CB  HB3  sing N N 11  
ALA OXT HXT  sing N N 12  
ARG N   CA   sing N N 13  
ARG N   H    sing N N 14  
ARG N   H2   sing N N 15  
ARG CA  C    sing N N 16  
ARG CA  CB   sing N N 17  
ARG CA  HA   sing N N 18  
ARG C   O    doub N N 19  
ARG C   OXT  sing N N 20  
ARG CB  CG   sing N N 21  
ARG CB  HB2  sing N N 22  
ARG CB  HB3  sing N N 23  
ARG CG  CD   sing N N 24  
ARG CG  HG2  sing N N 25  
ARG CG  HG3  sing N N 26  
ARG CD  NE   sing N N 27  
ARG CD  HD2  sing N N 28  
ARG CD  HD3  sing N N 29  
ARG NE  CZ   sing N N 30  
ARG NE  HE   sing N N 31  
ARG CZ  NH1  sing N N 32  
ARG CZ  NH2  doub N N 33  
ARG NH1 HH11 sing N N 34  
ARG NH1 HH12 sing N N 35  
ARG NH2 HH21 sing N N 36  
ARG NH2 HH22 sing N N 37  
ARG OXT HXT  sing N N 38  
ASN N   CA   sing N N 39  
ASN N   H    sing N N 40  
ASN N   H2   sing N N 41  
ASN CA  C    sing N N 42  
ASN CA  CB   sing N N 43  
ASN CA  HA   sing N N 44  
ASN C   O    doub N N 45  
ASN C   OXT  sing N N 46  
ASN CB  CG   sing N N 47  
ASN CB  HB2  sing N N 48  
ASN CB  HB3  sing N N 49  
ASN CG  OD1  doub N N 50  
ASN CG  ND2  sing N N 51  
ASN ND2 HD21 sing N N 52  
ASN ND2 HD22 sing N N 53  
ASN OXT HXT  sing N N 54  
ASP N   CA   sing N N 55  
ASP N   H    sing N N 56  
ASP N   H2   sing N N 57  
ASP CA  C    sing N N 58  
ASP CA  CB   sing N N 59  
ASP CA  HA   sing N N 60  
ASP C   O    doub N N 61  
ASP C   OXT  sing N N 62  
ASP CB  CG   sing N N 63  
ASP CB  HB2  sing N N 64  
ASP CB  HB3  sing N N 65  
ASP CG  OD1  doub N N 66  
ASP CG  OD2  sing N N 67  
ASP OD2 HD2  sing N N 68  
ASP OXT HXT  sing N N 69  
CYS N   CA   sing N N 70  
CYS N   H    sing N N 71  
CYS N   H2   sing N N 72  
CYS CA  C    sing N N 73  
CYS CA  CB   sing N N 74  
CYS CA  HA   sing N N 75  
CYS C   O    doub N N 76  
CYS C   OXT  sing N N 77  
CYS CB  SG   sing N N 78  
CYS CB  HB2  sing N N 79  
CYS CB  HB3  sing N N 80  
CYS SG  HG   sing N N 81  
CYS OXT HXT  sing N N 82  
FUC C1  C2   sing N N 83  
FUC C1  O1   sing N N 84  
FUC C1  O5   sing N N 85  
FUC C1  H1   sing N N 86  
FUC C2  C3   sing N N 87  
FUC C2  O2   sing N N 88  
FUC C2  H2   sing N N 89  
FUC C3  C4   sing N N 90  
FUC C3  O3   sing N N 91  
FUC C3  H3   sing N N 92  
FUC C4  C5   sing N N 93  
FUC C4  O4   sing N N 94  
FUC C4  H4   sing N N 95  
FUC C5  C6   sing N N 96  
FUC C5  O5   sing N N 97  
FUC C5  H5   sing N N 98  
FUC C6  H61  sing N N 99  
FUC C6  H62  sing N N 100 
FUC C6  H63  sing N N 101 
FUC O1  HO1  sing N N 102 
FUC O2  HO2  sing N N 103 
FUC O3  HO3  sing N N 104 
FUC O4  HO4  sing N N 105 
GAL C1  C2   sing N N 106 
GAL C1  O1   sing N N 107 
GAL C1  O5   sing N N 108 
GAL C1  H1   sing N N 109 
GAL C2  C3   sing N N 110 
GAL C2  O2   sing N N 111 
GAL C2  H2   sing N N 112 
GAL C3  C4   sing N N 113 
GAL C3  O3   sing N N 114 
GAL C3  H3   sing N N 115 
GAL C4  C5   sing N N 116 
GAL C4  O4   sing N N 117 
GAL C4  H4   sing N N 118 
GAL C5  C6   sing N N 119 
GAL C5  O5   sing N N 120 
GAL C5  H5   sing N N 121 
GAL C6  O6   sing N N 122 
GAL C6  H61  sing N N 123 
GAL C6  H62  sing N N 124 
GAL O1  HO1  sing N N 125 
GAL O2  HO2  sing N N 126 
GAL O3  HO3  sing N N 127 
GAL O4  HO4  sing N N 128 
GAL O6  HO6  sing N N 129 
GLN N   CA   sing N N 130 
GLN N   H    sing N N 131 
GLN N   H2   sing N N 132 
GLN CA  C    sing N N 133 
GLN CA  CB   sing N N 134 
GLN CA  HA   sing N N 135 
GLN C   O    doub N N 136 
GLN C   OXT  sing N N 137 
GLN CB  CG   sing N N 138 
GLN CB  HB2  sing N N 139 
GLN CB  HB3  sing N N 140 
GLN CG  CD   sing N N 141 
GLN CG  HG2  sing N N 142 
GLN CG  HG3  sing N N 143 
GLN CD  OE1  doub N N 144 
GLN CD  NE2  sing N N 145 
GLN NE2 HE21 sing N N 146 
GLN NE2 HE22 sing N N 147 
GLN OXT HXT  sing N N 148 
GLU N   CA   sing N N 149 
GLU N   H    sing N N 150 
GLU N   H2   sing N N 151 
GLU CA  C    sing N N 152 
GLU CA  CB   sing N N 153 
GLU CA  HA   sing N N 154 
GLU C   O    doub N N 155 
GLU C   OXT  sing N N 156 
GLU CB  CG   sing N N 157 
GLU CB  HB2  sing N N 158 
GLU CB  HB3  sing N N 159 
GLU CG  CD   sing N N 160 
GLU CG  HG2  sing N N 161 
GLU CG  HG3  sing N N 162 
GLU CD  OE1  doub N N 163 
GLU CD  OE2  sing N N 164 
GLU OE2 HE2  sing N N 165 
GLU OXT HXT  sing N N 166 
GLY N   CA   sing N N 167 
GLY N   H    sing N N 168 
GLY N   H2   sing N N 169 
GLY CA  C    sing N N 170 
GLY CA  HA2  sing N N 171 
GLY CA  HA3  sing N N 172 
GLY C   O    doub N N 173 
GLY C   OXT  sing N N 174 
GLY OXT HXT  sing N N 175 
HIS N   CA   sing N N 176 
HIS N   H    sing N N 177 
HIS N   H2   sing N N 178 
HIS CA  C    sing N N 179 
HIS CA  CB   sing N N 180 
HIS CA  HA   sing N N 181 
HIS C   O    doub N N 182 
HIS C   OXT  sing N N 183 
HIS CB  CG   sing N N 184 
HIS CB  HB2  sing N N 185 
HIS CB  HB3  sing N N 186 
HIS CG  ND1  sing Y N 187 
HIS CG  CD2  doub Y N 188 
HIS ND1 CE1  doub Y N 189 
HIS ND1 HD1  sing N N 190 
HIS CD2 NE2  sing Y N 191 
HIS CD2 HD2  sing N N 192 
HIS CE1 NE2  sing Y N 193 
HIS CE1 HE1  sing N N 194 
HIS NE2 HE2  sing N N 195 
HIS OXT HXT  sing N N 196 
HOH O   H1   sing N N 197 
HOH O   H2   sing N N 198 
ILE N   CA   sing N N 199 
ILE N   H    sing N N 200 
ILE N   H2   sing N N 201 
ILE CA  C    sing N N 202 
ILE CA  CB   sing N N 203 
ILE CA  HA   sing N N 204 
ILE C   O    doub N N 205 
ILE C   OXT  sing N N 206 
ILE CB  CG1  sing N N 207 
ILE CB  CG2  sing N N 208 
ILE CB  HB   sing N N 209 
ILE CG1 CD1  sing N N 210 
ILE CG1 HG12 sing N N 211 
ILE CG1 HG13 sing N N 212 
ILE CG2 HG21 sing N N 213 
ILE CG2 HG22 sing N N 214 
ILE CG2 HG23 sing N N 215 
ILE CD1 HD11 sing N N 216 
ILE CD1 HD12 sing N N 217 
ILE CD1 HD13 sing N N 218 
ILE OXT HXT  sing N N 219 
LEU N   CA   sing N N 220 
LEU N   H    sing N N 221 
LEU N   H2   sing N N 222 
LEU CA  C    sing N N 223 
LEU CA  CB   sing N N 224 
LEU CA  HA   sing N N 225 
LEU C   O    doub N N 226 
LEU C   OXT  sing N N 227 
LEU CB  CG   sing N N 228 
LEU CB  HB2  sing N N 229 
LEU CB  HB3  sing N N 230 
LEU CG  CD1  sing N N 231 
LEU CG  CD2  sing N N 232 
LEU CG  HG   sing N N 233 
LEU CD1 HD11 sing N N 234 
LEU CD1 HD12 sing N N 235 
LEU CD1 HD13 sing N N 236 
LEU CD2 HD21 sing N N 237 
LEU CD2 HD22 sing N N 238 
LEU CD2 HD23 sing N N 239 
LEU OXT HXT  sing N N 240 
LYS N   CA   sing N N 241 
LYS N   H    sing N N 242 
LYS N   H2   sing N N 243 
LYS CA  C    sing N N 244 
LYS CA  CB   sing N N 245 
LYS CA  HA   sing N N 246 
LYS C   O    doub N N 247 
LYS C   OXT  sing N N 248 
LYS CB  CG   sing N N 249 
LYS CB  HB2  sing N N 250 
LYS CB  HB3  sing N N 251 
LYS CG  CD   sing N N 252 
LYS CG  HG2  sing N N 253 
LYS CG  HG3  sing N N 254 
LYS CD  CE   sing N N 255 
LYS CD  HD2  sing N N 256 
LYS CD  HD3  sing N N 257 
LYS CE  NZ   sing N N 258 
LYS CE  HE2  sing N N 259 
LYS CE  HE3  sing N N 260 
LYS NZ  HZ1  sing N N 261 
LYS NZ  HZ2  sing N N 262 
LYS NZ  HZ3  sing N N 263 
LYS OXT HXT  sing N N 264 
MET N   CA   sing N N 265 
MET N   H    sing N N 266 
MET N   H2   sing N N 267 
MET CA  C    sing N N 268 
MET CA  CB   sing N N 269 
MET CA  HA   sing N N 270 
MET C   O    doub N N 271 
MET C   OXT  sing N N 272 
MET CB  CG   sing N N 273 
MET CB  HB2  sing N N 274 
MET CB  HB3  sing N N 275 
MET CG  SD   sing N N 276 
MET CG  HG2  sing N N 277 
MET CG  HG3  sing N N 278 
MET SD  CE   sing N N 279 
MET CE  HE1  sing N N 280 
MET CE  HE2  sing N N 281 
MET CE  HE3  sing N N 282 
MET OXT HXT  sing N N 283 
NAG C1  C2   sing N N 284 
NAG C1  O1   sing N N 285 
NAG C1  O5   sing N N 286 
NAG C1  H1   sing N N 287 
NAG C2  C3   sing N N 288 
NAG C2  N2   sing N N 289 
NAG C2  H2   sing N N 290 
NAG C3  C4   sing N N 291 
NAG C3  O3   sing N N 292 
NAG C3  H3   sing N N 293 
NAG C4  C5   sing N N 294 
NAG C4  O4   sing N N 295 
NAG C4  H4   sing N N 296 
NAG C5  C6   sing N N 297 
NAG C5  O5   sing N N 298 
NAG C5  H5   sing N N 299 
NAG C6  O6   sing N N 300 
NAG C6  H61  sing N N 301 
NAG C6  H62  sing N N 302 
NAG C7  C8   sing N N 303 
NAG C7  N2   sing N N 304 
NAG C7  O7   doub N N 305 
NAG C8  H81  sing N N 306 
NAG C8  H82  sing N N 307 
NAG C8  H83  sing N N 308 
NAG N2  HN2  sing N N 309 
NAG O1  HO1  sing N N 310 
NAG O3  HO3  sing N N 311 
NAG O4  HO4  sing N N 312 
NAG O6  HO6  sing N N 313 
PHE N   CA   sing N N 314 
PHE N   H    sing N N 315 
PHE N   H2   sing N N 316 
PHE CA  C    sing N N 317 
PHE CA  CB   sing N N 318 
PHE CA  HA   sing N N 319 
PHE C   O    doub N N 320 
PHE C   OXT  sing N N 321 
PHE CB  CG   sing N N 322 
PHE CB  HB2  sing N N 323 
PHE CB  HB3  sing N N 324 
PHE CG  CD1  doub Y N 325 
PHE CG  CD2  sing Y N 326 
PHE CD1 CE1  sing Y N 327 
PHE CD1 HD1  sing N N 328 
PHE CD2 CE2  doub Y N 329 
PHE CD2 HD2  sing N N 330 
PHE CE1 CZ   doub Y N 331 
PHE CE1 HE1  sing N N 332 
PHE CE2 CZ   sing Y N 333 
PHE CE2 HE2  sing N N 334 
PHE CZ  HZ   sing N N 335 
PHE OXT HXT  sing N N 336 
PRO N   CA   sing N N 337 
PRO N   CD   sing N N 338 
PRO N   H    sing N N 339 
PRO CA  C    sing N N 340 
PRO CA  CB   sing N N 341 
PRO CA  HA   sing N N 342 
PRO C   O    doub N N 343 
PRO C   OXT  sing N N 344 
PRO CB  CG   sing N N 345 
PRO CB  HB2  sing N N 346 
PRO CB  HB3  sing N N 347 
PRO CG  CD   sing N N 348 
PRO CG  HG2  sing N N 349 
PRO CG  HG3  sing N N 350 
PRO CD  HD2  sing N N 351 
PRO CD  HD3  sing N N 352 
PRO OXT HXT  sing N N 353 
SER N   CA   sing N N 354 
SER N   H    sing N N 355 
SER N   H2   sing N N 356 
SER CA  C    sing N N 357 
SER CA  CB   sing N N 358 
SER CA  HA   sing N N 359 
SER C   O    doub N N 360 
SER C   OXT  sing N N 361 
SER CB  OG   sing N N 362 
SER CB  HB2  sing N N 363 
SER CB  HB3  sing N N 364 
SER OG  HG   sing N N 365 
SER OXT HXT  sing N N 366 
THR N   CA   sing N N 367 
THR N   H    sing N N 368 
THR N   H2   sing N N 369 
THR CA  C    sing N N 370 
THR CA  CB   sing N N 371 
THR CA  HA   sing N N 372 
THR C   O    doub N N 373 
THR C   OXT  sing N N 374 
THR CB  OG1  sing N N 375 
THR CB  CG2  sing N N 376 
THR CB  HB   sing N N 377 
THR OG1 HG1  sing N N 378 
THR CG2 HG21 sing N N 379 
THR CG2 HG22 sing N N 380 
THR CG2 HG23 sing N N 381 
THR OXT HXT  sing N N 382 
TRP N   CA   sing N N 383 
TRP N   H    sing N N 384 
TRP N   H2   sing N N 385 
TRP CA  C    sing N N 386 
TRP CA  CB   sing N N 387 
TRP CA  HA   sing N N 388 
TRP C   O    doub N N 389 
TRP C   OXT  sing N N 390 
TRP CB  CG   sing N N 391 
TRP CB  HB2  sing N N 392 
TRP CB  HB3  sing N N 393 
TRP CG  CD1  doub Y N 394 
TRP CG  CD2  sing Y N 395 
TRP CD1 NE1  sing Y N 396 
TRP CD1 HD1  sing N N 397 
TRP CD2 CE2  doub Y N 398 
TRP CD2 CE3  sing Y N 399 
TRP NE1 CE2  sing Y N 400 
TRP NE1 HE1  sing N N 401 
TRP CE2 CZ2  sing Y N 402 
TRP CE3 CZ3  doub Y N 403 
TRP CE3 HE3  sing N N 404 
TRP CZ2 CH2  doub Y N 405 
TRP CZ2 HZ2  sing N N 406 
TRP CZ3 CH2  sing Y N 407 
TRP CZ3 HZ3  sing N N 408 
TRP CH2 HH2  sing N N 409 
TRP OXT HXT  sing N N 410 
TYR N   CA   sing N N 411 
TYR N   H    sing N N 412 
TYR N   H2   sing N N 413 
TYR CA  C    sing N N 414 
TYR CA  CB   sing N N 415 
TYR CA  HA   sing N N 416 
TYR C   O    doub N N 417 
TYR C   OXT  sing N N 418 
TYR CB  CG   sing N N 419 
TYR CB  HB2  sing N N 420 
TYR CB  HB3  sing N N 421 
TYR CG  CD1  doub Y N 422 
TYR CG  CD2  sing Y N 423 
TYR CD1 CE1  sing Y N 424 
TYR CD1 HD1  sing N N 425 
TYR CD2 CE2  doub Y N 426 
TYR CD2 HD2  sing N N 427 
TYR CE1 CZ   doub Y N 428 
TYR CE1 HE1  sing N N 429 
TYR CE2 CZ   sing Y N 430 
TYR CE2 HE2  sing N N 431 
TYR CZ  OH   sing N N 432 
TYR OH  HH   sing N N 433 
TYR OXT HXT  sing N N 434 
VAL N   CA   sing N N 435 
VAL N   H    sing N N 436 
VAL N   H2   sing N N 437 
VAL CA  C    sing N N 438 
VAL CA  CB   sing N N 439 
VAL CA  HA   sing N N 440 
VAL C   O    doub N N 441 
VAL C   OXT  sing N N 442 
VAL CB  CG1  sing N N 443 
VAL CB  CG2  sing N N 444 
VAL CB  HB   sing N N 445 
VAL CG1 HG11 sing N N 446 
VAL CG1 HG12 sing N N 447 
VAL CG1 HG13 sing N N 448 
VAL CG2 HG21 sing N N 449 
VAL CG2 HG22 sing N N 450 
VAL CG2 HG23 sing N N 451 
VAL OXT HXT  sing N N 452 
# 
_pdbx_audit_support.funding_organization   'H2020 Marie Curie Actions of the European Commission' 
_pdbx_audit_support.country                France 
_pdbx_audit_support.grant_number           765581 
_pdbx_audit_support.ordinal                1 
# 
loop_
_pdbx_entity_branch_list.entity_id 
_pdbx_entity_branch_list.comp_id 
_pdbx_entity_branch_list.num 
_pdbx_entity_branch_list.hetero 
2 GAL 1 n 
2 NAG 2 n 
2 GAL 3 n 
2 FUC 4 n 
2 FUC 5 n 
# 
loop_
_pdbx_entity_instance_feature.ordinal 
_pdbx_entity_instance_feature.comp_id 
_pdbx_entity_instance_feature.asym_id 
_pdbx_entity_instance_feature.seq_num 
_pdbx_entity_instance_feature.auth_comp_id 
_pdbx_entity_instance_feature.auth_asym_id 
_pdbx_entity_instance_feature.auth_seq_num 
_pdbx_entity_instance_feature.feature_type 
_pdbx_entity_instance_feature.details 
1 FUC ? ? FUC ? ? 'SUBJECT OF INVESTIGATION' ? 
2 GAL ? ? GAL ? ? 'SUBJECT OF INVESTIGATION' ? 
3 NAG ? ? NAG ? ? 'SUBJECT OF INVESTIGATION' ? 
# 
_pdbx_initial_refinement_model.id               1 
_pdbx_initial_refinement_model.entity_id_list   ? 
_pdbx_initial_refinement_model.type             'experimental model' 
_pdbx_initial_refinement_model.source_name      PDB 
_pdbx_initial_refinement_model.accession_code   2WQ4 
_pdbx_initial_refinement_model.details          ? 
# 
_atom_sites.entry_id                    7OLN 
_atom_sites.Cartn_transf_matrix[1][1]   ? 
_atom_sites.Cartn_transf_matrix[1][2]   ? 
_atom_sites.Cartn_transf_matrix[1][3]   ? 
_atom_sites.Cartn_transf_matrix[2][1]   ? 
_atom_sites.Cartn_transf_matrix[2][2]   ? 
_atom_sites.Cartn_transf_matrix[2][3]   ? 
_atom_sites.Cartn_transf_matrix[3][1]   ? 
_atom_sites.Cartn_transf_matrix[3][2]   ? 
_atom_sites.Cartn_transf_matrix[3][3]   ? 
_atom_sites.Cartn_transf_vector[1]      ? 
_atom_sites.Cartn_transf_vector[2]      ? 
_atom_sites.Cartn_transf_vector[3]      ? 
_atom_sites.fract_transf_matrix[1][1]   0.02457165 
_atom_sites.fract_transf_matrix[1][2]   0.00533717 
_atom_sites.fract_transf_matrix[1][3]   0.00962582 
_atom_sites.fract_transf_matrix[2][1]   0.00385397 
_atom_sites.fract_transf_matrix[2][2]   0.02130672 
_atom_sites.fract_transf_matrix[2][3]   0.01600226 
_atom_sites.fract_transf_matrix[3][1]   -0.00061504 
_atom_sites.fract_transf_matrix[3][2]   -0.00182991 
_atom_sites.fract_transf_matrix[3][3]   0.00258462 
_atom_sites.fract_transf_vector[1]      0.341852 
_atom_sites.fract_transf_vector[2]      0.396416 
_atom_sites.fract_transf_vector[3]      0.076612 
_atom_sites.solution_primary            ? 
_atom_sites.solution_secondary          ? 
_atom_sites.solution_hydrogens          ? 
_atom_sites.special_details             ? 
# 
loop_
_atom_type.symbol 
_atom_type.pdbx_scat_Z 
_atom_type.pdbx_N_electrons 
_atom_type.scat_Cromer_Mann_a1 
_atom_type.scat_Cromer_Mann_b1 
_atom_type.scat_Cromer_Mann_a2 
_atom_type.scat_Cromer_Mann_b2 
_atom_type.scat_Cromer_Mann_a3 
_atom_type.scat_Cromer_Mann_b3 
_atom_type.scat_Cromer_Mann_a4 
_atom_type.scat_Cromer_Mann_b4 
_atom_type.scat_Cromer_Mann_c 
C 6  6  2.310  20.844 1.020 10.208 1.589 0.569  0.865 51.651 0.216   
H 1  1  0.493  10.511 0.323 26.126 0.140 3.142  0.041 57.800 0.003   
N 7  7  12.222 0.006  3.135 9.893  2.014 28.997 1.167 0.583  -11.538 
O 8  8  3.049  13.277 2.287 5.701  1.546 0.324  0.867 32.909 0.251   
S 16 16 6.905  1.468  5.203 22.215 1.438 0.254  1.586 56.172 1.050   
# 
loop_
_atom_site.group_PDB 
_atom_site.id 
_atom_site.type_symbol 
_atom_site.label_atom_id 
_atom_site.label_alt_id 
_atom_site.label_comp_id 
_atom_site.label_asym_id 
_atom_site.label_entity_id 
_atom_site.label_seq_id 
_atom_site.pdbx_PDB_ins_code 
_atom_site.Cartn_x 
_atom_site.Cartn_y 
_atom_site.Cartn_z 
_atom_site.occupancy 
_atom_site.B_iso_or_equiv 
_atom_site.pdbx_formal_charge 
_atom_site.auth_seq_id 
_atom_site.auth_comp_id 
_atom_site.auth_asym_id 
_atom_site.auth_atom_id 
_atom_site.pdbx_PDB_model_num 
_atom_site.calc_flag 
ATOM   1    N N   . GLY A 1 1   ? -3.423  16.042  -20.698 0.500 47.181 0 -2  GLY AAA N   1 ? 
ATOM   2    C CA  . GLY A 1 1   ? -2.686  15.369  -19.614 0.500 47.565 0 -2  GLY AAA CA  1 ? 
ATOM   3    C C   . GLY A 1 1   ? -1.501  16.177  -19.130 0.500 49.288 0 -2  GLY AAA C   1 ? 
ATOM   4    O O   . GLY A 1 1   ? -0.471  15.555  -18.857 0.500 52.512 0 -2  GLY AAA O   1 ? 
ATOM   5    N N   . HIS A 1 2   ? -1.633  17.505  -18.998 1.000 54.562 0 -1  HIS AAA N   1 ? 
ATOM   6    C CA  . HIS A 1 2   ? -0.566  18.405  -18.470 1.000 59.613 0 -1  HIS AAA CA  1 ? 
ATOM   7    C C   . HIS A 1 2   ? -0.296  18.102  -16.985 1.000 62.790 0 -1  HIS AAA C   1 ? 
ATOM   8    O O   . HIS A 1 2   ? 0.897   18.140  -16.594 1.000 78.813 0 -1  HIS AAA O   1 ? 
ATOM   9    C CB  . HIS A 1 2   ? -0.915  19.897  -18.658 1.000 45.427 0 -1  HIS AAA CB  1 ? 
ATOM   10   N N   . MET A 1 3   ? -1.346  17.812  -16.198 1.000 61.014 0 0   MET AAA N   1 ? 
ATOM   11   C CA  . MET A 1 3   ? -1.275  17.606  -14.714 1.000 61.780 0 0   MET AAA CA  1 ? 
ATOM   12   C C   . MET A 1 3   ? -1.872  16.251  -14.314 1.000 49.189 0 0   MET AAA C   1 ? 
ATOM   13   O O   . MET A 1 3   ? -2.881  16.222  -13.648 1.000 44.815 0 0   MET AAA O   1 ? 
ATOM   14   C CB  . MET A 1 3   ? -2.039  18.721  -13.988 1.000 70.985 0 0   MET AAA CB  1 ? 
ATOM   15   C CG  . MET A 1 3   ? -1.456  20.116  -14.204 1.000 76.212 0 0   MET AAA CG  1 ? 
ATOM   16   S SD  . MET A 1 3   ? -2.564  21.427  -13.650 1.000 87.737 0 0   MET AAA SD  1 ? 
ATOM   17   C CE  . MET A 1 3   ? -3.491  20.579  -12.372 1.000 88.760 0 0   MET AAA CE  1 ? 
ATOM   18   N N   . PRO A 1 4   ? -1.261  15.100  -14.673 1.000 42.289 0 1   PRO AAA N   1 ? 
ATOM   19   C CA  . PRO A 1 4   ? -1.907  13.790  -14.538 1.000 50.057 0 1   PRO AAA CA  1 ? 
ATOM   20   C C   . PRO A 1 4   ? -2.057  13.296  -13.084 1.000 40.985 0 1   PRO AAA C   1 ? 
ATOM   21   O O   . PRO A 1 4   ? -1.145  13.502  -12.267 1.000 40.989 0 1   PRO AAA O   1 ? 
ATOM   22   C CB  . PRO A 1 4   ? -1.015  12.817  -15.322 1.000 52.643 0 1   PRO AAA CB  1 ? 
ATOM   23   C CG  . PRO A 1 4   ? 0.034   13.698  -15.991 1.000 52.180 0 1   PRO AAA CG  1 ? 
ATOM   24   C CD  . PRO A 1 4   ? 0.105   14.982  -15.186 1.000 50.814 0 1   PRO AAA CD  1 ? 
ATOM   25   N N   . LEU A 1 5   ? -3.257  12.789  -12.772 1.000 34.816 0 2   LEU AAA N   1 ? 
ATOM   26   C CA  . LEU A 1 5   ? -3.597  12.114  -11.474 1.000 31.548 0 2   LEU AAA CA  1 ? 
ATOM   27   C C   . LEU A 1 5   ? -3.739  10.632  -11.773 1.000 29.951 0 2   LEU AAA C   1 ? 
ATOM   28   O O   . LEU A 1 5   ? -4.564  10.314  -12.648 1.000 32.623 0 2   LEU AAA O   1 ? 
ATOM   29   C CB  . LEU A 1 5   ? -4.927  12.606  -10.901 1.000 33.066 0 2   LEU AAA CB  1 ? 
ATOM   30   C CG  . LEU A 1 5   ? -5.029  14.092  -10.615 1.000 40.230 0 2   LEU AAA CG  1 ? 
ATOM   31   C CD1 . LEU A 1 5   ? -6.308  14.416  -9.855  1.000 45.076 0 2   LEU AAA CD1 1 ? 
ATOM   32   C CD2 . LEU A 1 5   ? -3.816  14.622  -9.863  1.000 43.337 0 2   LEU AAA CD2 1 ? 
ATOM   33   N N   . LEU A 1 6   ? -3.005  9.774   -11.064 1.000 29.852 0 3   LEU AAA N   1 ? 
ATOM   34   C CA  . LEU A 1 6   ? -3.085  8.301   -11.260 1.000 29.773 0 3   LEU AAA CA  1 ? 
ATOM   35   C C   . LEU A 1 6   ? -3.863  7.727   -10.072 1.000 30.210 0 3   LEU AAA C   1 ? 
ATOM   36   O O   . LEU A 1 6   ? -3.755  8.256   -8.956  1.000 22.182 0 3   LEU AAA O   1 ? 
ATOM   37   C CB  . LEU A 1 6   ? -1.693  7.687   -11.339 1.000 35.838 0 3   LEU AAA CB  1 ? 
ATOM   38   C CG  . LEU A 1 6   ? -0.686  8.423   -12.209 1.000 44.504 0 3   LEU AAA CG  1 ? 
ATOM   39   C CD1 . LEU A 1 6   ? 0.683   7.767   -12.082 1.000 48.225 0 3   LEU AAA CD1 1 ? 
ATOM   40   C CD2 . LEU A 1 6   ? -1.159  8.449   -13.650 1.000 43.618 0 3   LEU AAA CD2 1 ? 
ATOM   41   N N   . SER A 1 7   ? -4.605  6.663   -10.304 1.000 25.828 0 4   SER AAA N   1 ? 
ATOM   42   C CA  . SER A 1 7   ? -5.417  6.049   -9.246  1.000 29.885 0 4   SER AAA CA  1 ? 
ATOM   43   C C   . SER A 1 7   ? -5.666  4.605   -9.590  1.000 29.612 0 4   SER AAA C   1 ? 
ATOM   44   O O   . SER A 1 7   ? -5.878  4.317   -10.776 1.000 25.264 0 4   SER AAA O   1 ? 
ATOM   45   C CB  . SER A 1 7   ? -6.732  6.768   -9.109  1.000 36.805 0 4   SER AAA CB  1 ? 
ATOM   46   O OG  . SER A 1 7   ? -7.579  6.052   -8.219  1.000 52.930 0 4   SER AAA OG  1 ? 
ATOM   47   N N   . ALA A 1 8   ? -5.775  3.764   -8.569  1.000 21.049 0 5   ALA AAA N   1 ? 
ATOM   48   C CA  . ALA A 1 8   ? -6.187  2.370   -8.721  1.000 22.320 0 5   ALA AAA CA  1 ? 
ATOM   49   C C   . ALA A 1 8   ? -6.922  2.010   -7.450  1.000 21.458 0 5   ALA AAA C   1 ? 
ATOM   50   O O   . ALA A 1 8   ? -6.576  2.505   -6.408  1.000 18.263 0 5   ALA AAA O   1 ? 
ATOM   51   C CB  . ALA A 1 8   ? -4.995  1.447   -8.952  1.000 23.041 0 5   ALA AAA CB  1 ? 
ATOM   52   N N   . SER A 1 9   ? -7.923  1.193   -7.588  1.000 20.246 0 6   SER AAA N   1 ? 
ATOM   53   C CA  . SER A 1 9   ? -8.751  0.826   -6.432  1.000 21.366 0 6   SER AAA CA  1 ? 
ATOM   54   C C   . SER A 1 9   ? -9.114  -0.636  -6.520  1.000 19.811 0 6   SER AAA C   1 ? 
ATOM   55   O O   . SER A 1 9   ? -9.158  -1.155  -7.628  1.000 18.896 0 6   SER AAA O   1 ? 
ATOM   56   C CB  . SER A 1 9   ? -9.917  1.759   -6.290  1.000 24.500 0 6   SER AAA CB  1 ? 
ATOM   57   O OG  . SER A 1 9   ? -10.881 1.563   -7.303  1.000 29.287 0 6   SER AAA OG  1 ? 
ATOM   58   N N   . ILE A 1 10  ? -9.301  -1.272  -5.377  1.000 16.948 0 7   ILE AAA N   1 ? 
ATOM   59   C CA  . ILE A 1 10  ? -9.798  -2.653  -5.270  1.000 20.458 0 7   ILE AAA CA  1 ? 
ATOM   60   C C   . ILE A 1 10  ? -10.913 -2.692  -4.241  1.000 20.476 0 7   ILE AAA C   1 ? 
ATOM   61   O O   . ILE A 1 10  ? -11.053 -1.689  -3.501  1.000 17.590 0 7   ILE AAA O   1 ? 
ATOM   62   C CB  . ILE A 1 10  ? -8.661  -3.631  -4.933  1.000 18.962 0 7   ILE AAA CB  1 ? 
ATOM   63   C CG1 . ILE A 1 10  ? -8.076  -3.335  -3.549  1.000 20.107 0 7   ILE AAA CG1 1 ? 
ATOM   64   C CG2 . ILE A 1 10  ? -7.607  -3.637  -6.039  1.000 19.830 0 7   ILE AAA CG2 1 ? 
ATOM   65   C CD1 . ILE A 1 10  ? -7.175  -4.401  -2.999  1.000 18.650 0 7   ILE AAA CD1 1 ? 
ATOM   66   N N   . VAL A 1 11  ? -11.609 -3.825  -4.129  1.000 17.848 0 8   VAL AAA N   1 ? 
ATOM   67   C CA  . VAL A 1 11  ? -12.645 -4.012  -3.075  1.000 19.050 0 8   VAL AAA CA  1 ? 
ATOM   68   C C   . VAL A 1 11  ? -12.396 -5.291  -2.309  1.000 16.608 0 8   VAL AAA C   1 ? 
ATOM   69   O O   . VAL A 1 11  ? -13.138 -5.584  -1.355  1.000 17.900 0 8   VAL AAA O   1 ? 
ATOM   70   C CB  . VAL A 1 11  ? -14.075 -4.026  -3.664  1.000 21.256 0 8   VAL AAA CB  1 ? 
ATOM   71   C CG1 . VAL A 1 11  ? -14.458 -2.675  -4.262  1.000 22.206 0 8   VAL AAA CG1 1 ? 
ATOM   72   C CG2 . VAL A 1 11  ? -14.238 -5.179  -4.660  1.000 22.695 0 8   VAL AAA CG2 1 ? 
ATOM   73   N N   . SER A 1 12  ? -11.406 -6.063  -2.699  1.000 17.644 0 9   SER AAA N   1 ? 
ATOM   74   C CA  . SER A 1 12  ? -11.089 -7.335  -2.017  1.000 18.982 0 9   SER AAA CA  1 ? 
ATOM   75   C C   . SER A 1 12  ? -9.701  -7.811  -2.436  1.000 19.232 0 9   SER AAA C   1 ? 
ATOM   76   O O   . SER A 1 12  ? -9.138  -7.364  -3.459  1.000 17.052 0 9   SER AAA O   1 ? 
ATOM   77   C CB  . SER A 1 12  ? -12.134 -8.432  -2.281  1.000 21.231 0 9   SER AAA CB  1 ? 
ATOM   78   O OG  . SER A 1 12  ? -12.079 -8.844  -3.639  1.000 19.919 0 9   SER AAA OG  1 ? 
ATOM   79   N N   . ALA A 1 13  ? -9.188  -8.743  -1.675  1.000 17.603 0 10  ALA AAA N   1 ? 
ATOM   80   C CA  . ALA A 1 13  ? -7.962  -9.474  -2.069  1.000 19.746 0 10  ALA AAA CA  1 ? 
ATOM   81   C C   . ALA A 1 13  ? -8.040  -10.830 -1.437  1.000 19.356 0 10  ALA AAA C   1 ? 
ATOM   82   O O   . ALA A 1 13  ? -8.572  -10.962 -0.329  1.000 19.171 0 10  ALA AAA O   1 ? 
ATOM   83   C CB  . ALA A 1 13  ? -6.709  -8.723  -1.641  1.000 21.702 0 10  ALA AAA CB  1 ? 
ATOM   84   N N   . PRO A 1 14  ? -7.497  -11.877 -2.099  1.000 18.005 0 11  PRO AAA N   1 ? 
ATOM   85   C CA  . PRO A 1 14  ? -7.396  -13.186 -1.450  1.000 19.227 0 11  PRO AAA CA  1 ? 
ATOM   86   C C   . PRO A 1 14  ? -6.666  -13.025 -0.111  1.000 19.243 0 11  PRO AAA C   1 ? 
ATOM   87   O O   . PRO A 1 14  ? -5.686  -12.288 -0.012  1.000 22.421 0 11  PRO AAA O   1 ? 
ATOM   88   C CB  . PRO A 1 14  ? -6.634  -14.037 -2.474  1.000 19.083 0 11  PRO AAA CB  1 ? 
ATOM   89   C CG  . PRO A 1 14  ? -6.886  -13.353 -3.777  1.000 19.694 0 11  PRO AAA CG  1 ? 
ATOM   90   C CD  . PRO A 1 14  ? -6.983  -11.874 -3.483  1.000 18.461 0 11  PRO AAA CD  1 ? 
ATOM   91   N N   . VAL A 1 15  ? -7.171  -13.672 0.925   1.000 18.556 0 12  VAL AAA N   1 ? 
ATOM   92   C CA  . VAL A 1 15  ? -6.621  -13.551 2.292   1.000 20.063 0 12  VAL AAA CA  1 ? 
ATOM   93   C C   . VAL A 1 15  ? -5.337  -14.389 2.292   1.000 23.978 0 12  VAL AAA C   1 ? 
ATOM   94   O O   . VAL A 1 15  ? -5.347  -15.549 1.906   1.000 23.395 0 12  VAL AAA O   1 ? 
ATOM   95   C CB  . VAL A 1 15  ? -7.605  -14.049 3.360   1.000 22.658 0 12  VAL AAA CB  1 ? 
ATOM   96   C CG1 . VAL A 1 15  ? -6.999  -14.148 4.739   1.000 22.831 0 12  VAL AAA CG1 1 ? 
ATOM   97   C CG2 . VAL A 1 15  ? -8.888  -13.225 3.385   1.000 22.998 0 12  VAL AAA CG2 1 ? 
ATOM   98   N N   . VAL A 1 16  ? -4.245  -13.798 2.691   1.000 22.693 0 13  VAL AAA N   1 ? 
ATOM   99   C CA  . VAL A 1 16  ? -2.932  -14.463 2.647   1.000 23.778 0 13  VAL AAA CA  1 ? 
ATOM   100  C C   . VAL A 1 16  ? -2.199  -14.104 3.932   1.000 25.276 0 13  VAL AAA C   1 ? 
ATOM   101  O O   . VAL A 1 16  ? -2.570  -13.143 4.585   1.000 18.328 0 13  VAL AAA O   1 ? 
ATOM   102  C CB  . VAL A 1 16  ? -2.106  -14.082 1.398   1.000 22.839 0 13  VAL AAA CB  1 ? 
ATOM   103  C CG1 . VAL A 1 16  ? -2.692  -14.705 0.107   1.000 27.061 0 13  VAL AAA CG1 1 ? 
ATOM   104  C CG2 . VAL A 1 16  ? -1.968  -12.592 1.243   1.000 28.379 0 13  VAL AAA CG2 1 ? 
ATOM   105  N N   . THR A 1 17  ? -1.198  -14.912 4.253   1.000 23.466 0 14  THR AAA N   1 ? 
ATOM   106  C CA  . THR A 1 17  ? -0.154  -14.589 5.252   1.000 24.839 0 14  THR AAA CA  1 ? 
ATOM   107  C C   . THR A 1 17  ? 1.124   -14.438 4.460   1.000 26.584 0 14  THR AAA C   1 ? 
ATOM   108  O O   . THR A 1 17  ? 1.250   -15.051 3.373   1.000 28.724 0 14  THR AAA O   1 ? 
ATOM   109  C CB  . THR A 1 17  ? -0.025  -15.678 6.308   1.000 29.741 0 14  THR AAA CB  1 ? 
ATOM   110  O OG1 . THR A 1 17  ? 0.356   -16.801 5.494   1.000 32.585 0 14  THR AAA OG1 1 ? 
ATOM   111  C CG2 . THR A 1 17  ? -1.281  -15.929 7.109   1.000 24.759 0 14  THR AAA CG2 1 ? 
ATOM   112  N N   . SER A 1 18  ? 2.042   -13.594 4.886   1.000 28.648 0 15  SER AAA N   1 ? 
ATOM   113  C CA  . SER A 1 18  ? 3.348   -13.488 4.190   1.000 25.535 0 15  SER AAA CA  1 ? 
ATOM   114  C C   . SER A 1 18  ? 4.384   -12.979 5.180   1.000 29.099 0 15  SER AAA C   1 ? 
ATOM   115  O O   . SER A 1 18  ? 4.067   -12.042 5.835   1.000 22.442 0 15  SER AAA O   1 ? 
ATOM   116  C CB  . SER A 1 18  ? 3.255   -12.634 2.980   1.000 26.851 0 15  SER AAA CB  1 ? 
ATOM   117  O OG  . SER A 1 18  ? 4.505   -12.567 2.300   1.000 26.860 0 15  SER AAA OG  1 ? 
ATOM   118  N N   . GLU A 1 19  ? 5.577   -13.588 5.213   1.000 30.830 0 16  GLU AAA N   1 ? 
ATOM   119  C CA  . GLU A 1 19  ? 6.713   -13.134 6.064   1.000 29.751 0 16  GLU AAA CA  1 ? 
ATOM   120  C C   . GLU A 1 19  ? 7.425   -11.959 5.410   1.000 26.481 0 16  GLU AAA C   1 ? 
ATOM   121  O O   . GLU A 1 19  ? 8.230   -11.308 6.088   1.000 31.291 0 16  GLU AAA O   1 ? 
ATOM   122  C CB  . GLU A 1 19  ? 7.691   -14.285 6.271   1.000 35.469 0 16  GLU AAA CB  1 ? 
ATOM   123  C CG  . GLU A 1 19  ? 7.069   -15.462 7.018   1.000 41.598 0 16  GLU AAA CG  1 ? 
ATOM   124  C CD  . GLU A 1 19  ? 6.470   -15.078 8.361   1.000 54.131 0 16  GLU AAA CD  1 ? 
ATOM   125  O OE1 . GLU A 1 19  ? 5.250   -15.339 8.582   1.000 64.788 0 16  GLU AAA OE1 1 ? 
ATOM   126  O OE2 . GLU A 1 19  ? 7.213   -14.476 9.179   1.000 62.338 0 16  GLU AAA OE2 1 ? 
ATOM   127  N N   . THR A 1 20  ? 7.224   -11.750 4.119   1.000 23.890 0 17  THR AAA N   1 ? 
ATOM   128  C CA  . THR A 1 20  ? 7.900   -10.723 3.308   1.000 27.232 0 17  THR AAA CA  1 ? 
ATOM   129  C C   . THR A 1 20  ? 6.834   -9.876  2.622   1.000 27.755 0 17  THR AAA C   1 ? 
ATOM   130  O O   . THR A 1 20  ? 5.669   -10.340 2.489   1.000 25.498 0 17  THR AAA O   1 ? 
ATOM   131  C CB  . THR A 1 20  ? 8.843   -11.340 2.268   1.000 33.958 0 17  THR AAA CB  1 ? 
ATOM   132  O OG1 . THR A 1 20  ? 8.044   -12.264 1.533   1.000 40.407 0 17  THR AAA OG1 1 ? 
ATOM   133  C CG2 . THR A 1 20  ? 10.025  -12.039 2.905   1.000 36.503 0 17  THR AAA CG2 1 ? 
ATOM   134  N N   . TYR A 1 21  ? 7.185   -8.669  2.210   1.000 24.802 0 18  TYR AAA N   1 ? 
ATOM   135  C CA  . TYR A 1 21  ? 6.214   -7.803  1.499   1.000 24.342 0 18  TYR AAA CA  1 ? 
ATOM   136  C C   . TYR A 1 21  ? 5.797   -8.495  0.215   1.000 26.462 0 18  TYR AAA C   1 ? 
ATOM   137  O O   . TYR A 1 21  ? 6.708   -8.862  -0.543  1.000 25.127 0 18  TYR AAA O   1 ? 
ATOM   138  C CB  . TYR A 1 21  ? 6.816   -6.431  1.192   1.000 26.616 0 18  TYR AAA CB  1 ? 
ATOM   139  C CG  . TYR A 1 21  ? 6.737   -5.511  2.374   1.000 22.184 0 18  TYR AAA CG  1 ? 
ATOM   140  C CD1 . TYR A 1 21  ? 5.498   -5.168  2.901   1.000 27.905 0 18  TYR AAA CD1 1 ? 
ATOM   141  C CD2 . TYR A 1 21  ? 7.871   -5.070  3.003   1.000 24.885 0 18  TYR AAA CD2 1 ? 
ATOM   142  C CE1 . TYR A 1 21  ? 5.389   -4.375  4.029   1.000 23.380 0 18  TYR AAA CE1 1 ? 
ATOM   143  C CE2 . TYR A 1 21  ? 7.767   -4.255  4.121   1.000 26.118 0 18  TYR AAA CE2 1 ? 
ATOM   144  C CZ  . TYR A 1 21  ? 6.531   -3.882  4.619   1.000 25.328 0 18  TYR AAA CZ  1 ? 
ATOM   145  O OH  . TYR A 1 21  ? 6.433   -3.088  5.743   1.000 26.780 0 18  TYR AAA OH  1 ? 
ATOM   146  N N   . VAL A 1 22  ? 4.495   -8.670  -0.014  1.000 21.959 0 19  VAL AAA N   1 ? 
ATOM   147  C CA  . VAL A 1 22  ? 3.956   -9.215  -1.288  1.000 22.605 0 19  VAL AAA CA  1 ? 
ATOM   148  C C   . VAL A 1 22  ? 2.971   -8.178  -1.842  1.000 24.230 0 19  VAL AAA C   1 ? 
ATOM   149  O O   . VAL A 1 22  ? 2.255   -7.534  -1.042  1.000 18.957 0 19  VAL AAA O   1 ? 
ATOM   150  C CB  . VAL A 1 22  ? 3.362   -10.605 -1.044  1.000 25.676 0 19  VAL AAA CB  1 ? 
ATOM   151  C CG1 . VAL A 1 22  ? 2.175   -10.584 -0.087  1.000 23.026 0 19  VAL AAA CG1 1 ? 
ATOM   152  C CG2 . VAL A 1 22  ? 3.002   -11.296 -2.349  1.000 30.598 0 19  VAL AAA CG2 1 ? 
ATOM   153  N N   . ASP A 1 23  ? 2.819   -8.102  -3.159  1.000 21.319 0 20  ASP AAA N   1 ? 
ATOM   154  C CA  . ASP A 1 23  ? 1.903   -7.125  -3.780  1.000 20.511 0 20  ASP AAA CA  1 ? 
ATOM   155  C C   . ASP A 1 23  ? 0.491   -7.339  -3.247  1.000 20.794 0 20  ASP AAA C   1 ? 
ATOM   156  O O   . ASP A 1 23  ? 0.080   -8.501  -3.087  1.000 19.368 0 20  ASP AAA O   1 ? 
ATOM   157  C CB  . ASP A 1 23  ? 1.850   -7.247  -5.290  1.000 23.411 0 20  ASP AAA CB  1 ? 
ATOM   158  C CG  . ASP A 1 23  ? 3.197   -7.147  -5.956  1.000 30.988 0 20  ASP AAA CG  1 ? 
ATOM   159  O OD1 . ASP A 1 23  ? 4.130   -6.626  -5.315  1.000 34.014 0 20  ASP AAA OD1 1 ? 
ATOM   160  O OD2 . ASP A 1 23  ? 3.298   -7.576  -7.136  1.000 40.704 0 20  ASP AAA OD2 1 ? 
ATOM   161  N N   . ILE A 1 24  ? -0.230  -6.244  -3.068  1.000 18.968 0 21  ILE AAA N   1 ? 
ATOM   162  C CA  . ILE A 1 24  ? -1.694  -6.266  -2.915  1.000 19.079 0 21  ILE AAA CA  1 ? 
ATOM   163  C C   . ILE A 1 24  ? -2.241  -6.233  -4.338  1.000 19.629 0 21  ILE AAA C   1 ? 
ATOM   164  O O   . ILE A 1 24  ? -2.090  -5.245  -5.071  1.000 19.363 0 21  ILE AAA O   1 ? 
ATOM   165  C CB  . ILE A 1 24  ? -2.198  -5.095  -2.053  1.000 22.055 0 21  ILE AAA CB  1 ? 
ATOM   166  C CG1 . ILE A 1 24  ? -1.511  -5.006  -0.681  1.000 20.673 0 21  ILE AAA CG1 1 ? 
ATOM   167  C CG2 . ILE A 1 24  ? -3.720  -5.210  -1.892  1.000 21.316 0 21  ILE AAA CG2 1 ? 
ATOM   168  C CD1 . ILE A 1 24  ? -1.807  -3.701  0.037   1.000 21.628 0 21  ILE AAA CD1 1 ? 
ATOM   169  N N   . PRO A 1 25  ? -2.867  -7.320  -4.798  1.000 19.981 0 22  PRO AAA N   1 ? 
ATOM   170  C CA  . PRO A 1 25  ? -3.258  -7.397  -6.189  1.000 22.814 0 22  PRO AAA CA  1 ? 
ATOM   171  C C   . PRO A 1 25  ? -4.197  -6.251  -6.567  1.000 23.223 0 22  PRO AAA C   1 ? 
ATOM   172  O O   . PRO A 1 25  ? -5.122  -5.993  -5.819  1.000 20.152 0 22  PRO AAA O   1 ? 
ATOM   173  C CB  . PRO A 1 25  ? -3.901  -8.775  -6.354  1.000 22.642 0 22  PRO AAA CB  1 ? 
ATOM   174  C CG  . PRO A 1 25  ? -4.118  -9.291  -4.955  1.000 26.128 0 22  PRO AAA CG  1 ? 
ATOM   175  C CD  . PRO A 1 25  ? -3.167  -8.557  -4.045  1.000 23.538 0 22  PRO AAA CD  1 ? 
ATOM   176  N N   . GLY A 1 26  ? -3.894  -5.577  -7.677  1.000 22.730 0 23  GLY AAA N   1 ? 
ATOM   177  C CA  . GLY A 1 26  ? -4.760  -4.512  -8.220  1.000 24.735 0 23  GLY AAA CA  1 ? 
ATOM   178  C C   . GLY A 1 26  ? -4.351  -3.129  -7.740  1.000 23.233 0 23  GLY AAA C   1 ? 
ATOM   179  O O   . GLY A 1 26  ? -4.732  -2.193  -8.375  1.000 23.603 0 23  GLY AAA O   1 ? 
ATOM   180  N N   . LEU A 1 27  ? -3.568  -2.999  -6.647  1.000 21.812 0 24  LEU AAA N   1 ? 
ATOM   181  C CA  . LEU A 1 27  ? -3.041  -1.654  -6.250  1.000 21.085 0 24  LEU AAA CA  1 ? 
ATOM   182  C C   . LEU A 1 27  ? -1.715  -1.442  -6.975  1.000 24.733 0 24  LEU AAA C   1 ? 
ATOM   183  O O   . LEU A 1 27  ? -0.627  -1.716  -6.406  1.000 20.088 0 24  LEU AAA O   1 ? 
ATOM   184  C CB  . LEU A 1 27  ? -2.980  -1.572  -4.714  1.000 19.590 0 24  LEU AAA CB  1 ? 
ATOM   185  C CG  . LEU A 1 27  ? -4.336  -1.666  -4.032  1.000 22.214 0 24  LEU AAA CG  1 ? 
ATOM   186  C CD1 . LEU A 1 27  ? -4.214  -1.504  -2.514  1.000 21.609 0 24  LEU AAA CD1 1 ? 
ATOM   187  C CD2 . LEU A 1 27  ? -5.271  -0.599  -4.622  1.000 22.589 0 24  LEU AAA CD2 1 ? 
ATOM   188  N N   . TYR A 1 28  ? -1.803  -0.967  -8.220  1.000 21.885 0 25  TYR AAA N   1 ? 
ATOM   189  C CA  . TYR A 1 28  ? -0.657  -0.835  -9.142  1.000 23.412 0 25  TYR AAA CA  1 ? 
ATOM   190  C C   . TYR A 1 28  ? -0.909  0.344   -10.051 1.000 23.057 0 25  TYR AAA C   1 ? 
ATOM   191  O O   . TYR A 1 28  ? -2.101  0.503   -10.494 1.000 26.045 0 25  TYR AAA O   1 ? 
ATOM   192  C CB  . TYR A 1 28  ? -0.501  -2.131  -9.935  1.000 29.927 0 25  TYR AAA CB  1 ? 
ATOM   193  C CG  . TYR A 1 28  ? 0.589   -2.097  -10.976 1.000 36.140 0 25  TYR AAA CG  1 ? 
ATOM   194  C CD1 . TYR A 1 28  ? 0.335   -1.607  -12.250 1.000 43.554 0 25  TYR AAA CD1 1 ? 
ATOM   195  C CD2 . TYR A 1 28  ? 1.868   -2.573  -10.701 1.000 44.544 0 25  TYR AAA CD2 1 ? 
ATOM   196  C CE1 . TYR A 1 28  ? 1.325   -1.593  -13.230 1.000 46.431 0 25  TYR AAA CE1 1 ? 
ATOM   197  C CE2 . TYR A 1 28  ? 2.876   -2.525  -11.657 1.000 44.554 0 25  TYR AAA CE2 1 ? 
ATOM   198  C CZ  . TYR A 1 28  ? 2.600   -2.043  -12.929 1.000 45.263 0 25  TYR AAA CZ  1 ? 
ATOM   199  O OH  . TYR A 1 28  ? 3.575   -2.026  -13.887 1.000 55.083 0 25  TYR AAA OH  1 ? 
ATOM   200  N N   . LEU A 1 29  ? 0.076   1.202   -10.199 1.000 23.819 0 26  LEU AAA N   1 ? 
ATOM   201  C CA  . LEU A 1 29  ? 0.002   2.374   -11.099 1.000 25.349 0 26  LEU AAA CA  1 ? 
ATOM   202  C C   . LEU A 1 29  ? 1.109   2.201   -12.126 1.000 30.086 0 26  LEU AAA C   1 ? 
ATOM   203  O O   . LEU A 1 29  ? 2.299   2.181   -11.723 1.000 25.114 0 26  LEU AAA O   1 ? 
ATOM   204  C CB  . LEU A 1 29  ? 0.206   3.673   -10.325 1.000 26.099 0 26  LEU AAA CB  1 ? 
ATOM   205  C CG  . LEU A 1 29  ? -0.746  3.912   -9.150  1.000 29.620 0 26  LEU AAA CG  1 ? 
ATOM   206  C CD1 . LEU A 1 29  ? -0.350  5.159   -8.391  1.000 29.067 0 26  LEU AAA CD1 1 ? 
ATOM   207  C CD2 . LEU A 1 29  ? -2.166  4.015   -9.621  1.000 27.208 0 26  LEU AAA CD2 1 ? 
ATOM   208  N N   . ASP A 1 30  ? 0.740   2.067   -13.385 1.000 35.885 0 27  ASP AAA N   1 ? 
ATOM   209  C CA  . ASP A 1 30  ? 1.738   2.022   -14.490 1.000 36.694 0 27  ASP AAA CA  1 ? 
ATOM   210  C C   . ASP A 1 30  ? 2.140   3.453   -14.840 1.000 37.801 0 27  ASP AAA C   1 ? 
ATOM   211  O O   . ASP A 1 30  ? 1.437   4.122   -15.658 1.000 46.342 0 27  ASP AAA O   1 ? 
ATOM   212  C CB  . ASP A 1 30  ? 1.212   1.224   -15.672 1.000 41.654 0 27  ASP AAA CB  1 ? 
ATOM   213  C CG  . ASP A 1 30  ? 2.332   0.792   -16.602 1.000 44.338 0 27  ASP AAA CG  1 ? 
ATOM   214  O OD1 . ASP A 1 30  ? 3.251   1.616   -16.796 1.000 41.655 0 27  ASP AAA OD1 1 ? 
ATOM   215  O OD2 . ASP A 1 30  ? 2.307   -0.371  -17.055 1.000 58.314 0 27  ASP AAA OD2 1 ? 
ATOM   216  N N   . VAL A 1 31  ? 3.250   3.908   -14.283 1.000 30.342 0 28  VAL AAA N   1 ? 
ATOM   217  C CA  . VAL A 1 31  ? 3.707   5.316   -14.383 1.000 34.930 0 28  VAL AAA CA  1 ? 
ATOM   218  C C   . VAL A 1 31  ? 4.262   5.552   -15.797 1.000 45.082 0 28  VAL AAA C   1 ? 
ATOM   219  O O   . VAL A 1 31  ? 4.056   6.644   -16.344 1.000 40.531 0 28  VAL AAA O   1 ? 
ATOM   220  C CB  . VAL A 1 31  ? 4.767   5.553   -13.305 1.000 33.848 0 28  VAL AAA CB  1 ? 
ATOM   221  C CG1 . VAL A 1 31  ? 5.511   6.841   -13.490 1.000 33.795 0 28  VAL AAA CG1 1 ? 
ATOM   222  C CG2 . VAL A 1 31  ? 4.105   5.464   -11.923 1.000 35.954 0 28  VAL AAA CG2 1 ? 
ATOM   223  N N   . ALA A 1 32  ? 5.042   4.603   -16.301 1.000 46.203 0 29  ALA AAA N   1 ? 
ATOM   224  C CA  . ALA A 1 32  ? 5.773   4.758   -17.575 1.000 51.830 0 29  ALA AAA CA  1 ? 
ATOM   225  C C   . ALA A 1 32  ? 4.747   5.071   -18.659 1.000 48.609 0 29  ALA AAA C   1 ? 
ATOM   226  O O   . ALA A 1 32  ? 4.902   6.139   -19.324 1.000 39.583 0 29  ALA AAA O   1 ? 
ATOM   227  C CB  . ALA A 1 32  ? 6.537   3.502   -17.887 1.000 52.016 0 29  ALA AAA CB  1 ? 
ATOM   228  N N   . LYS A 1 33  ? 3.736   4.193   -18.774 1.000 48.739 0 30  LYS AAA N   1 ? 
ATOM   229  C CA  . LYS A 1 33  ? 2.547   4.370   -19.654 1.000 52.878 0 30  LYS AAA CA  1 ? 
ATOM   230  C C   . LYS A 1 33  ? 1.971   5.793   -19.592 1.000 55.735 0 30  LYS AAA C   1 ? 
ATOM   231  O O   . LYS A 1 33  ? 1.469   6.284   -20.600 1.000 57.364 0 30  LYS AAA O   1 ? 
ATOM   232  C CB  . LYS A 1 33  ? 1.431   3.413   -19.244 1.000 54.213 0 30  LYS AAA CB  1 ? 
ATOM   233  C CG  . LYS A 1 33  ? 1.433   2.094   -19.988 1.000 59.272 0 30  LYS AAA CG  1 ? 
ATOM   234  C CD  . LYS A 1 33  ? 0.172   1.288   -19.789 0.700 58.002 0 30  LYS AAA CD  1 ? 
ATOM   235  C CE  . LYS A 1 33  ? 0.353   -0.172  -20.160 0.700 64.482 0 30  LYS AAA CE  1 ? 
ATOM   236  N NZ  . LYS A 1 33  ? -0.628  -1.043  -19.472 0.700 64.885 0 30  LYS AAA NZ  1 ? 
ATOM   237  N N   . ALA A 1 34  ? 1.963   6.425   -18.432 1.000 49.686 0 31  ALA AAA N   1 ? 
ATOM   238  C CA  . ALA A 1 34  ? 1.400   7.774   -18.278 1.000 55.072 0 31  ALA AAA CA  1 ? 
ATOM   239  C C   . ALA A 1 34  ? 2.381   8.816   -18.828 1.000 53.546 0 31  ALA AAA C   1 ? 
ATOM   240  O O   . ALA A 1 34  ? 2.007   9.989   -18.842 1.000 55.389 0 31  ALA AAA O   1 ? 
ATOM   241  C CB  . ALA A 1 34  ? 1.073   7.996   -16.814 1.000 54.594 0 31  ALA AAA CB  1 ? 
ATOM   242  N N   . GLY A 1 35  ? 3.593   8.413   -19.225 1.000 54.806 0 32  GLY AAA N   1 ? 
ATOM   243  C CA  . GLY A 1 35  ? 4.633   9.329   -19.730 1.000 51.518 0 32  GLY AAA CA  1 ? 
ATOM   244  C C   . GLY A 1 35  ? 5.201   10.163  -18.610 1.000 57.916 0 32  GLY AAA C   1 ? 
ATOM   245  O O   . GLY A 1 35  ? 5.492   11.355  -18.832 1.000 55.539 0 32  GLY AAA O   1 ? 
ATOM   246  N N   . ILE A 1 36  ? 5.286   9.599   -17.408 1.000 50.769 0 33  ILE AAA N   1 ? 
ATOM   247  C CA  . ILE A 1 36  ? 5.987   10.305  -16.304 1.000 53.576 0 33  ILE AAA CA  1 ? 
ATOM   248  C C   . ILE A 1 36  ? 7.402   9.725   -16.334 1.000 47.043 0 33  ILE AAA C   1 ? 
ATOM   249  O O   . ILE A 1 36  ? 7.514   8.502   -16.248 1.000 45.498 0 33  ILE AAA O   1 ? 
ATOM   250  C CB  . ILE A 1 36  ? 5.198   10.186  -14.980 1.000 46.051 0 33  ILE AAA CB  1 ? 
ATOM   251  C CG1 . ILE A 1 36  ? 3.824   10.846  -15.141 1.000 48.224 0 33  ILE AAA CG1 1 ? 
ATOM   252  C CG2 . ILE A 1 36  ? 5.983   10.794  -13.841 1.000 44.835 0 33  ILE AAA CG2 1 ? 
ATOM   253  C CD1 . ILE A 1 36  ? 2.718   10.187  -14.382 1.000 52.878 0 33  ILE AAA CD1 1 ? 
ATOM   254  N N   . ARG A 1 37  ? 8.398   10.572  -16.617 1.000 45.887 0 34  ARG AAA N   1 ? 
ATOM   255  C CA  . ARG A 1 37  ? 9.795   10.131  -16.844 1.000 51.897 0 34  ARG AAA CA  1 ? 
ATOM   256  C C   . ARG A 1 37  ? 10.701  10.792  -15.820 1.000 53.126 0 34  ARG AAA C   1 ? 
ATOM   257  O O   . ARG A 1 37  ? 11.827  10.306  -15.616 1.000 53.616 0 34  ARG AAA O   1 ? 
ATOM   258  C CB  . ARG A 1 37  ? 10.251  10.490  -18.259 1.000 55.681 0 34  ARG AAA CB  1 ? 
ATOM   259  C CG  . ARG A 1 37  ? 10.221  9.312   -19.217 0.500 55.632 0 34  ARG AAA CG  1 ? 
ATOM   260  C CD  . ARG A 1 37  ? 10.384  9.832   -20.625 0.500 59.342 0 34  ARG AAA CD  1 ? 
ATOM   261  N NE  . ARG A 1 37  ? 9.116   10.370  -21.079 1.000 61.952 0 34  ARG AAA NE  1 ? 
ATOM   262  C CZ  . ARG A 1 37  ? 8.207   9.697   -21.784 1.000 66.330 0 34  ARG AAA CZ  1 ? 
ATOM   263  N NH1 . ARG A 1 37  ? 8.413   8.440   -22.147 1.000 66.088 0 34  ARG AAA NH1 1 ? 
ATOM   264  N NH2 . ARG A 1 37  ? 7.086   10.297  -22.140 1.000 81.657 0 34  ARG AAA NH2 1 ? 
ATOM   265  N N   . ASP A 1 38  ? 10.246  11.896  -15.243 1.000 49.783 0 35  ASP AAA N   1 ? 
ATOM   266  C CA  . ASP A 1 38  ? 11.025  12.601  -14.205 1.000 52.177 0 35  ASP AAA CA  1 ? 
ATOM   267  C C   . ASP A 1 38  ? 10.013  13.364  -13.362 1.000 50.993 0 35  ASP AAA C   1 ? 
ATOM   268  O O   . ASP A 1 38  ? 8.795   13.185  -13.579 1.000 46.840 0 35  ASP AAA O   1 ? 
ATOM   269  C CB  . ASP A 1 38  ? 12.117  13.491  -14.820 1.000 59.090 0 35  ASP AAA CB  1 ? 
ATOM   270  C CG  . ASP A 1 38  ? 11.643  14.888  -15.206 1.000 59.801 0 35  ASP AAA CG  1 ? 
ATOM   271  O OD1 . ASP A 1 38  ? 10.553  14.974  -15.831 1.000 50.779 0 35  ASP AAA OD1 1 ? 
ATOM   272  O OD2 . ASP A 1 38  ? 12.365  15.873  -14.862 1.000 63.613 0 35  ASP AAA OD2 1 ? 
ATOM   273  N N   . GLY A 1 39  ? 10.521  14.226  -12.497 1.000 44.310 0 36  GLY AAA N   1 ? 
ATOM   274  C CA  . GLY A 1 39  ? 9.683   14.948  -11.548 1.000 50.206 0 36  GLY AAA CA  1 ? 
ATOM   275  C C   . GLY A 1 39  ? 9.490   14.070  -10.333 1.000 53.454 0 36  GLY AAA C   1 ? 
ATOM   276  O O   . GLY A 1 39  ? 10.346  13.144  -10.107 1.000 43.523 0 36  GLY AAA O   1 ? 
ATOM   277  N N   . LYS A 1 40  ? 8.443   14.386  -9.564  1.000 50.468 0 37  LYS AAA N   1 ? 
ATOM   278  C CA  . LYS A 1 40  ? 8.163   13.755  -8.253  1.000 40.773 0 37  LYS AAA CA  1 ? 
ATOM   279  C C   . LYS A 1 40  ? 6.715   13.257  -8.266  1.000 42.694 0 37  LYS AAA C   1 ? 
ATOM   280  O O   . LYS A 1 40  ? 5.849   13.843  -9.003  1.000 35.254 0 37  LYS AAA O   1 ? 
ATOM   281  C CB  . LYS A 1 40  ? 8.494   14.747  -7.145  1.000 42.782 0 37  LYS AAA CB  1 ? 
ATOM   282  C CG  . LYS A 1 40  ? 9.951   14.718  -6.724  1.000 44.365 0 37  LYS AAA CG  1 ? 
ATOM   283  C CD  . LYS A 1 40  ? 10.444  16.020  -6.211  1.000 51.626 0 37  LYS AAA CD  1 ? 
ATOM   284  C CE  . LYS A 1 40  ? 10.138  16.260  -4.745  0.700 50.522 0 37  LYS AAA CE  1 ? 
ATOM   285  N NZ  . LYS A 1 40  ? 10.731  17.547  -4.297  0.500 51.876 0 37  LYS AAA NZ  1 ? 
ATOM   286  N N   . LEU A 1 41  ? 6.443   12.182  -7.528  1.000 30.156 0 38  LEU AAA N   1 ? 
ATOM   287  C CA  . LEU A 1 41  ? 5.047   11.696  -7.383  1.000 27.680 0 38  LEU AAA CA  1 ? 
ATOM   288  C C   . LEU A 1 41  ? 4.753   11.665  -5.886  1.000 23.656 0 38  LEU AAA C   1 ? 
ATOM   289  O O   . LEU A 1 41  ? 5.606   11.172  -5.150  1.000 28.223 0 38  LEU AAA O   1 ? 
ATOM   290  C CB  . LEU A 1 41  ? 4.860   10.299  -7.948  1.000 28.325 0 38  LEU AAA CB  1 ? 
ATOM   291  C CG  . LEU A 1 41  ? 4.575   10.170  -9.439  1.000 32.910 0 38  LEU AAA CG  1 ? 
ATOM   292  C CD1 . LEU A 1 41  ? 4.598   8.706   -9.795  1.000 28.454 0 38  LEU AAA CD1 1 ? 
ATOM   293  C CD2 . LEU A 1 41  ? 3.274   10.808  -9.848  1.000 32.263 0 38  LEU AAA CD2 1 ? 
ATOM   294  N N   . GLN A 1 42  ? 3.625   12.219  -5.472  1.000 23.413 0 39  GLN AAA N   1 ? 
ATOM   295  C CA  . GLN A 1 42  ? 3.136   12.014  -4.084  1.000 21.231 0 39  GLN AAA CA  1 ? 
ATOM   296  C C   . GLN A 1 42  ? 2.193   10.816  -4.156  1.000 19.262 0 39  GLN AAA C   1 ? 
ATOM   297  O O   . GLN A 1 42  ? 1.200   10.882  -4.860  1.000 21.814 0 39  GLN AAA O   1 ? 
ATOM   298  C CB  . GLN A 1 42  ? 2.380   13.218  -3.532  1.000 22.664 0 39  GLN AAA CB  1 ? 
ATOM   299  C CG  . GLN A 1 42  ? 2.033   13.007  -2.053  1.000 25.223 0 39  GLN AAA CG  1 ? 
ATOM   300  C CD  . GLN A 1 42  ? 1.021   14.012  -1.570  1.000 29.243 0 39  GLN AAA CD  1 ? 
ATOM   301  O OE1 . GLN A 1 42  ? 1.358   14.979  -0.918  1.000 33.842 0 39  GLN AAA OE1 1 ? 
ATOM   302  N NE2 . GLN A 1 42  ? -0.234  13.795  -1.940  1.000 31.297 0 39  GLN AAA NE2 1 ? 
ATOM   303  N N   . VAL A 1 43  ? 2.562   9.722   -3.534  1.000 18.454 0 40  VAL AAA N   1 ? 
ATOM   304  C CA  . VAL A 1 43  ? 1.781   8.487   -3.608  1.000 16.362 0 40  VAL AAA CA  1 ? 
ATOM   305  C C   . VAL A 1 43  ? 1.085   8.298   -2.265  1.000 17.077 0 40  VAL AAA C   1 ? 
ATOM   306  O O   . VAL A 1 43  ? 1.739   8.408   -1.255  1.000 14.688 0 40  VAL AAA O   1 ? 
ATOM   307  C CB  . VAL A 1 43  ? 2.724   7.310   -3.901  1.000 18.107 0 40  VAL AAA CB  1 ? 
ATOM   308  C CG1 . VAL A 1 43  ? 1.983   5.999   -3.916  1.000 19.516 0 40  VAL AAA CG1 1 ? 
ATOM   309  C CG2 . VAL A 1 43  ? 3.501   7.543   -5.196  1.000 23.170 0 40  VAL AAA CG2 1 ? 
ATOM   310  N N   . ILE A 1 44  ? -0.206  7.962   -2.295  1.000 16.526 0 41  ILE AAA N   1 ? 
ATOM   311  C CA  . ILE A 1 44  ? -0.979  7.621   -1.090  1.000 18.743 0 41  ILE AAA CA  1 ? 
ATOM   312  C C   . ILE A 1 44  ? -1.488  6.198   -1.232  1.000 15.697 0 41  ILE AAA C   1 ? 
ATOM   313  O O   . ILE A 1 44  ? -2.234  5.943   -2.168  1.000 16.171 0 41  ILE AAA O   1 ? 
ATOM   314  C CB  . ILE A 1 44  ? -2.137  8.598   -0.846  1.000 17.864 0 41  ILE AAA CB  1 ? 
ATOM   315  C CG1 . ILE A 1 44  ? -1.607  10.033  -0.709  1.000 18.603 0 41  ILE AAA CG1 1 ? 
ATOM   316  C CG2 . ILE A 1 44  ? -2.906  8.169   0.378   1.000 18.139 0 41  ILE AAA CG2 1 ? 
ATOM   317  C CD1 . ILE A 1 44  ? -2.706  11.097  -0.683  1.000 20.903 0 41  ILE AAA CD1 1 ? 
ATOM   318  N N   . LEU A 1 45  ? -1.151  5.360   -0.270  1.000 16.700 0 42  LEU AAA N   1 ? 
ATOM   319  C CA  . LEU A 1 45  ? -1.764  4.038   -0.145  1.000 16.436 0 42  LEU AAA CA  1 ? 
ATOM   320  C C   . LEU A 1 45  ? -2.849  4.191   0.921   1.000 15.938 0 42  LEU AAA C   1 ? 
ATOM   321  O O   . LEU A 1 45  ? -2.500  4.555   2.062   1.000 13.913 0 42  LEU AAA O   1 ? 
ATOM   322  C CB  . LEU A 1 45  ? -0.711  3.017   0.267   1.000 16.655 0 42  LEU AAA CB  1 ? 
ATOM   323  C CG  . LEU A 1 45  ? -1.252  1.631   0.606   1.000 16.653 0 42  LEU AAA CG  1 ? 
ATOM   324  C CD1 . LEU A 1 45  ? -2.004  1.054   -0.575  1.000 18.078 0 42  LEU AAA CD1 1 ? 
ATOM   325  C CD2 . LEU A 1 45  ? -0.125  0.686   1.024   1.000 16.422 0 42  LEU AAA CD2 1 ? 
ATOM   326  N N   . ASN A 1 46  ? -4.091  3.952   0.571   1.000 14.360 0 43  ASN AAA N   1 ? 
ATOM   327  C CA  . ASN A 1 46  ? -5.226  4.119   1.502   1.000 15.501 0 43  ASN AAA CA  1 ? 
ATOM   328  C C   . ASN A 1 46  ? -5.921  2.776   1.669   1.000 14.575 0 43  ASN AAA C   1 ? 
ATOM   329  O O   . ASN A 1 46  ? -6.519  2.266   0.704   1.000 15.375 0 43  ASN AAA O   1 ? 
ATOM   330  C CB  . ASN A 1 46  ? -6.118  5.298   1.058   1.000 15.514 0 43  ASN AAA CB  1 ? 
ATOM   331  C CG  . ASN A 1 46  ? -7.362  5.453   1.896   1.000 16.424 0 43  ASN AAA CG  1 ? 
ATOM   332  O OD1 . ASN A 1 46  ? -8.492  5.423   1.377   1.000 17.288 0 43  ASN AAA OD1 1 ? 
ATOM   333  N ND2 . ASN A 1 46  ? -7.141  5.661   3.177   1.000 16.333 0 43  ASN AAA ND2 1 ? 
ATOM   334  N N   . VAL A 1 47  ? -5.835  2.191   2.873   1.000 15.228 0 44  VAL AAA N   1 ? 
ATOM   335  C CA  . VAL A 1 47  ? -6.522  0.922   3.150   1.000 16.749 0 44  VAL AAA CA  1 ? 
ATOM   336  C C   . VAL A 1 47  ? -7.387  1.221   4.353   1.000 16.670 0 44  VAL AAA C   1 ? 
ATOM   337  O O   . VAL A 1 47  ? -6.952  1.011   5.485   1.000 16.232 0 44  VAL AAA O   1 ? 
ATOM   338  C CB  . VAL A 1 47  ? -5.554  -0.262  3.389   1.000 17.777 0 44  VAL AAA CB  1 ? 
ATOM   339  C CG1 . VAL A 1 47  ? -6.301  -1.564  3.506   1.000 19.343 0 44  VAL AAA CG1 1 ? 
ATOM   340  C CG2 . VAL A 1 47  ? -4.527  -0.382  2.291   1.000 19.320 0 44  VAL AAA CG2 1 ? 
ATOM   341  N N   . PRO A 1 48  ? -8.585  1.781   4.137   1.000 18.401 0 45  PRO AAA N   1 ? 
ATOM   342  C CA  . PRO A 1 48  ? -9.344  2.374   5.227   1.000 16.069 0 45  PRO AAA CA  1 ? 
ATOM   343  C C   . PRO A 1 48  ? -10.045 1.337   6.117   1.000 19.714 0 45  PRO AAA C   1 ? 
ATOM   344  O O   . PRO A 1 48  ? -10.465 1.684   7.198   1.000 24.141 0 45  PRO AAA O   1 ? 
ATOM   345  C CB  . PRO A 1 48  ? -10.340 3.289   4.519   1.000 16.264 0 45  PRO AAA CB  1 ? 
ATOM   346  C CG  . PRO A 1 48  ? -10.525 2.680   3.137   1.000 17.596 0 45  PRO AAA CG  1 ? 
ATOM   347  C CD  . PRO A 1 48  ? -9.170  2.091   2.804   1.000 17.707 0 45  PRO AAA CD  1 ? 
ATOM   348  N N   . THR A 1 49  ? -10.155 0.090   5.666   1.000 17.674 0 46  THR AAA N   1 ? 
ATOM   349  C CA  . THR A 1 49  ? -10.987 -0.834  6.471   1.000 16.952 0 46  THR AAA CA  1 ? 
ATOM   350  C C   . THR A 1 49  ? -10.336 -2.207  6.597   1.000 18.402 0 46  THR AAA C   1 ? 
ATOM   351  O O   . THR A 1 49  ? -11.006 -3.198  6.479   1.000 16.966 0 46  THR AAA O   1 ? 
ATOM   352  C CB  . THR A 1 49  ? -12.389 -0.894  5.828   1.000 22.594 0 46  THR AAA CB  1 ? 
ATOM   353  O OG1 . THR A 1 49  ? -12.884 0.420   5.550   1.000 25.659 0 46  THR AAA OG1 1 ? 
ATOM   354  C CG2 . THR A 1 49  ? -13.419 -1.557  6.711   1.000 23.741 0 46  THR AAA CG2 1 ? 
ATOM   355  N N   . PRO A 1 50  ? -9.041  -2.374  6.853   1.000 16.760 0 47  PRO AAA N   1 ? 
ATOM   356  C CA  . PRO A 1 50  ? -8.461  -3.701  6.915   1.000 16.166 0 47  PRO AAA CA  1 ? 
ATOM   357  C C   . PRO A 1 50  ? -8.725  -4.348  8.263   1.000 15.848 0 47  PRO AAA C   1 ? 
ATOM   358  O O   . PRO A 1 50  ? -9.084  -3.634  9.197   1.000 15.080 0 47  PRO AAA O   1 ? 
ATOM   359  C CB  . PRO A 1 50  ? -6.971  -3.414  6.826   1.000 16.211 0 47  PRO AAA CB  1 ? 
ATOM   360  C CG  . PRO A 1 50  ? -6.794  -2.081  7.472   1.000 18.393 0 47  PRO AAA CG  1 ? 
ATOM   361  C CD  . PRO A 1 50  ? -8.110  -1.350  7.303   1.000 17.467 0 47  PRO AAA CD  1 ? 
ATOM   362  N N   . TYR A 1 51  ? -8.462  -5.643  8.353   1.000 13.101 0 48  TYR AAA N   1 ? 
ATOM   363  C CA  . TYR A 1 51  ? -8.353  -6.338  9.649   1.000 15.045 0 48  TYR AAA CA  1 ? 
ATOM   364  C C   . TYR A 1 51  ? -7.332  -7.452  9.487   1.000 15.499 0 48  TYR AAA C   1 ? 
ATOM   365  O O   . TYR A 1 51  ? -7.013  -7.839  8.367   1.000 15.043 0 48  TYR AAA O   1 ? 
ATOM   366  C CB  . TYR A 1 51  ? -9.687  -6.756  10.249  1.000 18.601 0 48  TYR AAA CB  1 ? 
ATOM   367  C CG  . TYR A 1 51  ? -10.418 -7.874  9.557   1.000 18.461 0 48  TYR AAA CG  1 ? 
ATOM   368  C CD1 . TYR A 1 51  ? -11.207 -7.635  8.445   1.000 21.441 0 48  TYR AAA CD1 1 ? 
ATOM   369  C CD2 . TYR A 1 51  ? -10.412 -9.143  10.093  1.000 22.114 0 48  TYR AAA CD2 1 ? 
ATOM   370  C CE1 . TYR A 1 51  ? -11.947 -8.663  7.857   1.000 22.927 0 48  TYR AAA CE1 1 ? 
ATOM   371  C CE2 . TYR A 1 51  ? -11.152 -10.179 9.514   1.000 23.842 0 48  TYR AAA CE2 1 ? 
ATOM   372  C CZ  . TYR A 1 51  ? -11.894 -9.941  8.377   1.000 22.391 0 48  TYR AAA CZ  1 ? 
ATOM   373  O OH  . TYR A 1 51  ? -12.661 -10.920 7.788   1.000 23.282 0 48  TYR AAA OH  1 ? 
ATOM   374  N N   . ALA A 1 52  ? -6.844  -7.930  10.605  1.000 15.865 0 49  ALA AAA N   1 ? 
ATOM   375  C CA  . ALA A 1 52  ? -5.866  -9.008  10.636  1.000 16.522 0 49  ALA AAA CA  1 ? 
ATOM   376  C C   . ALA A 1 52  ? -6.354  -10.033 11.653  1.000 17.287 0 49  ALA AAA C   1 ? 
ATOM   377  O O   . ALA A 1 52  ? -6.895  -9.654  12.692  1.000 17.497 0 49  ALA AAA O   1 ? 
ATOM   378  C CB  . ALA A 1 52  ? -4.513  -8.463  11.013  1.000 19.078 0 49  ALA AAA CB  1 ? 
ATOM   379  N N   . THR A 1 53  ? -6.122  -11.288 11.377  1.000 21.745 0 50  THR AAA N   1 ? 
ATOM   380  C CA  . THR A 1 53  ? -6.480  -12.369 12.338  1.000 22.430 0 50  THR AAA CA  1 ? 
ATOM   381  C C   . THR A 1 53  ? -5.211  -13.094 12.729  1.000 21.923 0 50  THR AAA C   1 ? 
ATOM   382  O O   . THR A 1 53  ? -4.367  -13.361 11.882  1.000 21.211 0 50  THR AAA O   1 ? 
ATOM   383  C CB  . THR A 1 53  ? -7.583  -13.268 11.754  1.000 21.447 0 50  THR AAA CB  1 ? 
ATOM   384  O OG1 . THR A 1 53  ? -7.167  -13.773 10.485  1.000 23.327 0 50  THR AAA OG1 1 ? 
ATOM   385  C CG2 . THR A 1 53  ? -8.882  -12.519 11.534  1.000 23.744 0 50  THR AAA CG2 1 ? 
ATOM   386  N N   . GLY A 1 54  ? -5.088  -13.412 14.006  1.000 24.735 0 51  GLY AAA N   1 ? 
ATOM   387  C CA  . GLY A 1 54  ? -3.946  -14.209 14.476  1.000 22.925 0 51  GLY AAA CA  1 ? 
ATOM   388  C C   . GLY A 1 54  ? -4.057  -14.414 15.945  1.000 25.145 0 51  GLY AAA C   1 ? 
ATOM   389  O O   . GLY A 1 54  ? -5.107  -14.013 16.516  1.000 23.938 0 51  GLY AAA O   1 ? 
ATOM   390  N N   . ASN A 1 55  ? -3.013  -14.942 16.558  1.000 24.417 0 52  ASN AAA N   1 ? 
ATOM   391  C CA  . ASN A 1 55  ? -3.063  -15.343 17.991  1.000 30.120 0 52  ASN AAA CA  1 ? 
ATOM   392  C C   . ASN A 1 55  ? -2.033  -14.541 18.790  1.000 26.179 0 52  ASN AAA C   1 ? 
ATOM   393  O O   . ASN A 1 55  ? -1.791  -14.902 19.919  1.000 23.720 0 52  ASN AAA O   1 ? 
ATOM   394  C CB  . ASN A 1 55  ? -2.782  -16.840 18.167  1.000 33.899 0 52  ASN AAA CB  1 ? 
ATOM   395  C CG  . ASN A 1 55  ? -1.729  -17.331 17.228  1.000 39.726 0 52  ASN AAA CG  1 ? 
ATOM   396  O OD1 . ASN A 1 55  ? -0.626  -16.773 17.152  1.000 50.362 0 52  ASN AAA OD1 1 ? 
ATOM   397  N ND2 . ASN A 1 55  ? -2.111  -18.320 16.429  1.000 61.396 0 52  ASN AAA ND2 1 ? 
ATOM   398  N N   . ASN A 1 56  ? -1.344  -13.575 18.189  1.000 24.238 0 53  ASN AAA N   1 ? 
ATOM   399  C CA  . ASN A 1 56  ? -0.232  -12.897 18.889  1.000 24.375 0 53  ASN AAA CA  1 ? 
ATOM   400  C C   . ASN A 1 56  ? -0.157  -11.416 18.494  1.000 24.123 0 53  ASN AAA C   1 ? 
ATOM   401  O O   . ASN A 1 56  ? 0.702   -11.079 17.696  1.000 22.144 0 53  ASN AAA O   1 ? 
ATOM   402  C CB  . ASN A 1 56  ? 1.076   -13.608 18.604  1.000 26.613 0 53  ASN AAA CB  1 ? 
ATOM   403  C CG  . ASN A 1 56  ? 2.170   -13.124 19.531  1.000 27.567 0 53  ASN AAA CG  1 ? 
ATOM   404  O OD1 . ASN A 1 56  ? 1.908   -12.446 20.514  1.000 30.532 0 53  ASN AAA OD1 1 ? 
ATOM   405  N ND2 . ASN A 1 56  ? 3.397   -13.487 19.201  1.000 32.616 0 53  ASN AAA ND2 1 ? 
ATOM   406  N N   . PHE A 1 57  ? -1.080  -10.592 19.000  1.000 23.650 0 54  PHE AAA N   1 ? 
ATOM   407  C CA  . PHE A 1 57  ? -1.124  -9.137  18.735  1.000 22.205 0 54  PHE AAA CA  1 ? 
ATOM   408  C C   . PHE A 1 57  ? -1.154  -8.926  17.224  1.000 19.676 0 54  PHE AAA C   1 ? 
ATOM   409  O O   . PHE A 1 57  ? -0.199  -8.441  16.652  1.000 18.944 0 54  PHE AAA O   1 ? 
ATOM   410  C CB  . PHE A 1 57  ? 0.053   -8.401  19.381  1.000 22.358 0 54  PHE AAA CB  1 ? 
ATOM   411  C CG  . PHE A 1 57  ? 0.057   -8.503  20.882  1.000 22.882 0 54  PHE AAA CG  1 ? 
ATOM   412  C CD1 . PHE A 1 57  ? -0.743  -7.662  21.653  1.000 25.384 0 54  PHE AAA CD1 1 ? 
ATOM   413  C CD2 . PHE A 1 57  ? 0.851   -9.440  21.513  1.000 25.188 0 54  PHE AAA CD2 1 ? 
ATOM   414  C CE1 . PHE A 1 57  ? -0.725  -7.767  23.040  1.000 24.229 0 54  PHE AAA CE1 1 ? 
ATOM   415  C CE2 . PHE A 1 57  ? 0.856   -9.540  22.902  1.000 23.587 0 54  PHE AAA CE2 1 ? 
ATOM   416  C CZ  . PHE A 1 57  ? 0.035   -8.731  23.641  1.000 22.248 0 54  PHE AAA CZ  1 ? 
ATOM   417  N N   . PRO A 1 58  ? -2.243  -9.335  16.548  1.000 15.943 0 55  PRO AAA N   1 ? 
ATOM   418  C CA  . PRO A 1 58  ? -2.243  -9.332  15.077  1.000 16.797 0 55  PRO AAA CA  1 ? 
ATOM   419  C C   . PRO A 1 58  ? -2.103  -7.921  14.480  1.000 15.237 0 55  PRO AAA C   1 ? 
ATOM   420  O O   . PRO A 1 58  ? -2.424  -6.942  15.105  1.000 14.652 0 55  PRO AAA O   1 ? 
ATOM   421  C CB  . PRO A 1 58  ? -3.602  -9.911  14.728  1.000 19.082 0 55  PRO AAA CB  1 ? 
ATOM   422  C CG  . PRO A 1 58  ? -4.089  -10.609 16.025  1.000 17.420 0 55  PRO AAA CG  1 ? 
ATOM   423  C CD  . PRO A 1 58  ? -3.485  -9.844  17.150  1.000 17.450 0 55  PRO AAA CD  1 ? 
ATOM   424  N N   . GLY A 1 59  ? -1.659  -7.885  13.236  1.000 17.065 0 56  GLY AAA N   1 ? 
ATOM   425  C CA  . GLY A 1 59  ? -1.581  -6.636  12.508  1.000 16.654 0 56  GLY AAA CA  1 ? 
ATOM   426  C C   . GLY A 1 59  ? -1.136  -6.831  11.095  1.000 14.488 0 56  GLY AAA C   1 ? 
ATOM   427  O O   . GLY A 1 59  ? -0.820  -8.018  10.689  1.000 14.711 0 56  GLY AAA O   1 ? 
ATOM   428  N N   . ILE A 1 60  ? -0.991  -5.718  10.386  1.000 14.231 0 57  ILE AAA N   1 ? 
ATOM   429  C CA  . ILE A 1 60  ? -0.514  -5.768  8.993   1.000 15.997 0 57  ILE AAA CA  1 ? 
ATOM   430  C C   . ILE A 1 60  ? 0.509   -4.670  8.789   1.000 15.783 0 57  ILE AAA C   1 ? 
ATOM   431  O O   . ILE A 1 60  ? 0.267   -3.533  9.165   1.000 15.125 0 57  ILE AAA O   1 ? 
ATOM   432  C CB  . ILE A 1 60  ? -1.665  -5.668  7.970   1.000 16.675 0 57  ILE AAA CB  1 ? 
ATOM   433  C CG1 . ILE A 1 60  ? -2.808  -6.639  8.240   1.000 17.881 0 57  ILE AAA CG1 1 ? 
ATOM   434  C CG2 . ILE A 1 60  ? -1.086  -5.770  6.535   1.000 17.545 0 57  ILE AAA CG2 1 ? 
ATOM   435  C CD1 . ILE A 1 60  ? -3.956  -6.505  7.294   1.000 17.527 0 57  ILE AAA CD1 1 ? 
ATOM   436  N N   . TYR A 1 61  ? 1.640   -5.006  8.170   1.000 15.504 0 58  TYR AAA N   1 ? 
ATOM   437  C CA  . TYR A 1 61  ? 2.546   -4.015  7.586   1.000 16.687 0 58  TYR AAA CA  1 ? 
ATOM   438  C C   . TYR A 1 61  ? 2.081   -3.724  6.168   1.000 16.831 0 58  TYR AAA C   1 ? 
ATOM   439  O O   . TYR A 1 61  ? 1.834   -4.686  5.396   1.000 15.327 0 58  TYR AAA O   1 ? 
ATOM   440  C CB  . TYR A 1 61  ? 3.958   -4.578  7.478   1.000 21.487 0 58  TYR AAA CB  1 ? 
ATOM   441  C CG  . TYR A 1 61  ? 4.677   -4.864  8.770   1.000 23.093 0 58  TYR AAA CG  1 ? 
ATOM   442  C CD1 . TYR A 1 61  ? 5.336   -3.873  9.476   1.000 32.449 0 58  TYR AAA CD1 1 ? 
ATOM   443  C CD2 . TYR A 1 61  ? 4.789   -6.164  9.220   1.000 31.052 0 58  TYR AAA CD2 1 ? 
ATOM   444  C CE1 . TYR A 1 61  ? 5.984   -4.151  10.672  1.000 35.201 0 58  TYR AAA CE1 1 ? 
ATOM   445  C CE2 . TYR A 1 61  ? 5.519   -6.476  10.354  1.000 38.789 0 58  TYR AAA CE2 1 ? 
ATOM   446  C CZ  . TYR A 1 61  ? 6.099   -5.467  11.095  1.000 40.277 0 58  TYR AAA CZ  1 ? 
ATOM   447  O OH  . TYR A 1 61  ? 6.779   -5.836  12.223  1.000 55.181 0 58  TYR AAA OH  1 ? 
ATOM   448  N N   . PHE A 1 62  ? 2.233   -2.486  5.743   1.000 15.854 0 59  PHE AAA N   1 ? 
ATOM   449  C CA  . PHE A 1 62  ? 1.924   -2.066  4.366   1.000 16.833 0 59  PHE AAA CA  1 ? 
ATOM   450  C C   . PHE A 1 62  ? 3.110   -1.310  3.823   1.000 17.230 0 59  PHE AAA C   1 ? 
ATOM   451  O O   . PHE A 1 62  ? 3.786   -0.630  4.602   1.000 17.391 0 59  PHE AAA O   1 ? 
ATOM   452  C CB  . PHE A 1 62  ? 0.687   -1.180  4.348   1.000 17.298 0 59  PHE AAA CB  1 ? 
ATOM   453  C CG  . PHE A 1 62  ? -0.618  -1.846  4.691   1.000 17.116 0 59  PHE AAA CG  1 ? 
ATOM   454  C CD1 . PHE A 1 62  ? -1.375  -2.528  3.738   1.000 17.189 0 59  PHE AAA CD1 1 ? 
ATOM   455  C CD2 . PHE A 1 62  ? -1.118  -1.759  5.984   1.000 17.326 0 59  PHE AAA CD2 1 ? 
ATOM   456  C CE1 . PHE A 1 62  ? -2.609  -3.056  4.060   1.000 15.061 0 59  PHE AAA CE1 1 ? 
ATOM   457  C CE2 . PHE A 1 62  ? -2.360  -2.279  6.270   1.000 15.334 0 59  PHE AAA CE2 1 ? 
ATOM   458  C CZ  . PHE A 1 62  ? -3.066  -2.946  5.336   1.000 14.119 0 59  PHE AAA CZ  1 ? 
ATOM   459  N N   . ALA A 1 63  ? 3.292   -1.347  2.520   1.000 14.974 0 60  ALA AAA N   1 ? 
ATOM   460  C CA  . ALA A 1 63  ? 4.390   -0.586  1.941   1.000 15.263 0 60  ALA AAA CA  1 ? 
ATOM   461  C C   . ALA A 1 63  ? 3.988   0.009   0.592   1.000 16.545 0 60  ALA AAA C   1 ? 
ATOM   462  O O   . ALA A 1 63  ? 3.104   -0.523  -0.070  1.000 17.564 0 60  ALA AAA O   1 ? 
ATOM   463  C CB  . ALA A 1 63  ? 5.609   -1.473  1.773   1.000 17.710 0 60  ALA AAA CB  1 ? 
ATOM   464  N N   . ILE A 1 64  ? 4.645   1.106   0.254   1.000 15.419 0 61  ILE AAA N   1 ? 
ATOM   465  C CA  . ILE A 1 64  ? 4.624   1.658   -1.124  1.000 16.870 0 61  ILE AAA CA  1 ? 
ATOM   466  C C   . ILE A 1 64  ? 5.908   1.174   -1.754  1.000 18.217 0 61  ILE AAA C   1 ? 
ATOM   467  O O   . ILE A 1 64  ? 6.959   1.346   -1.134  1.000 18.838 0 61  ILE AAA O   1 ? 
ATOM   468  C CB  . ILE A 1 64  ? 4.474   3.177   -1.094  1.000 17.352 0 61  ILE AAA CB  1 ? 
ATOM   469  C CG1 . ILE A 1 64  ? 3.100   3.588   -0.547  1.000 18.789 0 61  ILE AAA CG1 1 ? 
ATOM   470  C CG2 . ILE A 1 64  ? 4.701   3.743   -2.504  1.000 17.456 0 61  ILE AAA CG2 1 ? 
ATOM   471  C CD1 . ILE A 1 64  ? 2.979   5.065   -0.271  1.000 19.169 0 61  ILE AAA CD1 1 ? 
ATOM   472  N N   . ALA A 1 65  ? 5.836   0.557   -2.937  1.000 19.793 0 62  ALA AAA N   1 ? 
ATOM   473  C CA  . ALA A 1 65  ? 7.041   0.018   -3.595  1.000 19.845 0 62  ALA AAA CA  1 ? 
ATOM   474  C C   . ALA A 1 65  ? 7.038   0.500   -5.049  1.000 24.341 0 62  ALA AAA C   1 ? 
ATOM   475  O O   . ALA A 1 65  ? 5.969   0.714   -5.626  1.000 19.849 0 62  ALA AAA O   1 ? 
ATOM   476  C CB  . ALA A 1 65  ? 7.087   -1.507  -3.544  1.000 18.987 0 62  ALA AAA CB  1 ? 
ATOM   477  N N   . THR A 1 66  ? 8.230   0.720   -5.582  1.000 27.306 0 63  THR AAA N   1 ? 
ATOM   478  C CA  . THR A 1 66  ? 8.438   0.955   -7.015  1.000 26.827 0 63  THR AAA CA  1 ? 
ATOM   479  C C   . THR A 1 66  ? 9.178   -0.261  -7.569  1.000 33.292 0 63  THR AAA C   1 ? 
ATOM   480  O O   . THR A 1 66  ? 9.394   -1.246  -6.831  1.000 29.178 0 63  THR AAA O   1 ? 
ATOM   481  C CB  . THR A 1 66  ? 9.178   2.271   -7.221  1.000 27.890 0 63  THR AAA CB  1 ? 
ATOM   482  O OG1 . THR A 1 66  ? 10.542  2.138   -6.766  1.000 32.224 0 63  THR AAA OG1 1 ? 
ATOM   483  C CG2 . THR A 1 66  ? 8.529   3.439   -6.523  1.000 30.401 0 63  THR AAA CG2 1 ? 
ATOM   484  N N   . ASN A 1 67  ? 9.590   -0.166  -8.828  1.000 33.656 0 64  ASN AAA N   1 ? 
ATOM   485  C CA  . ASN A 1 67  ? 10.538  -1.116  -9.450  1.000 36.892 0 64  ASN AAA CA  1 ? 
ATOM   486  C C   . ASN A 1 67  ? 11.775  -1.302  -8.580  1.000 29.144 0 64  ASN AAA C   1 ? 
ATOM   487  O O   . ASN A 1 67  ? 12.382  -2.370  -8.655  1.000 34.541 0 64  ASN AAA O   1 ? 
ATOM   488  C CB  . ASN A 1 67  ? 11.249  -0.500  -10.654 1.000 43.271 0 64  ASN AAA CB  1 ? 
ATOM   489  C CG  . ASN A 1 67  ? 10.301  -0.036  -11.686 1.000 44.910 0 64  ASN AAA CG  1 ? 
ATOM   490  O OD1 . ASN A 1 67  ? 9.559   0.904   -11.422 1.000 45.247 0 64  ASN AAA OD1 1 ? 
ATOM   491  N ND2 . ASN A 1 67  ? 10.345  -0.695  -12.838 1.000 58.158 0 64  ASN AAA ND2 1 ? 
ATOM   492  N N   . GLN A 1 68  ? 12.195  -0.231  -7.902  1.000 30.753 0 65  GLN AAA N   1 ? 
ATOM   493  C CA  . GLN A 1 68  ? 13.442  -0.173  -7.122  1.000 34.352 0 65  GLN AAA CA  1 ? 
ATOM   494  C C   . GLN A 1 68  ? 13.214  -0.675  -5.678  1.000 38.891 0 65  GLN AAA C   1 ? 
ATOM   495  O O   . GLN A 1 68  ? 14.182  -0.712  -4.963  1.000 36.461 0 65  GLN AAA O   1 ? 
ATOM   496  C CB  . GLN A 1 68  ? 13.997  1.247   -7.170  1.000 38.386 0 65  GLN AAA CB  1 ? 
ATOM   497  C CG  . GLN A 1 68  ? 14.075  1.818   -8.589  1.000 43.858 0 65  GLN AAA CG  1 ? 
ATOM   498  C CD  . GLN A 1 68  ? 14.760  3.159   -8.574  1.000 56.149 0 65  GLN AAA CD  1 ? 
ATOM   499  O OE1 . GLN A 1 68  ? 14.262  4.129   -7.993  1.000 67.384 0 65  GLN AAA OE1 1 ? 
ATOM   500  N NE2 . GLN A 1 68  ? 15.954  3.205   -9.141  1.000 61.388 0 65  GLN AAA NE2 1 ? 
ATOM   501  N N   . GLY A 1 69  ? 11.992  -1.078  -5.304  1.000 29.502 0 66  GLY AAA N   1 ? 
ATOM   502  C CA  . GLY A 1 69  ? 11.645  -1.703  -4.019  1.000 30.927 0 66  GLY AAA CA  1 ? 
ATOM   503  C C   . GLY A 1 69  ? 10.853  -0.757  -3.115  1.000 26.546 0 66  GLY AAA C   1 ? 
ATOM   504  O O   . GLY A 1 69  ? 10.315  0.259   -3.580  1.000 23.894 0 66  GLY AAA O   1 ? 
ATOM   505  N N   . VAL A 1 70  ? 10.820  -1.069  -1.832  1.000 27.475 0 67  VAL AAA N   1 ? 
ATOM   506  C CA  . VAL A 1 70  ? 9.968   -0.364  -0.842  1.000 22.187 0 67  VAL AAA CA  1 ? 
ATOM   507  C C   . VAL A 1 70  ? 10.519  1.034   -0.596  1.000 26.599 0 67  VAL AAA C   1 ? 
ATOM   508  O O   . VAL A 1 70  ? 11.721  1.162   -0.304  1.000 26.549 0 67  VAL AAA O   1 ? 
ATOM   509  C CB  . VAL A 1 70  ? 9.879   -1.188  0.455   1.000 24.176 0 67  VAL AAA CB  1 ? 
ATOM   510  C CG1 . VAL A 1 70  ? 9.275   -0.369  1.578   1.000 24.949 0 67  VAL AAA CG1 1 ? 
ATOM   511  C CG2 . VAL A 1 70  ? 9.170   -2.495  0.265   1.000 23.522 0 67  VAL AAA CG2 1 ? 
ATOM   512  N N   . VAL A 1 71  ? 9.693   2.070   -0.729  1.000 21.188 0 68  VAL AAA N   1 ? 
ATOM   513  C CA  . VAL A 1 71  ? 10.077  3.472   -0.465  1.000 26.506 0 68  VAL AAA CA  1 ? 
ATOM   514  C C   . VAL A 1 71  ? 9.569   3.892   0.912   1.000 26.438 0 68  VAL AAA C   1 ? 
ATOM   515  O O   . VAL A 1 71  ? 10.086  4.818   1.467   1.000 24.373 0 68  VAL AAA O   1 ? 
ATOM   516  C CB  . VAL A 1 71  ? 9.581   4.434   -1.561  1.000 29.740 0 68  VAL AAA CB  1 ? 
ATOM   517  C CG1 . VAL A 1 71  ? 10.073  3.973   -2.915  1.000 35.163 0 68  VAL AAA CG1 1 ? 
ATOM   518  C CG2 . VAL A 1 71  ? 8.092   4.577   -1.617  1.000 31.269 0 68  VAL AAA CG2 1 ? 
ATOM   519  N N   . ALA A 1 72  ? 8.534   3.258   1.433   1.000 20.300 0 69  ALA AAA N   1 ? 
ATOM   520  C CA  . ALA A 1 72  ? 7.955   3.705   2.715   1.000 20.473 0 69  ALA AAA CA  1 ? 
ATOM   521  C C   . ALA A 1 72  ? 7.093   2.559   3.234   1.000 21.042 0 69  ALA AAA C   1 ? 
ATOM   522  O O   . ALA A 1 72  ? 6.574   1.786   2.431   1.000 16.284 0 69  ALA AAA O   1 ? 
ATOM   523  C CB  . ALA A 1 72  ? 7.075   4.906   2.463   1.000 21.315 0 69  ALA AAA CB  1 ? 
ATOM   524  N N   . ASP A 1 73  ? 6.970   2.444   4.543   1.000 22.526 0 70  ASP AAA N   1 ? 
ATOM   525  C CA  . ASP A 1 73  ? 6.221   1.310   5.103   1.000 22.765 0 70  ASP AAA CA  1 ? 
ATOM   526  C C   . ASP A 1 73  ? 5.683   1.709   6.460   1.000 19.006 0 70  ASP AAA C   1 ? 
ATOM   527  O O   . ASP A 1 73  ? 6.165   2.681   7.063   1.000 19.663 0 70  ASP AAA O   1 ? 
ATOM   528  C CB  . ASP A 1 73  ? 7.054   0.029   5.171   1.000 30.487 0 70  ASP AAA CB  1 ? 
ATOM   529  C CG  . ASP A 1 73  ? 8.101   0.043   6.256   1.000 38.032 0 70  ASP AAA CG  1 ? 
ATOM   530  O OD1 . ASP A 1 73  ? 8.681   1.143   6.502   1.000 41.295 0 70  ASP AAA OD1 1 ? 
ATOM   531  O OD2 . ASP A 1 73  ? 8.273   -1.024  6.875   1.000 66.175 0 70  ASP AAA OD2 1 ? 
ATOM   532  N N   . GLY A 1 74  ? 4.679   0.963   6.911   1.000 17.482 0 71  GLY AAA N   1 ? 
ATOM   533  C CA  . GLY A 1 74  ? 4.081   1.237   8.228   1.000 17.431 0 71  GLY AAA CA  1 ? 
ATOM   534  C C   . GLY A 1 74  ? 3.183   0.087   8.594   1.000 16.725 0 71  GLY AAA C   1 ? 
ATOM   535  O O   . GLY A 1 74  ? 3.067   -0.842  7.818   1.000 19.118 0 71  GLY AAA O   1 ? 
ATOM   536  N N   . CYS A 1 75  ? 2.634   0.126   9.776   1.000 19.053 0 72  CYS AAA N   1 ? 
ATOM   537  C CA  . CYS A 1 75  ? 1.746   -0.957  10.197  1.000 15.996 0 72  CYS AAA CA  1 ? 
ATOM   538  C C   . CYS A 1 75  ? 0.686   -0.477  11.132  1.000 17.743 0 72  CYS AAA C   1 ? 
ATOM   539  O O   . CYS A 1 75  ? 0.871   0.554   11.709  1.000 17.727 0 72  CYS AAA O   1 ? 
ATOM   540  C CB  . CYS A 1 75  ? 2.505   -2.145  10.746  1.000 23.365 0 72  CYS AAA CB  1 ? 
ATOM   541  S SG  . CYS A 1 75  ? 2.974   -2.055  12.473  1.000 25.890 0 72  CYS AAA SG  1 ? 
ATOM   542  N N   . PHE A 1 76  ? -0.380  -1.278  11.286  1.000 14.982 0 73  PHE AAA N   1 ? 
ATOM   543  C CA  . PHE A 1 76  ? -1.267  -1.209  12.462  1.000 15.692 0 73  PHE AAA CA  1 ? 
ATOM   544  C C   . PHE A 1 76  ? -1.096  -2.510  13.231  1.000 14.300 0 73  PHE AAA C   1 ? 
ATOM   545  O O   . PHE A 1 76  ? -0.862  -3.549  12.583  1.000 12.950 0 73  PHE AAA O   1 ? 
ATOM   546  C CB  . PHE A 1 76  ? -2.723  -0.982  12.088  1.000 15.974 0 73  PHE AAA CB  1 ? 
ATOM   547  C CG  . PHE A 1 76  ? -3.431  -2.177  11.490  1.000 17.185 0 73  PHE AAA CG  1 ? 
ATOM   548  C CD1 . PHE A 1 76  ? -4.057  -3.125  12.286  1.000 16.855 0 73  PHE AAA CD1 1 ? 
ATOM   549  C CD2 . PHE A 1 76  ? -3.514  -2.312  10.127  1.000 15.321 0 73  PHE AAA CD2 1 ? 
ATOM   550  C CE1 . PHE A 1 76  ? -4.731  -4.202  11.715  1.000 15.443 0 73  PHE AAA CE1 1 ? 
ATOM   551  C CE2 . PHE A 1 76  ? -4.218  -3.357  9.548   1.000 16.174 0 73  PHE AAA CE2 1 ? 
ATOM   552  C CZ  . PHE A 1 76  ? -4.810  -4.308  10.351  1.000 15.706 0 73  PHE AAA CZ  1 ? 
ATOM   553  N N   . THR A 1 77  ? -1.275  -2.482  14.527  1.000 14.076 0 74  THR AAA N   1 ? 
ATOM   554  C CA  . THR A 1 77  ? -1.385  -3.698  15.361  1.000 15.225 0 74  THR AAA CA  1 ? 
ATOM   555  C C   . THR A 1 77  ? -2.468  -3.479  16.414  1.000 17.502 0 74  THR AAA C   1 ? 
ATOM   556  O O   . THR A 1 77  ? -2.671  -2.306  16.863  1.000 16.541 0 74  THR AAA O   1 ? 
ATOM   557  C CB  . THR A 1 77  ? -0.060  -4.041  16.054  1.000 16.844 0 74  THR AAA CB  1 ? 
ATOM   558  O OG1 . THR A 1 77  ? 0.351   -2.937  16.860  1.000 17.458 0 74  THR AAA OG1 1 ? 
ATOM   559  C CG2 . THR A 1 77  ? 0.996   -4.359  15.024  1.000 18.738 0 74  THR AAA CG2 1 ? 
ATOM   560  N N   . TYR A 1 78  ? -3.172  -4.552  16.791  1.000 17.567 0 75  TYR AAA N   1 ? 
ATOM   561  C CA  . TYR A 1 78  ? -4.109  -4.540  17.930  1.000 20.090 0 75  TYR AAA CA  1 ? 
ATOM   562  C C   . TYR A 1 78  ? -3.304  -4.438  19.228  1.000 19.164 0 75  TYR AAA C   1 ? 
ATOM   563  O O   . TYR A 1 78  ? -2.126  -4.799  19.251  1.000 19.927 0 75  TYR AAA O   1 ? 
ATOM   564  C CB  . TYR A 1 78  ? -5.026  -5.756  17.897  1.000 18.510 0 75  TYR AAA CB  1 ? 
ATOM   565  C CG  . TYR A 1 78  ? -5.810  -5.805  16.613  1.000 17.900 0 75  TYR AAA CG  1 ? 
ATOM   566  C CD1 . TYR A 1 78  ? -6.867  -4.928  16.375  1.000 14.858 0 75  TYR AAA CD1 1 ? 
ATOM   567  C CD2 . TYR A 1 78  ? -5.544  -6.755  15.659  1.000 17.719 0 75  TYR AAA CD2 1 ? 
ATOM   568  C CE1 . TYR A 1 78  ? -7.596  -4.990  15.183  1.000 17.501 0 75  TYR AAA CE1 1 ? 
ATOM   569  C CE2 . TYR A 1 78  ? -6.263  -6.814  14.479  1.000 17.730 0 75  TYR AAA CE2 1 ? 
ATOM   570  C CZ  . TYR A 1 78  ? -7.299  -5.938  14.228  1.000 15.961 0 75  TYR AAA CZ  1 ? 
ATOM   571  O OH  . TYR A 1 78  ? -8.007  -5.988  13.056  1.000 17.642 0 75  TYR AAA OH  1 ? 
ATOM   572  N N   . SER A 1 79  ? -3.978  -4.004  20.290  1.000 20.124 0 76  SER AAA N   1 ? 
ATOM   573  C CA  . SER A 1 79  ? -3.374  -3.786  21.613  1.000 18.799 0 76  SER AAA CA  1 ? 
ATOM   574  C C   . SER A 1 79  ? -3.704  -4.967  22.544  1.000 19.974 0 76  SER AAA C   1 ? 
ATOM   575  O O   . SER A 1 79  ? -3.344  -4.906  23.719  1.000 26.758 0 76  SER AAA O   1 ? 
ATOM   576  C CB  . SER A 1 79  ? -3.849  -2.464  22.115  1.000 20.094 0 76  SER AAA CB  1 ? 
ATOM   577  O OG  . SER A 1 79  ? -3.250  -1.400  21.331  1.000 20.754 0 76  SER AAA OG  1 ? 
ATOM   578  N N   . SER A 1 80  ? -4.385  -5.986  22.033  1.000 20.487 0 77  SER AAA N   1 ? 
ATOM   579  C CA  . SER A 1 80  ? -4.670  -7.237  22.796  1.000 22.496 0 77  SER AAA CA  1 ? 
ATOM   580  C C   . SER A 1 80  ? -4.089  -8.430  22.074  1.000 20.980 0 77  SER AAA C   1 ? 
ATOM   581  O O   . SER A 1 80  ? -4.088  -8.444  20.866  1.000 23.024 0 77  SER AAA O   1 ? 
ATOM   582  C CB  . SER A 1 80  ? -6.166  -7.399  22.997  1.000 23.424 0 77  SER AAA CB  1 ? 
ATOM   583  O OG  . SER A 1 80  ? -6.691  -6.316  23.754  1.000 28.939 0 77  SER AAA OG  1 ? 
ATOM   584  N N   . LYS A 1 81  ? -3.601  -9.421  22.812  1.000 23.172 0 78  LYS AAA N   1 ? 
ATOM   585  C CA  . LYS A 1 81  ? -2.914  -10.585 22.198  1.000 23.957 0 78  LYS AAA CA  1 ? 
ATOM   586  C C   . LYS A 1 81  ? -3.905  -11.288 21.261  1.000 18.912 0 78  LYS AAA C   1 ? 
ATOM   587  O O   . LYS A 1 81  ? -3.515  -11.620 20.129  1.000 22.375 0 78  LYS AAA O   1 ? 
ATOM   588  C CB  . LYS A 1 81  ? -2.383  -11.559 23.270  1.000 23.966 0 78  LYS AAA CB  1 ? 
ATOM   589  C CG  . LYS A 1 81  ? -1.576  -12.706 22.676  1.000 26.464 0 78  LYS AAA CG  1 ? 
ATOM   590  C CD  . LYS A 1 81  ? -1.009  -13.647 23.695  1.000 33.002 0 78  LYS AAA CD  1 ? 
ATOM   591  C CE  . LYS A 1 81  ? -0.136  -14.701 23.045  1.000 38.547 0 78  LYS AAA CE  1 ? 
ATOM   592  N NZ  . LYS A 1 81  ? 1.268   -14.222 22.995  1.000 54.555 0 78  LYS AAA NZ  1 ? 
ATOM   593  N N   . VAL A 1 82  ? -5.131  -11.469 21.719  1.000 22.966 0 79  VAL AAA N   1 ? 
ATOM   594  C CA  . VAL A 1 82  ? -6.243  -12.079 20.927  1.000 25.398 0 79  VAL AAA CA  1 ? 
ATOM   595  C C   . VAL A 1 82  ? -7.449  -11.177 21.151  1.000 25.516 0 79  VAL AAA C   1 ? 
ATOM   596  O O   . VAL A 1 82  ? -8.141  -11.262 22.176  1.000 29.545 0 79  VAL AAA O   1 ? 
ATOM   597  C CB  . VAL A 1 82  ? -6.524  -13.550 21.296  1.000 26.143 0 79  VAL AAA CB  1 ? 
ATOM   598  C CG1 . VAL A 1 82  ? -7.565  -14.151 20.348  1.000 30.035 0 79  VAL AAA CG1 1 ? 
ATOM   599  C CG2 . VAL A 1 82  ? -5.235  -14.362 21.254  1.000 30.055 0 79  VAL AAA CG2 1 ? 
ATOM   600  N N   . PRO A 1 83  ? -7.679  -10.202 20.237  1.000 25.910 0 80  PRO AAA N   1 ? 
ATOM   601  C CA  . PRO A 1 83  ? -8.771  -9.245  20.399  1.000 24.333 0 80  PRO AAA CA  1 ? 
ATOM   602  C C   . PRO A 1 83  ? -10.123 -9.981  20.468  1.000 25.020 0 80  PRO AAA C   1 ? 
ATOM   603  O O   . PRO A 1 83  ? -10.265 -11.027 19.815  1.000 25.423 0 80  PRO AAA O   1 ? 
ATOM   604  C CB  . PRO A 1 83  ? -8.615  -8.342  19.146  1.000 24.347 0 80  PRO AAA CB  1 ? 
ATOM   605  C CG  . PRO A 1 83  ? -7.212  -8.499  18.722  1.000 25.363 0 80  PRO AAA CG  1 ? 
ATOM   606  C CD  . PRO A 1 83  ? -6.859  -9.939  19.029  1.000 24.090 0 80  PRO AAA CD  1 ? 
ATOM   607  N N   . GLU A 1 84  ? -11.082 -9.481  21.258  1.000 26.238 0 81  GLU AAA N   1 ? 
ATOM   608  C CA  . GLU A 1 84  ? -12.454 -10.037 21.302  1.000 25.459 0 81  GLU AAA CA  1 ? 
ATOM   609  C C   . GLU A 1 84  ? -12.976 -10.226 19.870  1.000 27.695 0 81  GLU AAA C   1 ? 
ATOM   610  O O   . GLU A 1 84  ? -13.444 -11.306 19.518  1.000 22.600 0 81  GLU AAA O   1 ? 
ATOM   611  C CB  . GLU A 1 84  ? -13.379 -9.137  22.126  1.000 32.080 0 81  GLU AAA CB  1 ? 
ATOM   612  C CG  . GLU A 1 84  ? -14.779 -9.742  22.286  1.000 36.056 0 81  GLU AAA CG  1 ? 
ATOM   613  C CD  . GLU A 1 84  ? -15.756 -9.025  23.216  1.000 39.762 0 81  GLU AAA CD  1 ? 
ATOM   614  O OE1 . GLU A 1 84  ? -15.321 -7.954  23.772  1.000 33.763 0 81  GLU AAA OE1 1 ? 
ATOM   615  O OE2 . GLU A 1 84  ? -16.945 -9.526  23.379  1.000 37.341 0 81  GLU AAA OE2 1 ? 
ATOM   616  N N   . SER A 1 85  ? -12.903 -9.203  19.020  1.000 23.333 0 82  SER AAA N   1 ? 
ATOM   617  C CA  . SER A 1 85  ? -13.235 -9.313  17.584  1.000 26.755 0 82  SER AAA CA  1 ? 
ATOM   618  C C   . SER A 1 85  ? -12.314 -8.327  16.877  1.000 29.057 0 82  SER AAA C   1 ? 
ATOM   619  O O   . SER A 1 85  ? -12.259 -7.181  17.293  1.000 40.414 0 82  SER AAA O   1 ? 
ATOM   620  C CB  . SER A 1 85  ? -14.691 -8.997  17.283  1.000 33.107 0 82  SER AAA CB  1 ? 
ATOM   621  O OG  . SER A 1 85  ? -15.055 -9.319  15.932  1.000 35.430 0 82  SER AAA OG  1 ? 
ATOM   622  N N   . THR A 1 86  ? -11.573 -8.795  15.903  1.000 21.895 0 83  THR AAA N   1 ? 
ATOM   623  C CA  . THR A 1 86  ? -10.564 -7.991  15.171  1.000 21.373 0 83  THR AAA CA  1 ? 
ATOM   624  C C   . THR A 1 86  ? -11.282 -6.848  14.437  1.000 19.275 0 83  THR AAA C   1 ? 
ATOM   625  O O   . THR A 1 86  ? -11.837 -7.069  13.396  1.000 21.312 0 83  THR AAA O   1 ? 
ATOM   626  C CB  . THR A 1 86  ? -9.770  -8.926  14.249  1.000 23.524 0 83  THR AAA CB  1 ? 
ATOM   627  O OG1 . THR A 1 86  ? -10.722 -9.631  13.466  1.000 21.558 0 83  THR AAA OG1 1 ? 
ATOM   628  C CG2 . THR A 1 86  ? -8.926  -9.921  15.014  1.000 27.696 0 83  THR AAA CG2 1 ? 
ATOM   629  N N   . GLY A 1 87  ? -11.163 -5.647  14.982  1.000 16.903 0 84  GLY AAA N   1 ? 
ATOM   630  C CA  . GLY A 1 87  ? -11.815 -4.440  14.470  1.000 15.140 0 84  GLY AAA CA  1 ? 
ATOM   631  C C   . GLY A 1 87  ? -11.133 -3.871  13.230  1.000 14.439 0 84  GLY AAA C   1 ? 
ATOM   632  O O   . GLY A 1 87  ? -9.982  -4.210  12.918  1.000 13.965 0 84  GLY AAA O   1 ? 
ATOM   633  N N   . ARG A 1 88  ? -11.826 -2.964  12.590  1.000 13.324 0 85  ARG AAA N   1 ? 
ATOM   634  C CA  . ARG A 1 88  ? -11.285 -2.309  11.372  1.000 14.500 0 85  ARG AAA CA  1 ? 
ATOM   635  C C   . ARG A 1 88  ? -10.373 -1.175  11.791  1.000 14.182 0 85  ARG AAA C   1 ? 
ATOM   636  O O   . ARG A 1 88  ? -10.796 -0.290  12.542  1.000 14.091 0 85  ARG AAA O   1 ? 
ATOM   637  C CB  . ARG A 1 88  ? -12.428 -1.858  10.467  1.000 15.924 0 85  ARG AAA CB  1 ? 
ATOM   638  C CG  . ARG A 1 88  ? -13.408 -2.993  10.171  1.000 17.116 0 85  ARG AAA CG  1 ? 
ATOM   639  C CD  . ARG A 1 88  ? -12.686 -4.212  9.620   1.000 19.617 0 85  ARG AAA CD  1 ? 
ATOM   640  N NE  . ARG A 1 88  ? -13.623 -5.268  9.214   1.000 19.082 0 85  ARG AAA NE  1 ? 
ATOM   641  C CZ  . ARG A 1 88  ? -13.898 -5.671  7.970   1.000 21.585 0 85  ARG AAA CZ  1 ? 
ATOM   642  N NH1 . ARG A 1 88  ? -13.316 -5.091  6.927   1.000 21.253 0 85  ARG AAA NH1 1 ? 
ATOM   643  N NH2 . ARG A 1 88  ? -14.817 -6.620  7.773   1.000 18.678 0 85  ARG AAA NH2 1 ? 
ATOM   644  N N   . MET A 1 89  ? -9.167  -1.179  11.269  1.000 15.894 0 86  MET AAA N   1 ? 
ATOM   645  C CA  . MET A 1 89  ? -8.101  -0.237  11.675  1.000 18.027 0 86  MET AAA CA  1 ? 
ATOM   646  C C   . MET A 1 89  ? -7.629  0.529   10.448  1.000 18.648 0 86  MET AAA C   1 ? 
ATOM   647  O O   . MET A 1 89  ? -6.729  0.095   9.773   1.000 21.872 0 86  MET AAA O   1 ? 
ATOM   648  C CB  . MET A 1 89  ? -6.932  -1.037  12.215  1.000 22.468 0 86  MET AAA CB  1 ? 
ATOM   649  C CG  . MET A 1 89  ? -7.313  -1.850  13.419  1.000 24.653 0 86  MET AAA CG  1 ? 
ATOM   650  S SD  . MET A 1 89  ? -7.418  -0.856  14.890  1.000 31.662 0 86  MET AAA SD  1 ? 
ATOM   651  C CE  . MET A 1 89  ? -5.720  -0.974  15.478  1.000 27.665 0 86  MET AAA CE  1 ? 
ATOM   652  N N   . PRO A 1 90  ? -8.210  1.702   10.174  1.000 20.120 0 87  PRO AAA N   1 ? 
ATOM   653  C CA  . PRO A 1 90  ? -7.873  2.456   8.976   1.000 19.277 0 87  PRO AAA CA  1 ? 
ATOM   654  C C   . PRO A 1 90  ? -6.364  2.743   8.893   1.000 19.798 0 87  PRO AAA C   1 ? 
ATOM   655  O O   . PRO A 1 90  ? -5.722  3.096   9.871   1.000 22.798 0 87  PRO AAA O   1 ? 
ATOM   656  C CB  . PRO A 1 90  ? -8.670  3.744   9.125   1.000 20.190 0 87  PRO AAA CB  1 ? 
ATOM   657  C CG  . PRO A 1 90  ? -9.798  3.403   10.075  1.000 17.948 0 87  PRO AAA CG  1 ? 
ATOM   658  C CD  . PRO A 1 90  ? -9.193  2.403   11.044  1.000 20.383 0 87  PRO AAA CD  1 ? 
ATOM   659  N N   . PHE A 1 91  ? -5.842  2.639   7.702   1.000 17.225 0 88  PHE AAA N   1 ? 
ATOM   660  C CA  . PHE A 1 91  ? -4.400  2.763   7.444   1.000 16.350 0 88  PHE AAA CA  1 ? 
ATOM   661  C C   . PHE A 1 91  ? -4.184  3.630   6.210   1.000 16.853 0 88  PHE AAA C   1 ? 
ATOM   662  O O   . PHE A 1 91  ? -4.829  3.404   5.193   1.000 15.270 0 88  PHE AAA O   1 ? 
ATOM   663  C CB  . PHE A 1 91  ? -3.807  1.370   7.219   1.000 16.996 0 88  PHE AAA CB  1 ? 
ATOM   664  C CG  . PHE A 1 91  ? -2.335  1.472   6.944   1.000 17.357 0 88  PHE AAA CG  1 ? 
ATOM   665  C CD1 . PHE A 1 91  ? -1.455  1.541   7.999   1.000 17.983 0 88  PHE AAA CD1 1 ? 
ATOM   666  C CD2 . PHE A 1 91  ? -1.855  1.625   5.645   1.000 16.932 0 88  PHE AAA CD2 1 ? 
ATOM   667  C CE1 . PHE A 1 91  ? -0.097  1.703   7.785   1.000 20.893 0 88  PHE AAA CE1 1 ? 
ATOM   668  C CE2 . PHE A 1 91  ? -0.499  1.789   5.440   1.000 19.045 0 88  PHE AAA CE2 1 ? 
ATOM   669  C CZ  . PHE A 1 91  ? 0.373   1.860   6.504   1.000 17.971 0 88  PHE AAA CZ  1 ? 
ATOM   670  N N   . THR A 1 92  ? -3.318  4.627   6.340   1.000 14.864 0 89  THR AAA N   1 ? 
ATOM   671  C CA  . THR A 1 92  ? -2.902  5.488   5.209   1.000 14.438 0 89  THR AAA CA  1 ? 
ATOM   672  C C   . THR A 1 92  ? -1.380  5.596   5.282   1.000 14.505 0 89  THR AAA C   1 ? 
ATOM   673  O O   . THR A 1 92  ? -0.848  5.794   6.396   1.000 15.575 0 89  THR AAA O   1 ? 
ATOM   674  C CB  . THR A 1 92  ? -3.687  6.806   5.208   1.000 16.170 0 89  THR AAA CB  1 ? 
ATOM   675  O OG1 . THR A 1 92  ? -5.100  6.601   5.084   1.000 21.491 0 89  THR AAA OG1 1 ? 
ATOM   676  C CG2 . THR A 1 92  ? -3.217  7.730   4.099   1.000 18.297 0 89  THR AAA CG2 1 ? 
ATOM   677  N N   . LEU A 1 93  ? -0.713  5.575   4.123   1.000 15.132 0 90  LEU AAA N   1 ? 
ATOM   678  C CA  . LEU A 1 93  ? 0.737   5.752   3.990   1.000 14.315 0 90  LEU AAA CA  1 ? 
ATOM   679  C C   . LEU A 1 93  ? 0.982   6.738   2.849   1.000 15.273 0 90  LEU AAA C   1 ? 
ATOM   680  O O   . LEU A 1 93  ? 0.382   6.553   1.782   1.000 15.404 0 90  LEU AAA O   1 ? 
ATOM   681  C CB  . LEU A 1 93  ? 1.393   4.406   3.697   1.000 16.825 0 90  LEU AAA CB  1 ? 
ATOM   682  C CG  . LEU A 1 93  ? 2.911   4.380   3.635   1.000 17.772 0 90  LEU AAA CG  1 ? 
ATOM   683  C CD1 . LEU A 1 93  ? 3.596   4.866   4.894   1.000 16.614 0 90  LEU AAA CD1 1 ? 
ATOM   684  C CD2 . LEU A 1 93  ? 3.374   2.954   3.326   1.000 18.972 0 90  LEU AAA CD2 1 ? 
ATOM   685  N N   . VAL A 1 94  ? 1.828   7.722   3.094   1.000 14.454 0 91  VAL AAA N   1 ? 
ATOM   686  C CA  . VAL A 1 94  ? 2.123   8.773   2.089   1.000 15.335 0 91  VAL AAA CA  1 ? 
ATOM   687  C C   . VAL A 1 94  ? 3.616   8.798   1.845   1.000 16.467 0 91  VAL AAA C   1 ? 
ATOM   688  O O   . VAL A 1 94  ? 4.392   8.891   2.802   1.000 16.789 0 91  VAL AAA O   1 ? 
ATOM   689  C CB  . VAL A 1 94  ? 1.581   10.155  2.524   1.000 16.337 0 91  VAL AAA CB  1 ? 
ATOM   690  C CG1 . VAL A 1 94  ? 1.800   11.186  1.440   1.000 17.460 0 91  VAL AAA CG1 1 ? 
ATOM   691  C CG2 . VAL A 1 94  ? 0.141   10.075  2.970   1.000 18.019 0 91  VAL AAA CG2 1 ? 
ATOM   692  N N   . ALA A 1 95  ? 4.003   8.816   0.571   1.000 18.289 0 92  ALA AAA N   1 ? 
ATOM   693  C CA  . ALA A 1 95  ? 5.434   8.873   0.214   1.000 22.131 0 92  ALA AAA CA  1 ? 
ATOM   694  C C   . ALA A 1 95  ? 5.614   9.699   -1.046  1.000 24.939 0 92  ALA AAA C   1 ? 
ATOM   695  O O   . ALA A 1 95  ? 4.741   9.736   -1.847  1.000 26.147 0 92  ALA AAA O   1 ? 
ATOM   696  C CB  . ALA A 1 95  ? 6.020   7.505   0.067   1.000 26.063 0 92  ALA AAA CB  1 ? 
ATOM   697  N N   . THR A 1 96  ? 6.752   10.366  -1.150  1.000 24.542 0 93  THR AAA N   1 ? 
ATOM   698  C CA  . THR A 1 96  ? 7.044   11.177  -2.361  1.000 29.859 0 93  THR AAA CA  1 ? 
ATOM   699  C C   . THR A 1 96  ? 8.222   10.477  -3.069  1.000 29.452 0 93  THR AAA C   1 ? 
ATOM   700  O O   . THR A 1 96  ? 9.220   10.195  -2.416  1.000 36.514 0 93  THR AAA O   1 ? 
ATOM   701  C CB  . THR A 1 96  ? 7.115   12.664  -1.997  1.000 30.890 0 93  THR AAA CB  1 ? 
ATOM   702  O OG1 . THR A 1 96  ? 5.862   13.072  -1.427  1.000 33.865 0 93  THR AAA OG1 1 ? 
ATOM   703  C CG2 . THR A 1 96  ? 7.416   13.530  -3.215  1.000 33.205 0 93  THR AAA CG2 1 ? 
ATOM   704  N N   . ILE A 1 97  ? 8.100   10.167  -4.344  1.000 33.020 0 94  ILE AAA N   1 ? 
ATOM   705  C CA  . ILE A 1 97  ? 9.162   9.414   -5.075  1.000 34.471 0 94  ILE AAA CA  1 ? 
ATOM   706  C C   . ILE A 1 97  ? 9.738   10.275  -6.213  1.000 40.310 0 94  ILE AAA C   1 ? 
ATOM   707  O O   . ILE A 1 97  ? 9.007   11.026  -6.811  1.000 35.764 0 94  ILE AAA O   1 ? 
ATOM   708  C CB  . ILE A 1 97  ? 8.617   8.061   -5.558  1.000 36.486 0 94  ILE AAA CB  1 ? 
ATOM   709  C CG1 . ILE A 1 97  ? 7.415   8.201   -6.475  1.000 37.538 0 94  ILE AAA CG1 1 ? 
ATOM   710  C CG2 . ILE A 1 97  ? 8.270   7.167   -4.370  1.000 37.315 0 94  ILE AAA CG2 1 ? 
ATOM   711  C CD1 . ILE A 1 97  ? 7.419   7.190   -7.607  1.000 44.344 0 94  ILE AAA CD1 1 ? 
ATOM   712  N N   . ASP A 1 98  ? 11.044  10.179  -6.443  1.000 45.930 0 95  ASP AAA N   1 ? 
ATOM   713  C CA  . ASP A 1 98  ? 11.706  10.773  -7.635  1.000 52.957 0 95  ASP AAA CA  1 ? 
ATOM   714  C C   . ASP A 1 98  ? 11.541  9.792   -8.789  1.000 45.913 0 95  ASP AAA C   1 ? 
ATOM   715  O O   . ASP A 1 98  ? 12.128  8.688   -8.710  1.000 51.007 0 95  ASP AAA O   1 ? 
ATOM   716  C CB  . ASP A 1 98  ? 13.189  11.051  -7.369  1.000 63.359 0 95  ASP AAA CB  1 ? 
ATOM   717  C CG  . ASP A 1 98  ? 13.920  11.550  -8.608  1.000 78.913 0 95  ASP AAA CG  1 ? 
ATOM   718  O OD1 . ASP A 1 98  ? 13.485  12.598  -9.168  1.000 86.247 0 95  ASP AAA OD1 1 ? 
ATOM   719  O OD2 . ASP A 1 98  ? 14.894  10.869  -9.023  1.000 84.632 0 95  ASP AAA OD2 1 ? 
ATOM   720  N N   . VAL A 1 99  ? 10.804  10.167  -9.827  1.000 40.118 0 96  VAL AAA N   1 ? 
ATOM   721  C CA  . VAL A 1 99  ? 10.522  9.257   -10.972 1.000 43.075 0 96  VAL AAA CA  1 ? 
ATOM   722  C C   . VAL A 1 99  ? 11.792  8.977   -11.820 1.000 44.964 0 96  VAL AAA C   1 ? 
ATOM   723  O O   . VAL A 1 99  ? 11.828  7.879   -12.453 1.000 46.823 0 96  VAL AAA O   1 ? 
ATOM   724  C CB  . VAL A 1 99  ? 9.370   9.802   -11.836 1.000 44.797 0 96  VAL AAA CB  1 ? 
ATOM   725  C CG1 . VAL A 1 99  ? 8.868   8.732   -12.798 1.000 45.958 0 96  VAL AAA CG1 1 ? 
ATOM   726  C CG2 . VAL A 1 99  ? 8.227   10.301  -10.974 1.000 49.269 0 96  VAL AAA CG2 1 ? 
ATOM   727  N N   . GLY A 1 100 ? 12.779  9.878   -11.848 1.000 46.762 0 97  GLY AAA N   1 ? 
ATOM   728  C CA  . GLY A 1 100 ? 13.961  9.778   -12.753 1.000 55.659 0 97  GLY AAA CA  1 ? 
ATOM   729  C C   . GLY A 1 100 ? 14.898  8.608   -12.442 1.000 54.760 0 97  GLY AAA C   1 ? 
ATOM   730  O O   . GLY A 1 100 ? 15.655  8.184   -13.351 1.000 49.330 0 97  GLY AAA O   1 ? 
ATOM   731  N N   . SER A 1 101 ? 14.842  8.089   -11.214 1.000 61.761 0 98  SER AAA N   1 ? 
ATOM   732  C CA  . SER A 1 101 ? 15.684  6.982   -10.696 1.000 62.980 0 98  SER AAA CA  1 ? 
ATOM   733  C C   . SER A 1 101 ? 15.438  5.676   -11.468 1.000 63.531 0 98  SER AAA C   1 ? 
ATOM   734  O O   . SER A 1 101 ? 16.193  4.718   -11.222 1.000 70.806 0 98  SER AAA O   1 ? 
ATOM   735  C CB  . SER A 1 101 ? 15.418  6.797   -9.238  1.000 64.420 0 98  SER AAA CB  1 ? 
ATOM   736  O OG  . SER A 1 101 ? 15.128  8.055   -8.660  1.000 71.180 0 98  SER AAA OG  1 ? 
ATOM   737  N N   . GLY A 1 102 ? 14.437  5.609   -12.355 1.000 51.542 0 99  GLY AAA N   1 ? 
ATOM   738  C CA  . GLY A 1 102 ? 14.102  4.372   -13.093 1.000 49.543 0 99  GLY AAA CA  1 ? 
ATOM   739  C C   . GLY A 1 102 ? 12.783  3.796   -12.623 1.000 44.174 0 99  GLY AAA C   1 ? 
ATOM   740  O O   . GLY A 1 102 ? 12.612  2.560   -12.676 1.000 54.841 0 99  GLY AAA O   1 ? 
ATOM   741  N N   . VAL A 1 103 ? 11.896  4.652   -12.124 1.000 38.930 0 100 VAL AAA N   1 ? 
ATOM   742  C CA  . VAL A 1 103 ? 10.515  4.273   -11.711 1.000 37.576 0 100 VAL AAA CA  1 ? 
ATOM   743  C C   . VAL A 1 103 ? 9.647   4.132   -12.964 1.000 32.807 0 100 VAL AAA C   1 ? 
ATOM   744  O O   . VAL A 1 103 ? 9.444   5.116   -13.685 1.000 37.684 0 100 VAL AAA O   1 ? 
ATOM   745  C CB  . VAL A 1 103 ? 9.921   5.289   -10.723 1.000 35.550 0 100 VAL AAA CB  1 ? 
ATOM   746  C CG1 . VAL A 1 103 ? 8.490   4.937   -10.362 1.000 41.470 0 100 VAL AAA CG1 1 ? 
ATOM   747  C CG2 . VAL A 1 103 ? 10.772  5.376   -9.484  1.000 38.029 0 100 VAL AAA CG2 1 ? 
ATOM   748  N N   . THR A 1 104 ? 9.108   2.958   -13.159 1.000 33.193 0 101 THR AAA N   1 ? 
ATOM   749  C CA  . THR A 1 104 ? 8.138   2.651   -14.224 1.000 40.835 0 101 THR AAA CA  1 ? 
ATOM   750  C C   . THR A 1 104 ? 6.781   2.398   -13.577 1.000 36.903 0 101 THR AAA C   1 ? 
ATOM   751  O O   . THR A 1 104 ? 5.772   2.438   -14.294 1.000 35.228 0 101 THR AAA O   1 ? 
ATOM   752  C CB  . THR A 1 104 ? 8.630   1.455   -15.065 1.000 45.701 0 101 THR AAA CB  1 ? 
ATOM   753  O OG1 . THR A 1 104 ? 8.699   0.266   -14.277 1.000 47.155 0 101 THR AAA OG1 1 ? 
ATOM   754  C CG2 . THR A 1 104 ? 10.001  1.709   -15.655 1.000 52.809 0 101 THR AAA CG2 1 ? 
ATOM   755  N N   . PHE A 1 105 ? 6.765   1.998   -12.302 1.000 33.856 0 102 PHE AAA N   1 ? 
ATOM   756  C CA  . PHE A 1 105 ? 5.489   1.665   -11.637 1.000 31.490 0 102 PHE AAA CA  1 ? 
ATOM   757  C C   . PHE A 1 105 ? 5.573   1.914   -10.129 1.000 29.622 0 102 PHE AAA C   1 ? 
ATOM   758  O O   . PHE A 1 105 ? 6.654   2.048   -9.543  1.000 25.844 0 102 PHE AAA O   1 ? 
ATOM   759  C CB  . PHE A 1 105 ? 5.051   0.236   -11.922 1.000 28.571 0 102 PHE AAA CB  1 ? 
ATOM   760  C CG  . PHE A 1 105 ? 5.885   -0.824  -11.268 1.000 35.214 0 102 PHE AAA CG  1 ? 
ATOM   761  C CD1 . PHE A 1 105 ? 5.788   -1.074  -9.897  1.000 35.392 0 102 PHE AAA CD1 1 ? 
ATOM   762  C CD2 . PHE A 1 105 ? 6.813   -1.528  -12.013 1.000 39.203 0 102 PHE AAA CD2 1 ? 
ATOM   763  C CE1 . PHE A 1 105 ? 6.578   -2.055  -9.311  1.000 36.963 0 102 PHE AAA CE1 1 ? 
ATOM   764  C CE2 . PHE A 1 105 ? 7.602   -2.499  -11.423 1.000 37.930 0 102 PHE AAA CE2 1 ? 
ATOM   765  C CZ  . PHE A 1 105 ? 7.465   -2.778  -10.083 1.000 36.856 0 102 PHE AAA CZ  1 ? 
ATOM   766  N N   . VAL A 1 106 ? 4.393   1.986   -9.540  1.000 26.720 0 103 VAL AAA N   1 ? 
ATOM   767  C CA  . VAL A 1 106 ? 4.263   2.106   -8.065  1.000 21.319 0 103 VAL AAA CA  1 ? 
ATOM   768  C C   . VAL A 1 106 ? 3.224   1.086   -7.676  1.000 22.811 0 103 VAL AAA C   1 ? 
ATOM   769  O O   . VAL A 1 106 ? 2.213   0.916   -8.413  1.000 23.287 0 103 VAL AAA O   1 ? 
ATOM   770  C CB  . VAL A 1 106 ? 3.815   3.510   -7.640  1.000 25.498 0 103 VAL AAA CB  1 ? 
ATOM   771  C CG1 . VAL A 1 106 ? 3.635   3.553   -6.127  1.000 24.348 0 103 VAL AAA CG1 1 ? 
ATOM   772  C CG2 . VAL A 1 106 ? 4.752   4.556   -8.143  1.000 26.149 0 103 VAL AAA CG2 1 ? 
ATOM   773  N N   . LYS A 1 107 ? 3.454   0.395   -6.570  1.000 22.346 0 104 LYS AAA N   1 ? 
ATOM   774  C CA  . LYS A 1 107 ? 2.485   -0.609  -6.120  1.000 20.774 0 104 LYS AAA CA  1 ? 
ATOM   775  C C   . LYS A 1 107 ? 2.322   -0.555  -4.601  1.000 18.459 0 104 LYS AAA C   1 ? 
ATOM   776  O O   . LYS A 1 107 ? 3.160   -0.042  -3.926  1.000 20.174 0 104 LYS AAA O   1 ? 
ATOM   777  C CB  . LYS A 1 107 ? 2.879   -2.003  -6.598  1.000 25.945 0 104 LYS AAA CB  1 ? 
ATOM   778  C CG  . LYS A 1 107 ? 4.269   -2.469  -6.240  1.000 32.744 0 104 LYS AAA CG  1 ? 
ATOM   779  C CD  . LYS A 1 107 ? 4.654   -3.753  -6.956  1.000 35.980 0 104 LYS AAA CD  1 ? 
ATOM   780  C CE  . LYS A 1 107 ? 6.031   -4.210  -6.500  1.000 37.419 0 104 LYS AAA CE  1 ? 
ATOM   781  N NZ  . LYS A 1 107 ? 6.216   -5.636  -6.844  1.000 40.047 0 104 LYS AAA NZ  1 ? 
ATOM   782  N N   . GLY A 1 108 ? 1.225   -1.092  -4.137  1.000 17.683 0 105 GLY AAA N   1 ? 
ATOM   783  C CA  . GLY A 1 108 ? 1.031   -1.302  -2.700  1.000 19.224 0 105 GLY AAA CA  1 ? 
ATOM   784  C C   . GLY A 1 108 ? 1.397   -2.720  -2.369  1.000 19.867 0 105 GLY AAA C   1 ? 
ATOM   785  O O   . GLY A 1 108 ? 1.137   -3.602  -3.173  1.000 19.865 0 105 GLY AAA O   1 ? 
ATOM   786  N N   . GLN A 1 109 ? 1.988   -2.928  -1.201  1.000 19.255 0 106 GLN AAA N   1 ? 
ATOM   787  C CA  . GLN A 1 109 ? 2.368   -4.256  -0.734  1.000 17.729 0 106 GLN AAA CA  1 ? 
ATOM   788  C C   . GLN A 1 109 ? 1.978   -4.388  0.733   1.000 17.952 0 106 GLN AAA C   1 ? 
ATOM   789  O O   . GLN A 1 109 ? 1.704   -3.357  1.366   1.000 18.898 0 106 GLN AAA O   1 ? 
ATOM   790  C CB  . GLN A 1 109 ? 3.870   -4.485  -0.895  1.000 20.714 0 106 GLN AAA CB  1 ? 
ATOM   791  C CG  . GLN A 1 109 ? 4.388   -4.327  -2.326  1.000 21.364 0 106 GLN AAA CG  1 ? 
ATOM   792  C CD  . GLN A 1 109 ? 5.794   -4.868  -2.459  1.000 25.672 0 106 GLN AAA CD  1 ? 
ATOM   793  O OE1 . GLN A 1 109 ? 6.070   -5.713  -3.305  1.000 34.039 0 106 GLN AAA OE1 1 ? 
ATOM   794  N NE2 . GLN A 1 109 ? 6.690   -4.359  -1.660  1.000 22.573 0 106 GLN AAA NE2 1 ? 
ATOM   795  N N   . TRP A 1 110 ? 1.955   -5.613  1.214   1.000 16.511 0 107 TRP AAA N   1 ? 
ATOM   796  C CA  . TRP A 1 110 ? 1.646   -5.952  2.605   1.000 15.208 0 107 TRP AAA CA  1 ? 
ATOM   797  C C   . TRP A 1 110 ? 2.423   -7.164  3.090   1.000 17.914 0 107 TRP AAA C   1 ? 
ATOM   798  O O   . TRP A 1 110 ? 2.838   -7.994  2.303   1.000 18.189 0 107 TRP AAA O   1 ? 
ATOM   799  C CB  . TRP A 1 110 ? 0.143   -6.073  2.844   1.000 16.061 0 107 TRP AAA CB  1 ? 
ATOM   800  C CG  . TRP A 1 110 ? -0.640  -7.108  2.106   1.000 17.084 0 107 TRP AAA CG  1 ? 
ATOM   801  C CD1 . TRP A 1 110 ? -0.220  -7.922  1.097   1.000 19.683 0 107 TRP AAA CD1 1 ? 
ATOM   802  C CD2 . TRP A 1 110 ? -2.059  -7.321  2.220   1.000 17.063 0 107 TRP AAA CD2 1 ? 
ATOM   803  N NE1 . TRP A 1 110 ? -1.260  -8.714  0.664   1.000 20.011 0 107 TRP AAA NE1 1 ? 
ATOM   804  C CE2 . TRP A 1 110 ? -2.411  -8.315  1.285   1.000 19.941 0 107 TRP AAA CE2 1 ? 
ATOM   805  C CE3 . TRP A 1 110 ? -3.071  -6.777  3.028   1.000 17.734 0 107 TRP AAA CE3 1 ? 
ATOM   806  C CZ2 . TRP A 1 110 ? -3.723  -8.789  1.170   1.000 20.579 0 107 TRP AAA CZ2 1 ? 
ATOM   807  C CZ3 . TRP A 1 110 ? -4.361  -7.235  2.915   1.000 19.217 0 107 TRP AAA CZ3 1 ? 
ATOM   808  C CH2 . TRP A 1 110 ? -4.673  -8.235  1.994   1.000 20.279 0 107 TRP AAA CH2 1 ? 
ATOM   809  N N   . LYS A 1 111 ? 2.498   -7.294  4.409   1.000 17.635 0 108 LYS AAA N   1 ? 
ATOM   810  C CA  . LYS A 1 111 ? 3.207   -8.388  5.056   1.000 17.302 0 108 LYS AAA CA  1 ? 
ATOM   811  C C   . LYS A 1 111 ? 2.535   -8.602  6.410   1.000 16.491 0 108 LYS AAA C   1 ? 
ATOM   812  O O   . LYS A 1 111 ? 2.110   -7.601  7.047   1.000 17.507 0 108 LYS AAA O   1 ? 
ATOM   813  C CB  . LYS A 1 111 ? 4.675   -7.942  5.151   1.000 22.959 0 108 LYS AAA CB  1 ? 
ATOM   814  C CG  . LYS A 1 111 ? 5.514   -8.548  6.236   1.000 27.417 0 108 LYS AAA CG  1 ? 
ATOM   815  C CD  . LYS A 1 111 ? 6.970   -8.102  6.159   1.000 27.507 0 108 LYS AAA CD  1 ? 
ATOM   816  C CE  . LYS A 1 111 ? 7.184   -6.716  6.660   1.000 32.382 0 108 LYS AAA CE  1 ? 
ATOM   817  N NZ  . LYS A 1 111 ? 8.588   -6.518  7.063   1.000 37.727 0 108 LYS AAA NZ  1 ? 
ATOM   818  N N   . SER A 1 112 ? 2.578   -9.826  6.898   1.000 16.005 0 109 SER AAA N   1 ? 
ATOM   819  C CA  . SER A 1 112 ? 1.962   -10.229 8.190   1.000 17.005 0 109 SER AAA CA  1 ? 
ATOM   820  C C   . SER A 1 112 ? 2.745   -9.608  9.345   1.000 19.204 0 109 SER AAA C   1 ? 
ATOM   821  O O   . SER A 1 112 ? 3.975   -9.620  9.305   1.000 21.054 0 109 SER AAA O   1 ? 
ATOM   822  C CB  . SER A 1 112 ? 1.910   -11.726 8.323   1.000 16.795 0 109 SER AAA CB  1 ? 
ATOM   823  O OG  . SER A 1 112 ? 1.133   -12.320 7.310   1.000 19.800 0 109 SER AAA OG  1 ? 
ATOM   824  N N   . VAL A 1 113 ? 2.064   -9.199  10.397  1.000 20.003 0 110 VAL AAA N   1 ? 
ATOM   825  C CA  . VAL A 1 113 ? 2.693   -9.011  11.720  1.000 18.718 0 110 VAL AAA CA  1 ? 
ATOM   826  C C   . VAL A 1 113 ? 2.458   -10.324 12.485  1.000 18.360 0 110 VAL AAA C   1 ? 
ATOM   827  O O   . VAL A 1 113 ? 1.271   -10.709 12.720  1.000 18.604 0 110 VAL AAA O   1 ? 
ATOM   828  C CB  . VAL A 1 113 ? 2.109   -7.808  12.470  1.000 16.606 0 110 VAL AAA CB  1 ? 
ATOM   829  C CG1 . VAL A 1 113 ? 2.788   -7.654  13.823  1.000 17.672 0 110 VAL AAA CG1 1 ? 
ATOM   830  C CG2 . VAL A 1 113 ? 2.261   -6.567  11.596  1.000 16.701 0 110 VAL AAA CG2 1 ? 
ATOM   831  N N   . ARG A 1 114 ? 3.520   -11.005 12.854  1.000 20.118 0 111 ARG AAA N   1 ? 
ATOM   832  C CA  . ARG A 1 114 ? 3.458   -12.205 13.733  1.000 19.244 0 111 ARG AAA CA  1 ? 
ATOM   833  C C   . ARG A 1 114 ? 2.457   -13.214 13.154  1.000 19.784 0 111 ARG AAA C   1 ? 
ATOM   834  O O   . ARG A 1 114 ? 1.630   -13.723 13.877  1.000 20.675 0 111 ARG AAA O   1 ? 
ATOM   835  C CB  . ARG A 1 114 ? 3.132   -11.779 15.155  1.000 21.814 0 111 ARG AAA CB  1 ? 
ATOM   836  C CG  . ARG A 1 114 ? 4.227   -10.963 15.811  1.000 21.442 0 111 ARG AAA CG  1 ? 
ATOM   837  C CD  . ARG A 1 114 ? 3.878   -10.521 17.208  1.000 20.755 0 111 ARG AAA CD  1 ? 
ATOM   838  N NE  . ARG A 1 114 ? 2.946   -9.411  17.222  1.000 20.865 0 111 ARG AAA NE  1 ? 
ATOM   839  C CZ  . ARG A 1 114 ? 3.262   -8.129  17.230  1.000 18.813 0 111 ARG AAA CZ  1 ? 
ATOM   840  N NH1 . ARG A 1 114 ? 4.514   -7.713  17.171  1.000 22.116 0 111 ARG AAA NH1 1 ? 
ATOM   841  N NH2 . ARG A 1 114 ? 2.297   -7.247  17.248  1.000 20.870 0 111 ARG AAA NH2 1 ? 
ATOM   842  N N   . GLY A 1 115 ? 2.583   -13.495 11.869  1.000 23.935 0 112 GLY AAA N   1 ? 
ATOM   843  C CA  . GLY A 1 115 ? 1.845   -14.581 11.201  1.000 25.389 0 112 GLY AAA CA  1 ? 
ATOM   844  C C   . GLY A 1 115 ? 0.378   -14.273 11.007  1.000 26.410 0 112 GLY AAA C   1 ? 
ATOM   845  O O   . GLY A 1 115 ? -0.400  -15.231 10.792  1.000 23.696 0 112 GLY AAA O   1 ? 
ATOM   846  N N   . SER A 1 116 ? -0.003  -12.990 11.048  1.000 19.894 0 113 SER AAA N   1 ? 
ATOM   847  C CA  . SER A 1 116 ? -1.412  -12.572 10.870  1.000 20.213 0 113 SER AAA CA  1 ? 
ATOM   848  C C   . SER A 1 116 ? -1.899  -12.886 9.447   1.000 19.052 0 113 SER AAA C   1 ? 
ATOM   849  O O   . SER A 1 116 ? -1.177  -12.594 8.453   1.000 22.250 0 113 SER AAA O   1 ? 
ATOM   850  C CB  . SER A 1 116 ? -1.574  -11.093 11.161  1.000 17.272 0 113 SER AAA CB  1 ? 
ATOM   851  O OG  . SER A 1 116 ? -1.387  -10.861 12.522  1.000 20.528 0 113 SER AAA OG  1 ? 
ATOM   852  N N   . ALA A 1 117 ? -3.139  -13.318 9.325   1.000 21.018 0 114 ALA AAA N   1 ? 
ATOM   853  C CA  . ALA A 1 117 ? -3.826  -13.385 8.004   1.000 18.722 0 114 ALA AAA CA  1 ? 
ATOM   854  C C   . ALA A 1 117 ? -4.348  -11.988 7.693   1.000 17.458 0 114 ALA AAA C   1 ? 
ATOM   855  O O   . ALA A 1 117 ? -4.817  -11.291 8.605   1.000 17.135 0 114 ALA AAA O   1 ? 
ATOM   856  C CB  . ALA A 1 117 ? -4.905  -14.420 8.003   1.000 21.254 0 114 ALA AAA CB  1 ? 
ATOM   857  N N   . MET A 1 118 ? -4.150  -11.557 6.475   1.000 16.938 0 115 MET AAA N   1 ? 
ATOM   858  C CA  . MET A 1 118 ? -4.381  -10.170 6.059   1.000 16.423 0 115 MET AAA CA  1 ? 
ATOM   859  C C   . MET A 1 118 ? -5.696  -10.052 5.307   1.000 17.387 0 115 MET AAA C   1 ? 
ATOM   860  O O   . MET A 1 118 ? -5.906  -10.801 4.333   1.000 20.009 0 115 MET AAA O   1 ? 
ATOM   861  C CB  . MET A 1 118 ? -3.188  -9.720  5.219   1.000 16.322 0 115 MET AAA CB  1 ? 
ATOM   862  C CG  . MET A 1 118 ? -1.894  -9.833  6.015   1.000 20.357 0 115 MET AAA CG  1 ? 
ATOM   863  S SD  . MET A 1 118 ? -0.474  -9.180  5.142   1.000 21.992 0 115 MET AAA SD  1 ? 
ATOM   864  C CE  . MET A 1 118 ? -0.264  -10.414 3.863   1.000 21.068 0 115 MET AAA CE  1 ? 
ATOM   865  N N   . HIS A 1 119 ? -6.575  -9.139  5.737   1.000 18.493 0 116 HIS AAA N   1 ? 
ATOM   866  C CA  . HIS A 1 119 ? -7.951  -9.052  5.176   1.000 18.398 0 116 HIS AAA CA  1 ? 
ATOM   867  C C   . HIS A 1 119 ? -8.291  -7.671  4.603   1.000 20.955 0 116 HIS AAA C   1 ? 
ATOM   868  O O   . HIS A 1 119 ? -8.227  -6.699  5.375   1.000 17.357 0 116 HIS AAA O   1 ? 
ATOM   869  C CB  . HIS A 1 119 ? -8.948  -9.401  6.262   1.000 19.700 0 116 HIS AAA CB  1 ? 
ATOM   870  C CG  . HIS A 1 119 ? -8.789  -10.755 6.883   1.000 19.172 0 116 HIS AAA CG  1 ? 
ATOM   871  N ND1 . HIS A 1 119 ? -9.602  -11.823 6.513   1.000 22.573 0 116 HIS AAA ND1 1 ? 
ATOM   872  C CD2 . HIS A 1 119 ? -8.009  -11.200 7.880   1.000 24.780 0 116 HIS AAA CD2 1 ? 
ATOM   873  C CE1 . HIS A 1 119 ? -9.268  -12.871 7.264   1.000 24.116 0 116 HIS AAA CE1 1 ? 
ATOM   874  N NE2 . HIS A 1 119 ? -8.305  -12.508 8.108   1.000 23.940 0 116 HIS AAA NE2 1 ? 
ATOM   875  N N   . ILE A 1 120 ? -8.596  -7.613  3.313   1.000 18.037 0 117 ILE AAA N   1 ? 
ATOM   876  C CA  . ILE A 1 120 ? -9.247  -6.472  2.616   1.000 17.023 0 117 ILE AAA CA  1 ? 
ATOM   877  C C   . ILE A 1 120 ? -10.558 -7.027  2.019   1.000 18.685 0 117 ILE AAA C   1 ? 
ATOM   878  O O   . ILE A 1 120 ? -10.491 -7.992  1.222   1.000 20.721 0 117 ILE AAA O   1 ? 
ATOM   879  C CB  . ILE A 1 120 ? -8.340  -5.815  1.564   1.000 16.926 0 117 ILE AAA CB  1 ? 
ATOM   880  C CG1 . ILE A 1 120 ? -7.130  -5.129  2.231   1.000 18.086 0 117 ILE AAA CG1 1 ? 
ATOM   881  C CG2 . ILE A 1 120 ? -9.139  -4.825  0.752   1.000 17.905 0 117 ILE AAA CG2 1 ? 
ATOM   882  C CD1 . ILE A 1 120 ? -6.122  -4.612  1.241   1.000 18.344 0 117 ILE AAA CD1 1 ? 
ATOM   883  N N   . ASP A 1 121 ? -11.700 -6.482  2.428   1.000 18.669 0 118 ASP AAA N   1 ? 
ATOM   884  C CA  . ASP A 1 121 ? -13.031 -6.940  1.945   1.000 19.626 0 118 ASP AAA CA  1 ? 
ATOM   885  C C   . ASP A 1 121 ? -13.858 -5.731  1.574   1.000 21.778 0 118 ASP AAA C   1 ? 
ATOM   886  O O   . ASP A 1 121 ? -15.096 -5.874  1.403   1.000 20.003 0 118 ASP AAA O   1 ? 
ATOM   887  C CB  . ASP A 1 121 ? -13.663 -7.862  2.993   1.000 22.376 0 118 ASP AAA CB  1 ? 
ATOM   888  C CG  . ASP A 1 121 ? -14.087 -7.140  4.254   1.000 24.328 0 118 ASP AAA CG  1 ? 
ATOM   889  O OD1 . ASP A 1 121 ? -13.862 -5.914  4.317   1.000 23.101 0 118 ASP AAA OD1 1 ? 
ATOM   890  O OD2 . ASP A 1 121 ? -14.669 -7.826  5.191   1.000 23.149 0 118 ASP AAA OD2 1 ? 
ATOM   891  N N   . SER A 1 122 ? -13.194 -4.587  1.372   1.000 16.653 0 119 SER AAA N   1 ? 
ATOM   892  C CA  . SER A 1 122 ? -13.859 -3.321  1.023   1.000 18.425 0 119 SER AAA CA  1 ? 
ATOM   893  C C   . SER A 1 122 ? -12.833 -2.428  0.321   1.000 18.096 0 119 SER AAA C   1 ? 
ATOM   894  O O   . SER A 1 122 ? -11.677 -2.776  0.197   1.000 16.908 0 119 SER AAA O   1 ? 
ATOM   895  C CB  . SER A 1 122 ? -14.533 -2.624  2.281   1.000 18.489 0 119 SER AAA CB  1 ? 
ATOM   896  O OG  . SER A 1 122 ? -13.562 -2.152  3.147   1.000 25.233 0 119 SER AAA OG  1 ? 
ATOM   897  N N   . TYR A 1 123 ? -13.318 -1.319  -0.212  1.000 18.173 0 120 TYR AAA N   1 ? 
ATOM   898  C CA  . TYR A 1 123 ? -12.530 -0.330  -0.970  1.000 15.808 0 120 TYR AAA CA  1 ? 
ATOM   899  C C   . TYR A 1 123 ? -11.142 -0.090  -0.354  1.000 17.450 0 120 TYR AAA C   1 ? 
ATOM   900  O O   . TYR A 1 123 ? -11.045 0.153   0.866   1.000 16.365 0 120 TYR AAA O   1 ? 
ATOM   901  C CB  . TYR A 1 123 ? -13.314 0.982   -0.988  1.000 17.971 0 120 TYR AAA CB  1 ? 
ATOM   902  C CG  . TYR A 1 123 ? -12.632 2.109   -1.713  1.000 17.923 0 120 TYR AAA CG  1 ? 
ATOM   903  C CD1 . TYR A 1 123 ? -12.784 2.276   -3.084  1.000 19.863 0 120 TYR AAA CD1 1 ? 
ATOM   904  C CD2 . TYR A 1 123 ? -11.819 2.995   -1.032  1.000 17.434 0 120 TYR AAA CD2 1 ? 
ATOM   905  C CE1 . TYR A 1 123 ? -12.136 3.297   -3.767  1.000 19.294 0 120 TYR AAA CE1 1 ? 
ATOM   906  C CE2 . TYR A 1 123 ? -11.194 4.025   -1.700  1.000 19.700 0 120 TYR AAA CE2 1 ? 
ATOM   907  C CZ  . TYR A 1 123 ? -11.378 4.212   -3.047  1.000 18.592 0 120 TYR AAA CZ  1 ? 
ATOM   908  O OH  . TYR A 1 123 ? -10.718 5.241   -3.639  1.000 18.980 0 120 TYR AAA OH  1 ? 
ATOM   909  N N   . ALA A 1 124 ? -10.104 -0.093  -1.194  1.000 15.574 0 121 ALA AAA N   1 ? 
ATOM   910  C CA  . ALA A 1 124 ? -8.719  0.315   -0.863  1.000 15.955 0 121 ALA AAA CA  1 ? 
ATOM   911  C C   . ALA A 1 124 ? -8.177  1.026   -2.108  1.000 16.348 0 121 ALA AAA C   1 ? 
ATOM   912  O O   . ALA A 1 124 ? -8.671  0.681   -3.200  1.000 14.651 0 121 ALA AAA O   1 ? 
ATOM   913  C CB  . ALA A 1 124 ? -7.878  -0.832  -0.419  1.000 19.026 0 121 ALA AAA CB  1 ? 
ATOM   914  N N   . SER A 1 125 ? -7.314  2.001   -1.963  1.000 13.999 0 122 SER AAA N   1 ? 
ATOM   915  C CA  . SER A 1 125 ? -6.856  2.775   -3.138  1.000 15.512 0 122 SER AAA CA  1 ? 
ATOM   916  C C   . SER A 1 125 ? -5.346  3.022   -3.110  1.000 16.583 0 122 SER AAA C   1 ? 
ATOM   917  O O   . SER A 1 125 ? -4.736  3.140   -2.057  1.000 16.403 0 122 SER AAA O   1 ? 
ATOM   918  C CB  . SER A 1 125 ? -7.616  4.058   -3.260  1.000 16.404 0 122 SER AAA CB  1 ? 
ATOM   919  O OG  . SER A 1 125 ? -7.404  4.898   -2.173  1.000 17.985 0 122 SER AAA OG  1 ? 
ATOM   920  N N   . LEU A 1 126 ? -4.805  3.278   -4.301  1.000 16.546 0 123 LEU AAA N   1 ? 
ATOM   921  C CA  . LEU A 1 126 ? -3.415  3.751   -4.452  1.000 16.521 0 123 LEU AAA CA  1 ? 
ATOM   922  C C   . LEU A 1 126 ? -3.519  4.886   -5.458  1.000 17.566 0 123 LEU AAA C   1 ? 
ATOM   923  O O   . LEU A 1 126 ? -4.107  4.653   -6.514  1.000 17.022 0 123 LEU AAA O   1 ? 
ATOM   924  C CB  . LEU A 1 126 ? -2.493  2.654   -4.965  1.000 17.215 0 123 LEU AAA CB  1 ? 
ATOM   925  C CG  . LEU A 1 126 ? -1.033  3.025   -5.169  1.000 18.203 0 123 LEU AAA CG  1 ? 
ATOM   926  C CD1 . LEU A 1 126 ? -0.339  3.291   -3.843  1.000 18.262 0 123 LEU AAA CD1 1 ? 
ATOM   927  C CD2 . LEU A 1 126 ? -0.336  1.870   -5.903  1.000 20.501 0 123 LEU AAA CD2 1 ? 
ATOM   928  N N   . SER A 1 127 ? -3.085  6.046   -5.067  1.000 17.114 0 124 SER AAA N   1 ? 
ATOM   929  C CA  . SER A 1 127 ? -3.241  7.312   -5.823  1.000 21.884 0 124 SER AAA CA  1 ? 
ATOM   930  C C   . SER A 1 127 ? -1.901  8.006   -5.919  1.000 20.465 0 124 SER AAA C   1 ? 
ATOM   931  O O   . SER A 1 127 ? -1.059  7.878   -5.048  1.000 18.430 0 124 SER AAA O   1 ? 
ATOM   932  C CB  . SER A 1 127 ? -4.253  8.224   -5.148  1.000 24.560 0 124 SER AAA CB  1 ? 
ATOM   933  O OG  . SER A 1 127 ? -5.366  7.483   -4.676  1.000 26.840 0 124 SER AAA OG  1 ? 
ATOM   934  N N   . ALA A 1 128 ? -1.744  8.812   -6.966  1.000 22.236 0 125 ALA AAA N   1 ? 
ATOM   935  C CA  . ALA A 1 128 ? -0.512  9.582   -7.105  1.000 21.775 0 125 ALA AAA CA  1 ? 
ATOM   936  C C   . ALA A 1 128 ? -0.751  10.891  -7.820  1.000 23.968 0 125 ALA AAA C   1 ? 
ATOM   937  O O   . ALA A 1 128 ? -1.506  10.893  -8.772  1.000 24.569 0 125 ALA AAA O   1 ? 
ATOM   938  C CB  . ALA A 1 128 ? 0.491   8.733   -7.831  1.000 24.759 0 125 ALA AAA CB  1 ? 
ATOM   939  N N   . ILE A 1 129 ? -0.100  11.953  -7.331  1.000 26.327 0 126 ILE AAA N   1 ? 
ATOM   940  C CA  . ILE A 1 129 ? -0.149  13.298  -7.931  1.000 28.095 0 126 ILE AAA CA  1 ? 
ATOM   941  C C   . ILE A 1 129 ? 1.260   13.663  -8.381  1.000 30.004 0 126 ILE AAA C   1 ? 
ATOM   942  O O   . ILE A 1 129 ? 2.183   13.568  -7.553  1.000 27.865 0 126 ILE AAA O   1 ? 
ATOM   943  C CB  . ILE A 1 129 ? -0.728  14.299  -6.923  1.000 28.151 0 126 ILE AAA CB  1 ? 
ATOM   944  C CG1 . ILE A 1 129 ? -2.163  13.907  -6.557  1.000 29.082 0 126 ILE AAA CG1 1 ? 
ATOM   945  C CG2 . ILE A 1 129 ? -0.650  15.704  -7.499  1.000 28.186 0 126 ILE AAA CG2 1 ? 
ATOM   946  C CD1 . ILE A 1 129 ? -2.896  14.900  -5.753  1.000 32.477 0 126 ILE AAA CD1 1 ? 
ATOM   947  N N   . TRP A 1 130 ? 1.390   14.110  -9.638  1.000 35.901 0 127 TRP AAA N   1 ? 
ATOM   948  C CA  . TRP A 1 130 ? 2.689   14.463  -10.267 1.000 35.794 0 127 TRP AAA CA  1 ? 
ATOM   949  C C   . TRP A 1 130 ? 3.024   15.926  -9.972  1.000 32.337 0 127 TRP AAA C   1 ? 
ATOM   950  O O   . TRP A 1 130 ? 2.143   16.766  -10.023 1.000 37.331 0 127 TRP AAA O   1 ? 
ATOM   951  C CB  . TRP A 1 130 ? 2.688   14.161  -11.776 1.000 45.552 0 127 TRP AAA CB  1 ? 
ATOM   952  C CG  . TRP A 1 130 ? 4.038   14.426  -12.365 1.000 56.003 0 127 TRP AAA CG  1 ? 
ATOM   953  C CD1 . TRP A 1 130 ? 5.139   13.626  -12.295 1.000 62.712 0 127 TRP AAA CD1 1 ? 
ATOM   954  C CD2 . TRP A 1 130 ? 4.468   15.631  -13.021 1.000 69.607 0 127 TRP AAA CD2 1 ? 
ATOM   955  N NE1 . TRP A 1 130 ? 6.216   14.232  -12.886 1.000 58.887 0 127 TRP AAA NE1 1 ? 
ATOM   956  C CE2 . TRP A 1 130 ? 5.839   15.468  -13.326 1.000 67.023 0 127 TRP AAA CE2 1 ? 
ATOM   957  C CE3 . TRP A 1 130 ? 3.825   16.816  -13.399 1.000 72.832 0 127 TRP AAA CE3 1 ? 
ATOM   958  C CZ2 . TRP A 1 130 ? 6.578   16.453  -13.976 1.000 67.222 0 127 TRP AAA CZ2 1 ? 
ATOM   959  C CZ3 . TRP A 1 130 ? 4.554   17.785  -14.053 1.000 75.307 0 127 TRP AAA CZ3 1 ? 
ATOM   960  C CH2 . TRP A 1 130 ? 5.912   17.602  -14.330 1.000 68.721 0 127 TRP AAA CH2 1 ? 
ATOM   961  N N   . GLY A 1 131 ? 4.253   16.202  -9.561  1.000 34.294 0 128 GLY AAA N   1 ? 
ATOM   962  C CA  . GLY A 1 131 ? 4.802   17.549  -9.410  1.000 35.084 0 128 GLY AAA CA  1 ? 
ATOM   963  C C   . GLY A 1 131 ? 6.265   17.600  -9.810  1.000 37.508 0 128 GLY AAA C   1 ? 
ATOM   964  O O   . GLY A 1 131 ? 6.773   16.623  -10.349 1.000 39.564 0 128 GLY AAA O   1 ? 
ATOM   965  N N   . THR A 1 132 ? 6.897   18.739  -9.579  1.000 38.812 0 129 THR AAA N   1 ? 
ATOM   966  C CA  . THR A 1 132 ? 8.316   18.990  -9.908  1.000 43.748 0 129 THR AAA CA  1 ? 
ATOM   967  C C   . THR A 1 132 ? 9.057   19.115  -8.570  1.000 46.245 0 129 THR AAA C   1 ? 
ATOM   968  O O   . THR A 1 132 ? 8.398   19.287  -7.529  1.000 50.414 0 129 THR AAA O   1 ? 
ATOM   969  C CB  . THR A 1 132 ? 8.448   20.251  -10.783 1.000 40.177 0 129 THR AAA CB  1 ? 
ATOM   970  O OG1 . THR A 1 132 ? 8.153   21.384  -9.968  1.000 45.778 0 129 THR AAA OG1 1 ? 
ATOM   971  C CG2 . THR A 1 132 ? 7.526   20.261  -11.977 1.000 47.013 0 129 THR AAA CG2 1 ? 
ATOM   972  N N   . ALA A 1 133 ? 10.385  19.117  -8.575  1.000 50.087 0 130 ALA AAA N   1 ? 
ATOM   973  C CA  . ALA A 1 133 ? 11.185  19.604  -7.425  1.000 56.377 0 130 ALA AAA CA  1 ? 
ATOM   974  C C   . ALA A 1 133 ? 10.927  21.113  -7.263  1.000 59.646 0 130 ALA AAA C   1 ? 
ATOM   975  O O   . ALA A 1 133 ? 10.384  21.743  -8.212  1.000 68.995 0 130 ALA AAA O   1 ? 
ATOM   976  C CB  . ALA A 1 133 ? 12.646  19.266  -7.619  1.000 55.339 0 130 ALA AAA CB  1 ? 
ATOM   977  N N   . ALA A 1 134 ? 11.229  21.680  -6.097  0.500 55.020 0 131 ALA AAA N   1 ? 
ATOM   978  C CA  . ALA A 1 134 ? 10.994  23.113  -5.820  0.500 54.036 0 131 ALA AAA CA  1 ? 
ATOM   979  C C   . ALA A 1 134 ? 11.891  23.950  -6.734  0.500 54.072 0 131 ALA AAA C   1 ? 
ATOM   980  O O   . ALA A 1 134 ? 11.558  25.054  -7.115  0.500 58.715 0 131 ALA AAA O   1 ? 
ATOM   981  C CB  . ALA A 1 134 ? 11.248  23.420  -4.375  0.500 54.955 0 131 ALA AAA CB  1 ? 
ATOM   982  O OXT . ALA A 1 134 ? 12.968  23.528  -7.101  0.500 53.945 0 131 ALA AAA OXT 1 ? 
HETATM 983  C C1  . GAL B 2 .   ? 2.456   -8.640  26.978  0.900 68.830 0 1   GAL AaA C1  1 ? 
HETATM 984  C C2  . GAL B 2 .   ? 3.877   -8.060  26.949  0.900 64.218 0 1   GAL AaA C2  1 ? 
HETATM 985  C C3  . GAL B 2 .   ? 4.382   -8.413  25.533  0.900 60.315 0 1   GAL AaA C3  1 ? 
HETATM 986  C C4  . GAL B 2 .   ? 4.323   -9.932  25.275  0.900 63.665 0 1   GAL AaA C4  1 ? 
HETATM 987  C C5  . GAL B 2 .   ? 3.045   -10.588 25.843  0.900 68.081 0 1   GAL AaA C5  1 ? 
HETATM 988  C C6  . GAL B 2 .   ? 3.119   -12.105 25.871  0.900 69.382 0 1   GAL AaA C6  1 ? 
HETATM 989  O O1  . GAL B 2 .   ? 1.575   -8.078  27.972  0.900 64.428 0 1   GAL AaA O1  1 ? 
HETATM 990  O O2  . GAL B 2 .   ? 3.938   -6.643  27.271  0.900 66.136 0 1   GAL AaA O2  1 ? 
HETATM 991  O O3  . GAL B 2 .   ? 5.733   -7.964  25.310  0.900 52.827 0 1   GAL AaA O3  1 ? 
HETATM 992  O O4  . GAL B 2 .   ? 5.472   -10.590 25.811  0.900 61.827 0 1   GAL AaA O4  1 ? 
HETATM 993  O O5  . GAL B 2 .   ? 2.650   -10.076 27.123  0.900 71.417 0 1   GAL AaA O5  1 ? 
HETATM 994  O O6  . GAL B 2 .   ? 3.295   -12.529 24.514  0.900 71.724 0 1   GAL AaA O6  1 ? 
HETATM 995  C C1  . NAG B 2 .   ? 5.867   -7.097  24.152  1.000 51.066 0 2   NAG AaA C1  1 ? 
HETATM 996  C C2  . NAG B 2 .   ? 7.226   -6.425  24.278  1.000 45.702 0 2   NAG AaA C2  1 ? 
HETATM 997  C C3  . NAG B 2 .   ? 7.459   -5.535  23.057  1.000 40.861 0 2   NAG AaA C3  1 ? 
HETATM 998  C C4  . NAG B 2 .   ? 7.250   -6.338  21.761  1.000 36.557 0 2   NAG AaA C4  1 ? 
HETATM 999  C C5  . NAG B 2 .   ? 5.870   -6.929  21.754  1.000 41.932 0 2   NAG AaA C5  1 ? 
HETATM 1000 C C6  . NAG B 2 .   ? 5.595   -7.770  20.512  1.000 38.390 0 2   NAG AaA C6  1 ? 
HETATM 1001 C C7  . NAG B 2 .   ? 8.261   -6.336  26.503  1.000 46.360 0 2   NAG AaA C7  1 ? 
HETATM 1002 C C8  . NAG B 2 .   ? 8.810   -5.482  27.596  1.000 55.544 0 2   NAG AaA C8  1 ? 
HETATM 1003 N N2  . NAG B 2 .   ? 7.475   -5.763  25.559  1.000 48.178 0 2   NAG AaA N2  1 ? 
HETATM 1004 O O3  . NAG B 2 .   ? 8.832   -5.137  23.034  1.000 40.733 0 2   NAG AaA O3  1 ? 
HETATM 1005 O O4  . NAG B 2 .   ? 7.418   -5.458  20.677  1.000 29.037 0 2   NAG AaA O4  1 ? 
HETATM 1006 O O5  . NAG B 2 .   ? 5.803   -7.815  22.882  1.000 46.875 0 2   NAG AaA O5  1 ? 
HETATM 1007 O O6  . NAG B 2 .   ? 4.333   -8.305  20.794  1.000 38.857 0 2   NAG AaA O6  1 ? 
HETATM 1008 O O7  . NAG B 2 .   ? 8.622   -7.489  26.474  1.000 49.913 0 2   NAG AaA O7  1 ? 
HETATM 1009 C C1  . GAL B 2 .   ? 8.073   -5.943  19.536  1.000 31.898 0 3   GAL AaA C1  1 ? 
HETATM 1010 C C2  . GAL B 2 .   ? 7.698   -4.950  18.403  1.000 25.344 0 3   GAL AaA C2  1 ? 
HETATM 1011 C C3  . GAL B 2 .   ? 8.384   -5.448  17.148  1.000 27.549 0 3   GAL AaA C3  1 ? 
HETATM 1012 C C4  . GAL B 2 .   ? 9.935   -5.533  17.343  1.000 34.706 0 3   GAL AaA C4  1 ? 
HETATM 1013 C C5  . GAL B 2 .   ? 10.196  -6.311  18.599  1.000 34.663 0 3   GAL AaA C5  1 ? 
HETATM 1014 C C6  . GAL B 2 .   ? 11.692  -6.468  18.956  1.000 35.584 0 3   GAL AaA C6  1 ? 
HETATM 1015 O O2  . GAL B 2 .   ? 6.251   -4.908  18.317  1.000 23.899 0 3   GAL AaA O2  1 ? 
HETATM 1016 O O3  . GAL B 2 .   ? 8.182   -4.576  16.071  1.000 27.068 0 3   GAL AaA O3  1 ? 
HETATM 1017 O O4  . GAL B 2 .   ? 10.649  -4.284  17.254  1.000 34.662 0 3   GAL AaA O4  1 ? 
HETATM 1018 O O5  . GAL B 2 .   ? 9.477   -5.932  19.779  1.000 35.301 0 3   GAL AaA O5  1 ? 
HETATM 1019 O O6  . GAL B 2 .   ? 11.597  -7.513  19.929  1.000 41.579 0 3   GAL AaA O6  1 ? 
HETATM 1020 C C1  . FUC B 2 .   ? 5.634   -3.658  17.958  1.000 23.607 0 4   FUC AaA C1  1 ? 
HETATM 1021 C C2  . FUC B 2 .   ? 4.233   -3.870  17.414  1.000 21.020 0 4   FUC AaA C2  1 ? 
HETATM 1022 C C3  . FUC B 2 .   ? 3.374   -4.152  18.638  1.000 20.417 0 4   FUC AaA C3  1 ? 
HETATM 1023 C C4  . FUC B 2 .   ? 3.601   -2.948  19.632  1.000 21.800 0 4   FUC AaA C4  1 ? 
HETATM 1024 C C5  . FUC B 2 .   ? 5.104   -2.826  20.045  1.000 21.777 0 4   FUC AaA C5  1 ? 
HETATM 1025 C C6  . FUC B 2 .   ? 5.281   -1.604  20.957  1.000 23.337 0 4   FUC AaA C6  1 ? 
HETATM 1026 O O2  . FUC B 2 .   ? 4.168   -4.925  16.514  1.000 20.464 0 4   FUC AaA O2  1 ? 
HETATM 1027 O O3  . FUC B 2 .   ? 1.971   -4.406  18.354  1.000 23.248 0 4   FUC AaA O3  1 ? 
HETATM 1028 O O4  . FUC B 2 .   ? 3.085   -1.756  19.048  1.000 19.408 0 4   FUC AaA O4  1 ? 
HETATM 1029 O O5  . FUC B 2 .   ? 5.848   -2.670  18.888  1.000 21.390 0 4   FUC AaA O5  1 ? 
HETATM 1030 C C1  . FUC B 2 .   ? 9.208   -3.850  23.439  1.000 40.174 0 5   FUC AaA C1  1 ? 
HETATM 1031 C C2  . FUC B 2 .   ? 10.576  -3.871  24.066  1.000 50.142 0 5   FUC AaA C2  1 ? 
HETATM 1032 C C3  . FUC B 2 .   ? 11.571  -3.818  22.898  1.000 49.523 0 5   FUC AaA C3  1 ? 
HETATM 1033 C C4  . FUC B 2 .   ? 11.119  -2.802  21.866  1.000 44.330 0 5   FUC AaA C4  1 ? 
HETATM 1034 C C5  . FUC B 2 .   ? 9.610   -2.835  21.480  1.000 37.969 0 5   FUC AaA C5  1 ? 
HETATM 1035 C C6  . FUC B 2 .   ? 9.267   -1.650  20.605  1.000 35.051 0 5   FUC AaA C6  1 ? 
HETATM 1036 O O2  . FUC B 2 .   ? 10.816  -5.101  24.796  1.000 55.781 0 5   FUC AaA O2  1 ? 
HETATM 1037 O O3  . FUC B 2 .   ? 12.938  -3.500  23.254  1.000 58.508 0 5   FUC AaA O3  1 ? 
HETATM 1038 O O4  . FUC B 2 .   ? 11.493  -1.503  22.282  1.000 44.932 0 5   FUC AaA O4  1 ? 
HETATM 1039 O O5  . FUC B 2 .   ? 8.796   -2.804  22.657  1.000 40.006 0 5   FUC AaA O5  1 ? 
HETATM 1040 O O   . HOH C 3 .   ? -13.677 -7.545  25.134  0.500 26.977 0 201 HOH AAA O   1 ? 
HETATM 1041 O O   A HOH C 3 .   ? 17.153  2.534   -11.448 0.170 20.217 0 202 HOH AAA O   1 ? 
HETATM 1042 O O   B HOH C 3 .   ? 17.580  3.806   -13.244 0.170 29.433 0 202 HOH AAA O   1 ? 
HETATM 1043 O O   . HOH C 3 .   ? 15.423  -2.613  -4.178  0.330 8.645  0 203 HOH AAA O   1 ? 
HETATM 1044 O O   . HOH C 3 .   ? -13.080 0.237   2.716   1.000 19.869 0 204 HOH AAA O   1 ? 
HETATM 1045 O O   . HOH C 3 .   ? 3.858   -0.610  -18.978 1.000 50.220 0 205 HOH AAA O   1 ? 
HETATM 1046 O O   . HOH C 3 .   ? -7.750  7.553   -5.462  1.000 33.859 0 206 HOH AAA O   1 ? 
HETATM 1047 O O   . HOH C 3 .   ? 9.135   -8.341  -1.091  1.000 47.504 0 207 HOH AAA O   1 ? 
HETATM 1048 O O   . HOH C 3 .   ? -5.020  6.440   -2.351  1.000 20.442 0 208 HOH AAA O   1 ? 
HETATM 1049 O O   . HOH C 3 .   ? 12.658  12.793  -11.615 0.300 31.285 0 209 HOH AAA O   1 ? 
HETATM 1050 O O   . HOH C 3 .   ? -0.087  -17.784 11.155  1.000 39.403 0 210 HOH AAA O   1 ? 
HETATM 1051 O O   . HOH C 3 .   ? 10.168  2.820   5.186   1.000 45.877 0 211 HOH AAA O   1 ? 
HETATM 1052 O O   . HOH C 3 .   ? -17.014 -7.592  15.611  1.000 39.458 0 212 HOH AAA O   1 ? 
HETATM 1053 O O   . HOH C 3 .   ? -9.602  -12.473 17.710  1.000 42.297 0 213 HOH AAA O   1 ? 
HETATM 1054 O O   . HOH C 3 .   ? 5.281   -0.006  -16.327 1.000 47.912 0 214 HOH AAA O   1 ? 
HETATM 1055 O O   . HOH C 3 .   ? -7.669  -10.135 2.017   1.000 20.679 0 215 HOH AAA O   1 ? 
HETATM 1056 O O   . HOH C 3 .   ? 8.985   -5.705  -1.694  1.000 34.395 0 216 HOH AAA O   1 ? 
HETATM 1057 O O   . HOH C 3 .   ? 4.752   15.471  -1.751  1.000 38.407 0 217 HOH AAA O   1 ? 
HETATM 1058 O O   . HOH C 3 .   ? -7.328  -7.663  -5.393  1.000 34.717 0 218 HOH AAA O   1 ? 
HETATM 1059 O O   . HOH C 3 .   ? -2.792  14.567  -1.836  0.330 32.221 0 219 HOH AAA O   1 ? 
HETATM 1060 O O   . HOH C 3 .   ? -2.694  -16.693 21.689  1.000 41.659 0 220 HOH AAA O   1 ? 
HETATM 1061 O O   . HOH C 3 .   ? -13.951 -10.494 5.473   1.000 32.743 0 221 HOH AAA O   1 ? 
HETATM 1062 O O   . HOH C 3 .   ? -4.012  -0.869  18.697  1.000 24.826 0 222 HOH AAA O   1 ? 
HETATM 1063 O O   . HOH C 3 .   ? 0.166   -4.436  -6.292  1.000 25.123 0 223 HOH AAA O   1 ? 
HETATM 1064 O O   . HOH C 3 .   ? -10.287 -8.871  -5.653  1.000 51.927 0 224 HOH AAA O   1 ? 
HETATM 1065 O O   . HOH C 3 .   ? -6.664  5.790   7.128   1.000 29.419 0 225 HOH AAA O   1 ? 
HETATM 1066 O O   . HOH C 3 .   ? -1.640  -6.101  -9.079  1.000 32.633 0 226 HOH AAA O   1 ? 
HETATM 1067 O O   . HOH C 3 .   ? -15.545 -6.832  -1.392  1.000 19.297 0 227 HOH AAA O   1 ? 
HETATM 1068 O O   . HOH C 3 .   ? -13.603 -13.002 17.402  1.000 43.415 0 228 HOH AAA O   1 ? 
HETATM 1069 O O   . HOH C 3 .   ? -6.922  -2.053  -9.993  1.000 40.254 0 229 HOH AAA O   1 ? 
HETATM 1070 O O   . HOH C 3 .   ? -7.508  -12.813 16.014  1.000 38.970 0 230 HOH AAA O   1 ? 
HETATM 1071 O O   . HOH C 3 .   ? -10.893 -10.651 1.721   1.000 31.099 0 231 HOH AAA O   1 ? 
HETATM 1072 O O   . HOH C 3 .   ? 7.465   -11.700 -1.083  1.000 45.916 0 232 HOH AAA O   1 ? 
HETATM 1073 O O   A HOH C 3 .   ? -18.268 -8.515  25.571  0.500 13.762 0 233 HOH AAA O   1 ? 
HETATM 1074 O O   B HOH C 3 .   ? -19.136 -9.949  24.901  0.500 18.952 0 233 HOH AAA O   1 ? 
HETATM 1075 O O   . HOH C 3 .   ? 12.092  4.325   -6.128  1.000 33.717 0 234 HOH AAA O   1 ? 
HETATM 1076 O O   . HOH C 3 .   ? 9.865   -8.149  2.651   1.000 32.335 0 235 HOH AAA O   1 ? 
HETATM 1077 O O   . HOH C 3 .   ? 8.241   13.674  -16.619 1.000 54.127 0 236 HOH AAA O   1 ? 
HETATM 1078 O O   . HOH C 3 .   ? 0.440   -4.629  20.279  1.000 17.814 0 237 HOH AAA O   1 ? 
HETATM 1079 O O   . HOH C 3 .   ? 15.327  24.846  -7.723  1.000 46.851 0 238 HOH AAA O   1 ? 
HETATM 1080 O O   . HOH C 3 .   ? 4.520   -14.595 0.394   1.000 41.643 0 239 HOH AAA O   1 ? 
HETATM 1081 O O   . HOH C 3 .   ? -7.756  -5.164  21.456  1.000 37.762 0 240 HOH AAA O   1 ? 
HETATM 1082 O O   . HOH C 3 .   ? -14.471 -10.269 -3.758  1.000 15.894 0 241 HOH AAA O   1 ? 
HETATM 1083 O O   . HOH C 3 .   ? -1.967  1.919   -14.082 1.000 41.763 0 242 HOH AAA O   1 ? 
HETATM 1084 O O   . HOH C 3 .   ? -1.223  11.836  -3.686  1.000 27.265 0 243 HOH AAA O   1 ? 
HETATM 1085 O O   . HOH C 3 .   ? -11.475 -3.925  3.767   1.000 18.850 0 244 HOH AAA O   1 ? 
HETATM 1086 O O   . HOH C 3 .   ? -1.110  -10.590 -1.632  1.000 18.768 0 245 HOH AAA O   1 ? 
HETATM 1087 O O   . HOH C 3 .   ? 5.847   -15.913 3.655   1.000 35.642 0 246 HOH AAA O   1 ? 
HETATM 1088 O O   . HOH C 3 .   ? -9.097  -12.588 24.477  1.000 26.943 0 247 HOH AAA O   1 ? 
HETATM 1089 O O   . HOH C 3 .   ? 5.169   -9.617  -7.697  1.000 44.057 0 248 HOH AAA O   1 ? 
HETATM 1090 O O   . HOH C 3 .   ? -11.102 6.181   -6.277  1.000 33.560 0 249 HOH AAA O   1 ? 
HETATM 1091 O O   . HOH C 3 .   ? -11.713 -0.552  -8.991  1.000 46.619 0 250 HOH AAA O   1 ? 
HETATM 1092 O O   . HOH C 3 .   ? -16.203 -10.045 4.321   1.000 31.333 0 251 HOH AAA O   1 ? 
HETATM 1093 O O   . HOH C 3 .   ? -12.689 -0.094  -5.869  0.500 32.853 0 252 HOH AAA O   1 ? 
HETATM 1094 O O   . HOH C 3 .   ? -4.030  -0.813  -12.116 1.000 52.570 0 253 HOH AAA O   1 ? 
HETATM 1095 O O   . HOH C 3 .   ? 4.808   -12.805 10.219  1.000 29.304 0 254 HOH AAA O   1 ? 
HETATM 1096 O O   . HOH C 3 .   ? -9.003  -9.545  24.292  1.000 47.081 0 255 HOH AAA O   1 ? 
HETATM 1097 O O   . HOH C 3 .   ? 12.527  -3.246  -1.107  1.000 33.399 0 256 HOH AAA O   1 ? 
HETATM 1098 O O   . HOH C 3 .   ? -3.045  -16.322 11.072  1.000 43.486 0 257 HOH AAA O   1 ? 
HETATM 1099 O O   . HOH C 3 .   ? -0.454  16.616  -11.249 1.000 48.779 0 258 HOH AAA O   1 ? 
HETATM 1100 O O   . HOH C 3 .   ? -11.564 -11.474 4.432   1.000 28.549 0 259 HOH AAA O   1 ? 
HETATM 1101 O O   . HOH C 3 .   ? -6.163  4.537   12.332  0.330 42.792 0 260 HOH AAA O   1 ? 
HETATM 1102 O O   . HOH C 3 .   ? -9.918  -1.258  3.123   1.000 18.325 0 261 HOH AAA O   1 ? 
HETATM 1103 O O   . HOH C 3 .   ? 5.033   -9.318  -4.722  1.000 29.876 0 262 HOH AAA O   1 ? 
HETATM 1104 O O   . HOH C 3 .   ? -0.852  -15.532 14.523  1.000 39.603 0 263 HOH AAA O   1 ? 
HETATM 1105 O O   . HOH C 3 .   ? -8.541  0.512   -10.374 1.000 33.992 0 264 HOH AAA O   1 ? 
HETATM 1106 O O   . HOH C 3 .   ? 10.507  2.669   8.223   1.000 25.870 0 265 HOH AAA O   1 ? 
HETATM 1107 O O   . HOH C 3 .   ? -0.825  -12.604 15.452  1.000 25.442 0 266 HOH AAA O   1 ? 
HETATM 1108 O O   . HOH C 3 .   ? 6.103   -9.578  12.821  1.000 35.366 0 267 HOH AAA O   1 ? 
HETATM 1109 O O   A HOH C 3 .   ? -6.925  -3.937  20.122  0.500 24.082 0 268 HOH AAA O   1 ? 
HETATM 1110 O O   B HOH C 3 .   ? -6.672  -2.704  19.545  0.500 28.395 0 268 HOH AAA O   1 ? 
HETATM 1111 O O   . HOH C 3 .   ? -6.281  -16.811 -0.605  1.000 37.269 0 269 HOH AAA O   1 ? 
HETATM 1112 O O   . HOH C 3 .   ? -11.047 -5.778  -6.287  1.000 26.674 0 270 HOH AAA O   1 ? 
HETATM 1113 O O   . HOH C 3 .   ? -9.866  -14.866 0.438   1.000 27.785 0 271 HOH AAA O   1 ? 
HETATM 1114 O O   . HOH C 3 .   ? -10.082 -6.990  22.573  1.000 35.426 0 272 HOH AAA O   1 ? 
HETATM 1115 O O   . HOH C 3 .   ? 2.699   -17.698 3.002   1.000 41.106 0 273 HOH AAA O   1 ? 
HETATM 1116 O O   . HOH C 3 .   ? -5.588  -16.311 11.073  1.000 41.292 0 274 HOH AAA O   1 ? 
HETATM 1117 O O   . HOH C 3 .   ? 4.344   -10.869 21.462  1.000 44.794 0 275 HOH AAA O   1 ? 
HETATM 1118 O O   . HOH C 3 .   ? -4.577  5.829   -13.250 1.000 37.855 0 276 HOH AAA O   1 ? 
HETATM 1119 O O   . HOH C 3 .   ? -14.933 -11.822 14.162  1.000 49.461 0 277 HOH AAA O   1 ? 
HETATM 1120 O O   . HOH C 3 .   ? 13.961  7.268   -5.932  1.000 47.311 0 278 HOH AAA O   1 ? 
HETATM 1121 O O   . HOH C 3 .   ? -2.178  -18.257 4.477   0.500 26.041 0 279 HOH AAA O   1 ? 
HETATM 1122 O O   . HOH C 3 .   ? 1.283   19.355  -8.465  1.000 43.544 0 280 HOH AAA O   1 ? 
HETATM 1123 O O   . HOH C 3 .   ? 5.121   -4.052  14.214  1.000 35.580 0 281 HOH AAA O   1 ? 
HETATM 1124 O O   . HOH C 3 .   ? 2.729   -15.577 16.265  1.000 47.309 0 282 HOH AAA O   1 ? 
HETATM 1125 O O   . HOH C 3 .   ? 14.510  -2.191  -1.952  1.000 42.094 0 283 HOH AAA O   1 ? 
HETATM 1126 O O   A HOH C 3 .   ? 7.273   -8.653  15.201  0.100 0.500  0 284 HOH AAA O   1 ? 
HETATM 1127 O O   B HOH C 3 .   ? 7.056   -9.126  16.922  0.900 26.443 0 284 HOH AAA O   1 ? 
HETATM 1128 O O   . HOH C 3 .   ? -5.463  6.620   9.390   0.330 38.594 0 285 HOH AAA O   1 ? 
HETATM 1129 O O   . HOH C 3 .   ? 13.524  9.367   -3.975  1.000 43.184 0 286 HOH AAA O   1 ? 
HETATM 1130 O O   . HOH C 3 .   ? -16.743 -3.566  7.418   1.000 43.256 0 287 HOH AAA O   1 ? 
HETATM 1131 O O   . HOH C 3 .   ? -6.713  -17.491 16.497  1.000 53.351 0 288 HOH AAA O   1 ? 
HETATM 1132 O O   A HOH C 3 .   ? -12.442 -4.111  -7.925  0.500 38.594 0 289 HOH AAA O   1 ? 
HETATM 1133 O O   B HOH C 3 .   ? -13.088 -1.905  -7.805  0.500 32.013 0 289 HOH AAA O   1 ? 
HETATM 1134 O O   . HOH C 3 .   ? -4.123  -17.341 5.388   1.000 44.012 0 290 HOH AAA O   1 ? 
HETATM 1135 O O   . HOH C 3 .   ? -10.742 -15.047 18.865  1.000 46.796 0 291 HOH AAA O   1 ? 
HETATM 1136 O O   . HOH C 3 .   ? -8.908  -6.582  -7.760  1.000 43.801 0 292 HOH AAA O   1 ? 
HETATM 1137 O O   . HOH C 3 .   ? -7.496  -10.173 -6.318  1.000 43.344 0 293 HOH AAA O   1 ? 
HETATM 1138 O O   . HOH C 3 .   ? -8.562  -2.601  22.413  0.330 49.368 0 294 HOH AAA O   1 ? 
HETATM 1139 O O   . HOH C 3 .   ? -1.080  19.661  -9.030  0.330 40.595 0 295 HOH AAA O   1 ? 
HETATM 1140 O O   . HOH C 3 .   ? -4.465  -18.434 20.733  0.500 47.307 0 296 HOH AAA O   1 ? 
HETATM 1141 O O   . HOH C 3 .   ? 13.057  -9.654  5.766   0.330 47.300 0 297 HOH AAA O   1 ? 
# 
